data_3HT7
# 
_entry.id   3HT7 
# 
_audit_conform.dict_name       mmcif_pdbx.dic 
_audit_conform.dict_version    5.378 
_audit_conform.dict_location   http://mmcif.pdb.org/dictionaries/ascii/mmcif_pdbx.dic 
# 
loop_
_database_2.database_id 
_database_2.database_code 
_database_2.pdbx_database_accession 
_database_2.pdbx_DOI 
PDB   3HT7         pdb_00003ht7 10.2210/pdb3ht7/pdb 
RCSB  RCSB053553   ?            ?                   
WWPDB D_1000053553 ?            ?                   
# 
loop_
_pdbx_database_related.db_name 
_pdbx_database_related.db_id 
_pdbx_database_related.details 
_pdbx_database_related.content_type 
PDB 1LGU . unspecified 
PDB 3HT6 . unspecified 
PDB 3HT8 . unspecified 
PDB 3HT9 . unspecified 
PDB 3HTB . unspecified 
PDB 3HTD . unspecified 
PDB 3HTF . unspecified 
PDB 3HTG . unspecified 
PDB 3HU8 . unspecified 
PDB 3HU9 . unspecified 
PDB 3HUA . unspecified 
PDB 3HUK . unspecified 
# 
_pdbx_database_status.entry_id                        3HT7 
_pdbx_database_status.status_code                     REL 
_pdbx_database_status.deposit_site                    RCSB 
_pdbx_database_status.process_site                    RCSB 
_pdbx_database_status.recvd_initial_deposition_date   2009-06-11 
_pdbx_database_status.status_code_sf                  REL 
_pdbx_database_status.status_code_mr                  ? 
_pdbx_database_status.SG_entry                        ? 
_pdbx_database_status.pdb_format_compatible           Y 
_pdbx_database_status.status_code_cs                  ? 
_pdbx_database_status.methods_development_category    ? 
_pdbx_database_status.status_code_nmr_data            ? 
# 
loop_
_audit_author.name 
_audit_author.pdbx_ordinal 
'Boyce, S.E.'    1 
'Mobley, D.L.'   2 
'Rocklin, G.J.'  3 
'Graves, A.P.'   4 
'Dill, K.A.'     5 
'Shoichet, B.K.' 6 
# 
_citation.id                        primary 
_citation.title                     
'Predicting ligand binding affinity with alchemical free energy methods in a polar model binding site.' 
_citation.journal_abbrev            J.Mol.Biol. 
_citation.journal_volume            394 
_citation.page_first                747 
_citation.page_last                 763 
_citation.year                      2009 
_citation.journal_id_ASTM           JMOBAK 
_citation.country                   UK 
_citation.journal_id_ISSN           0022-2836 
_citation.journal_id_CSD            0070 
_citation.book_publisher            ? 
_citation.pdbx_database_id_PubMed   19782087 
_citation.pdbx_database_id_DOI      10.1016/j.jmb.2009.09.049 
# 
loop_
_citation_author.citation_id 
_citation_author.name 
_citation_author.ordinal 
_citation_author.identifier_ORCID 
primary 'Boyce, S.E.'    1 ? 
primary 'Mobley, D.L.'   2 ? 
primary 'Rocklin, G.J.'  3 ? 
primary 'Graves, A.P.'   4 ? 
primary 'Dill, K.A.'     5 ? 
primary 'Shoichet, B.K.' 6 ? 
# 
_cell.length_a           60.266 
_cell.length_b           60.266 
_cell.length_c           97.140 
_cell.angle_alpha        90.000 
_cell.angle_beta         90.000 
_cell.angle_gamma        120.000 
_cell.entry_id           3HT7 
_cell.pdbx_unique_axis   ? 
_cell.Z_PDB              6 
_cell.length_a_esd       ? 
_cell.length_b_esd       ? 
_cell.length_c_esd       ? 
_cell.angle_alpha_esd    ? 
_cell.angle_beta_esd     ? 
_cell.angle_gamma_esd    ? 
# 
_symmetry.space_group_name_H-M             'P 32 2 1' 
_symmetry.entry_id                         3HT7 
_symmetry.Int_Tables_number                154 
_symmetry.pdbx_full_space_group_name_H-M   ? 
_symmetry.cell_setting                     ? 
_symmetry.space_group_name_Hall            ? 
# 
loop_
_entity.id 
_entity.type 
_entity.src_method 
_entity.pdbx_description 
_entity.formula_weight 
_entity.pdbx_number_of_molecules 
_entity.pdbx_ec 
_entity.pdbx_mutation 
_entity.pdbx_fragment 
_entity.details 
1 polymer     man Lysozyme             18646.316 1   3.2.1.17 S38D,L99A,M102Q,N144D ? ? 
2 non-polymer syn 'PHOSPHATE ION'      94.971    2   ?        ?                     ? ? 
3 non-polymer syn 2-ethylphenol        122.164   1   ?        ?                     ? ? 
4 non-polymer syn BETA-MERCAPTOETHANOL 78.133    1   ?        ?                     ? ? 
5 water       nat water                18.015    222 ?        ?                     ? ? 
# 
_entity_name_com.entity_id   1 
_entity_name_com.name        'Lysis protein, Muramidase, Endolysin' 
# 
_entity_poly.entity_id                      1 
_entity_poly.type                           'polypeptide(L)' 
_entity_poly.nstd_linkage                   no 
_entity_poly.nstd_monomer                   no 
_entity_poly.pdbx_seq_one_letter_code       
;MNIFEMLRIDEGLRLKIYKDTEGYYTIGIGHLLTKSPDLNAAKSELDKAIGRNCNGVITKDEAEKLFNQDVDAAVRGILR
NAKLKPVYDSLDAVRRCAAINQVFQMGETGVAGFTNSLRMLQQKRWDEAAVNLAKSRWYNQTPDRAKRVITTFRTGTWDA
YKNL
;
_entity_poly.pdbx_seq_one_letter_code_can   
;MNIFEMLRIDEGLRLKIYKDTEGYYTIGIGHLLTKSPDLNAAKSELDKAIGRNCNGVITKDEAEKLFNQDVDAAVRGILR
NAKLKPVYDSLDAVRRCAAINQVFQMGETGVAGFTNSLRMLQQKRWDEAAVNLAKSRWYNQTPDRAKRVITTFRTGTWDA
YKNL
;
_entity_poly.pdbx_strand_id                 A 
_entity_poly.pdbx_target_identifier         ? 
# 
loop_
_entity_poly_seq.entity_id 
_entity_poly_seq.num 
_entity_poly_seq.mon_id 
_entity_poly_seq.hetero 
1 1   MET n 
1 2   ASN n 
1 3   ILE n 
1 4   PHE n 
1 5   GLU n 
1 6   MET n 
1 7   LEU n 
1 8   ARG n 
1 9   ILE n 
1 10  ASP n 
1 11  GLU n 
1 12  GLY n 
1 13  LEU n 
1 14  ARG n 
1 15  LEU n 
1 16  LYS n 
1 17  ILE n 
1 18  TYR n 
1 19  LYS n 
1 20  ASP n 
1 21  THR n 
1 22  GLU n 
1 23  GLY n 
1 24  TYR n 
1 25  TYR n 
1 26  THR n 
1 27  ILE n 
1 28  GLY n 
1 29  ILE n 
1 30  GLY n 
1 31  HIS n 
1 32  LEU n 
1 33  LEU n 
1 34  THR n 
1 35  LYS n 
1 36  SER n 
1 37  PRO n 
1 38  ASP n 
1 39  LEU n 
1 40  ASN n 
1 41  ALA n 
1 42  ALA n 
1 43  LYS n 
1 44  SER n 
1 45  GLU n 
1 46  LEU n 
1 47  ASP n 
1 48  LYS n 
1 49  ALA n 
1 50  ILE n 
1 51  GLY n 
1 52  ARG n 
1 53  ASN n 
1 54  CYS n 
1 55  ASN n 
1 56  GLY n 
1 57  VAL n 
1 58  ILE n 
1 59  THR n 
1 60  LYS n 
1 61  ASP n 
1 62  GLU n 
1 63  ALA n 
1 64  GLU n 
1 65  LYS n 
1 66  LEU n 
1 67  PHE n 
1 68  ASN n 
1 69  GLN n 
1 70  ASP n 
1 71  VAL n 
1 72  ASP n 
1 73  ALA n 
1 74  ALA n 
1 75  VAL n 
1 76  ARG n 
1 77  GLY n 
1 78  ILE n 
1 79  LEU n 
1 80  ARG n 
1 81  ASN n 
1 82  ALA n 
1 83  LYS n 
1 84  LEU n 
1 85  LYS n 
1 86  PRO n 
1 87  VAL n 
1 88  TYR n 
1 89  ASP n 
1 90  SER n 
1 91  LEU n 
1 92  ASP n 
1 93  ALA n 
1 94  VAL n 
1 95  ARG n 
1 96  ARG n 
1 97  CYS n 
1 98  ALA n 
1 99  ALA n 
1 100 ILE n 
1 101 ASN n 
1 102 GLN n 
1 103 VAL n 
1 104 PHE n 
1 105 GLN n 
1 106 MET n 
1 107 GLY n 
1 108 GLU n 
1 109 THR n 
1 110 GLY n 
1 111 VAL n 
1 112 ALA n 
1 113 GLY n 
1 114 PHE n 
1 115 THR n 
1 116 ASN n 
1 117 SER n 
1 118 LEU n 
1 119 ARG n 
1 120 MET n 
1 121 LEU n 
1 122 GLN n 
1 123 GLN n 
1 124 LYS n 
1 125 ARG n 
1 126 TRP n 
1 127 ASP n 
1 128 GLU n 
1 129 ALA n 
1 130 ALA n 
1 131 VAL n 
1 132 ASN n 
1 133 LEU n 
1 134 ALA n 
1 135 LYS n 
1 136 SER n 
1 137 ARG n 
1 138 TRP n 
1 139 TYR n 
1 140 ASN n 
1 141 GLN n 
1 142 THR n 
1 143 PRO n 
1 144 ASP n 
1 145 ARG n 
1 146 ALA n 
1 147 LYS n 
1 148 ARG n 
1 149 VAL n 
1 150 ILE n 
1 151 THR n 
1 152 THR n 
1 153 PHE n 
1 154 ARG n 
1 155 THR n 
1 156 GLY n 
1 157 THR n 
1 158 TRP n 
1 159 ASP n 
1 160 ALA n 
1 161 TYR n 
1 162 LYS n 
1 163 ASN n 
1 164 LEU n 
# 
_entity_src_gen.entity_id                          1 
_entity_src_gen.pdbx_src_id                        1 
_entity_src_gen.pdbx_alt_source_flag               sample 
_entity_src_gen.pdbx_seq_type                      ? 
_entity_src_gen.pdbx_beg_seq_num                   ? 
_entity_src_gen.pdbx_end_seq_num                   ? 
_entity_src_gen.gene_src_common_name               'Bacteriophage T4' 
_entity_src_gen.gene_src_genus                     ? 
_entity_src_gen.pdbx_gene_src_gene                 E 
_entity_src_gen.gene_src_species                   ? 
_entity_src_gen.gene_src_strain                    'Enterobacteria Phage T4 Sensu Lato' 
_entity_src_gen.gene_src_tissue                    ? 
_entity_src_gen.gene_src_tissue_fraction           ? 
_entity_src_gen.gene_src_details                   ? 
_entity_src_gen.pdbx_gene_src_fragment             ? 
_entity_src_gen.pdbx_gene_src_scientific_name      'Enterobacteria phage T4' 
_entity_src_gen.pdbx_gene_src_ncbi_taxonomy_id     10665 
_entity_src_gen.pdbx_gene_src_variant              ? 
_entity_src_gen.pdbx_gene_src_cell_line            ? 
_entity_src_gen.pdbx_gene_src_atcc                 ? 
_entity_src_gen.pdbx_gene_src_organ                ? 
_entity_src_gen.pdbx_gene_src_organelle            ? 
_entity_src_gen.pdbx_gene_src_cell                 ? 
_entity_src_gen.pdbx_gene_src_cellular_location    ? 
_entity_src_gen.host_org_common_name               ? 
_entity_src_gen.pdbx_host_org_scientific_name      'Escherichia coli' 
_entity_src_gen.pdbx_host_org_ncbi_taxonomy_id     562 
_entity_src_gen.host_org_genus                     ? 
_entity_src_gen.pdbx_host_org_gene                 ? 
_entity_src_gen.pdbx_host_org_organ                ? 
_entity_src_gen.host_org_species                   ? 
_entity_src_gen.pdbx_host_org_tissue               ? 
_entity_src_gen.pdbx_host_org_tissue_fraction      ? 
_entity_src_gen.pdbx_host_org_strain               ? 
_entity_src_gen.pdbx_host_org_variant              ? 
_entity_src_gen.pdbx_host_org_cell_line            ? 
_entity_src_gen.pdbx_host_org_atcc                 ? 
_entity_src_gen.pdbx_host_org_culture_collection   ? 
_entity_src_gen.pdbx_host_org_cell                 ? 
_entity_src_gen.pdbx_host_org_organelle            ? 
_entity_src_gen.pdbx_host_org_cellular_location    ? 
_entity_src_gen.pdbx_host_org_vector_type          plasmid 
_entity_src_gen.pdbx_host_org_vector               ? 
_entity_src_gen.host_org_details                   ? 
_entity_src_gen.expression_system_id               ? 
_entity_src_gen.plasmid_name                       M13 
_entity_src_gen.plasmid_details                    ? 
_entity_src_gen.pdbx_description                   ? 
# 
_struct_ref.id                         1 
_struct_ref.db_name                    UNP 
_struct_ref.db_code                    LYS_BPT4 
_struct_ref.pdbx_db_accession          P00720 
_struct_ref.entity_id                  1 
_struct_ref.pdbx_seq_one_letter_code   
;MNIFEMLRIDEGLRLKIYKDTEGYYTIGIGHLLTKSPSLNAAKSELDKAIGRNCNGVITKDEAEKLFNQDVDAAVRGILR
NAKLKPVYDSLDAVRRCALINMVFQMGETGVAGFTNSLRMLQQKRWDEAAVNLAKSRWYNQTPNRAKRVITTFRTGTWDA
YKNL
;
_struct_ref.pdbx_align_begin           1 
_struct_ref.pdbx_db_isoform            ? 
# 
_struct_ref_seq.align_id                      1 
_struct_ref_seq.ref_id                        1 
_struct_ref_seq.pdbx_PDB_id_code              3HT7 
_struct_ref_seq.pdbx_strand_id                A 
_struct_ref_seq.seq_align_beg                 1 
_struct_ref_seq.pdbx_seq_align_beg_ins_code   ? 
_struct_ref_seq.seq_align_end                 164 
_struct_ref_seq.pdbx_seq_align_end_ins_code   ? 
_struct_ref_seq.pdbx_db_accession             P00720 
_struct_ref_seq.db_align_beg                  1 
_struct_ref_seq.pdbx_db_align_beg_ins_code    ? 
_struct_ref_seq.db_align_end                  164 
_struct_ref_seq.pdbx_db_align_end_ins_code    ? 
_struct_ref_seq.pdbx_auth_seq_align_beg       1 
_struct_ref_seq.pdbx_auth_seq_align_end       164 
# 
loop_
_struct_ref_seq_dif.align_id 
_struct_ref_seq_dif.pdbx_pdb_id_code 
_struct_ref_seq_dif.mon_id 
_struct_ref_seq_dif.pdbx_pdb_strand_id 
_struct_ref_seq_dif.seq_num 
_struct_ref_seq_dif.pdbx_pdb_ins_code 
_struct_ref_seq_dif.pdbx_seq_db_name 
_struct_ref_seq_dif.pdbx_seq_db_accession_code 
_struct_ref_seq_dif.db_mon_id 
_struct_ref_seq_dif.pdbx_seq_db_seq_num 
_struct_ref_seq_dif.details 
_struct_ref_seq_dif.pdbx_auth_seq_num 
_struct_ref_seq_dif.pdbx_ordinal 
1 3HT7 ASP A 38  ? UNP P00720 SER 38  'engineered mutation' 38  1 
1 3HT7 ALA A 99  ? UNP P00720 LEU 99  'engineered mutation' 99  2 
1 3HT7 GLN A 102 ? UNP P00720 MET 102 'engineered mutation' 102 3 
1 3HT7 ASP A 144 ? UNP P00720 ASN 144 'engineered mutation' 144 4 
# 
loop_
_chem_comp.id 
_chem_comp.type 
_chem_comp.mon_nstd_flag 
_chem_comp.name 
_chem_comp.pdbx_synonyms 
_chem_comp.formula 
_chem_comp.formula_weight 
ALA 'L-peptide linking' y ALANINE              ? 'C3 H7 N O2'     89.093  
ARG 'L-peptide linking' y ARGININE             ? 'C6 H15 N4 O2 1' 175.209 
ASN 'L-peptide linking' y ASPARAGINE           ? 'C4 H8 N2 O3'    132.118 
ASP 'L-peptide linking' y 'ASPARTIC ACID'      ? 'C4 H7 N O4'     133.103 
BME non-polymer         . BETA-MERCAPTOETHANOL ? 'C2 H6 O S'      78.133  
CYS 'L-peptide linking' y CYSTEINE             ? 'C3 H7 N O2 S'   121.158 
GLN 'L-peptide linking' y GLUTAMINE            ? 'C5 H10 N2 O3'   146.144 
GLU 'L-peptide linking' y 'GLUTAMIC ACID'      ? 'C5 H9 N O4'     147.129 
GLY 'peptide linking'   y GLYCINE              ? 'C2 H5 N O2'     75.067  
HIS 'L-peptide linking' y HISTIDINE            ? 'C6 H10 N3 O2 1' 156.162 
HOH non-polymer         . WATER                ? 'H2 O'           18.015  
ILE 'L-peptide linking' y ISOLEUCINE           ? 'C6 H13 N O2'    131.173 
JZ1 non-polymer         . 2-ethylphenol        ? 'C8 H10 O'       122.164 
LEU 'L-peptide linking' y LEUCINE              ? 'C6 H13 N O2'    131.173 
LYS 'L-peptide linking' y LYSINE               ? 'C6 H15 N2 O2 1' 147.195 
MET 'L-peptide linking' y METHIONINE           ? 'C5 H11 N O2 S'  149.211 
PHE 'L-peptide linking' y PHENYLALANINE        ? 'C9 H11 N O2'    165.189 
PO4 non-polymer         . 'PHOSPHATE ION'      ? 'O4 P -3'        94.971  
PRO 'L-peptide linking' y PROLINE              ? 'C5 H9 N O2'     115.130 
SER 'L-peptide linking' y SERINE               ? 'C3 H7 N O3'     105.093 
THR 'L-peptide linking' y THREONINE            ? 'C4 H9 N O3'     119.119 
TRP 'L-peptide linking' y TRYPTOPHAN           ? 'C11 H12 N2 O2'  204.225 
TYR 'L-peptide linking' y TYROSINE             ? 'C9 H11 N O3'    181.189 
VAL 'L-peptide linking' y VALINE               ? 'C5 H11 N O2'    117.146 
# 
_exptl.crystals_number   1 
_exptl.entry_id          3HT7 
_exptl.method            'X-RAY DIFFRACTION' 
# 
_exptl_crystal.id                    1 
_exptl_crystal.density_Matthews      2.73 
_exptl_crystal.density_meas          ? 
_exptl_crystal.density_percent_sol   54.96 
_exptl_crystal.description           ? 
_exptl_crystal.F_000                 ? 
_exptl_crystal.preparation           ? 
# 
_exptl_crystal_grow.crystal_id      1 
_exptl_crystal_grow.method          'VAPOR DIFFUSION, HANGING DROP' 
_exptl_crystal_grow.pH              6.5 
_exptl_crystal_grow.temp            277 
_exptl_crystal_grow.pdbx_details    
;2.2M sodium-potassium phosphate, 0.05M beta-mercaptoethanol, 0.05M 2-hydroxyethyldisulfide, pH 6.5, vapor diffusion, hanging drop, temperature 277K
;
_exptl_crystal_grow.temp_details    ? 
_exptl_crystal_grow.pdbx_pH_range   ? 
# 
_diffrn.id                     1 
_diffrn.ambient_temp           296 
_diffrn.ambient_temp_details   ? 
_diffrn.crystal_id             1 
# 
_diffrn_detector.diffrn_id              1 
_diffrn_detector.detector               CCD 
_diffrn_detector.type                   'ADSC QUANTUM 315r' 
_diffrn_detector.pdbx_collection_date   2008-07-01 
_diffrn_detector.details                ? 
# 
_diffrn_radiation.diffrn_id                        1 
_diffrn_radiation.pdbx_diffrn_protocol             'SINGLE WAVELENGTH' 
_diffrn_radiation.monochromator                    ? 
_diffrn_radiation.wavelength_id                    1 
_diffrn_radiation.pdbx_monochromatic_or_laue_m_l   M 
_diffrn_radiation.pdbx_scattering_type             x-ray 
# 
_diffrn_radiation_wavelength.id           1 
_diffrn_radiation_wavelength.wavelength   1.11589 
_diffrn_radiation_wavelength.wt           1.0 
# 
_diffrn_source.diffrn_id                   1 
_diffrn_source.source                      SYNCHROTRON 
_diffrn_source.type                        'ALS BEAMLINE 8.3.1' 
_diffrn_source.pdbx_wavelength             ? 
_diffrn_source.pdbx_wavelength_list        1.11589 
_diffrn_source.pdbx_synchrotron_site       ALS 
_diffrn_source.pdbx_synchrotron_beamline   8.3.1 
# 
_reflns.entry_id                     3HT7 
_reflns.d_resolution_high            1.570 
_reflns.d_resolution_low             50.000 
_reflns.number_obs                   28608 
_reflns.pdbx_Rmerge_I_obs            0.075 
_reflns.pdbx_netI_over_sigmaI        39.574 
_reflns.pdbx_chi_squared             2.050 
_reflns.pdbx_redundancy              8.100 
_reflns.percent_possible_obs         97.900 
_reflns.observed_criterion_sigma_F   0 
_reflns.observed_criterion_sigma_I   0 
_reflns.number_all                   28608 
_reflns.pdbx_Rsym_value              ? 
_reflns.B_iso_Wilson_estimate        ? 
_reflns.R_free_details               ? 
_reflns.limit_h_max                  ? 
_reflns.limit_h_min                  ? 
_reflns.limit_k_max                  ? 
_reflns.limit_k_min                  ? 
_reflns.limit_l_max                  ? 
_reflns.limit_l_min                  ? 
_reflns.observed_criterion_F_max     ? 
_reflns.observed_criterion_F_min     ? 
_reflns.pdbx_scaling_rejects         ? 
_reflns.pdbx_diffrn_id               1 
_reflns.pdbx_ordinal                 1 
# 
_reflns_shell.d_res_high             1.57 
_reflns_shell.d_res_low              1.63 
_reflns_shell.number_measured_obs    ? 
_reflns_shell.number_measured_all    ? 
_reflns_shell.number_unique_obs      ? 
_reflns_shell.Rmerge_I_obs           0.637 
_reflns_shell.meanI_over_sigI_obs    0.0484 
_reflns_shell.pdbx_Rsym_value        ? 
_reflns_shell.pdbx_chi_squared       0.893 
_reflns_shell.pdbx_redundancy        4.00 
_reflns_shell.percent_possible_obs   ? 
_reflns_shell.number_unique_all      2288 
_reflns_shell.percent_possible_all   79.70 
_reflns_shell.pdbx_diffrn_id         ? 
_reflns_shell.pdbx_ordinal           1 
# 
_refine.entry_id                                 3HT7 
_refine.ls_d_res_high                            1.700 
_refine.ls_d_res_low                             50.00 
_refine.pdbx_ls_sigma_F                          0.00 
_refine.pdbx_data_cutoff_high_absF               ? 
_refine.pdbx_data_cutoff_low_absF                ? 
_refine.ls_percent_reflns_obs                    99.780 
_refine.ls_number_reflns_obs                     23032 
_refine.ls_number_reflns_all                     23032 
_refine.pdbx_ls_cross_valid_method               THROUGHOUT 
_refine.pdbx_R_Free_selection_details            RANDOM 
_refine.details                                  'HYDROGENS HAVE BEEN ADDED IN THE RIDING POSITIONS' 
_refine.ls_R_factor_all                          0.188 
_refine.ls_R_factor_obs                          0.188 
_refine.ls_R_factor_R_work                       0.186 
_refine.ls_wR_factor_R_work                      ? 
_refine.ls_R_factor_R_free                       0.222 
_refine.ls_wR_factor_R_free                      ? 
_refine.ls_percent_reflns_R_free                 5.100 
_refine.ls_number_reflns_R_free                  1172 
_refine.ls_R_factor_R_free_error                 ? 
_refine.B_iso_mean                               20.980 
_refine.solvent_model_param_bsol                 ? 
_refine.solvent_model_param_ksol                 ? 
_refine.pdbx_isotropic_thermal_model             ? 
_refine.aniso_B[1][1]                            0.470 
_refine.aniso_B[2][2]                            0.470 
_refine.aniso_B[3][3]                            -0.700 
_refine.aniso_B[1][2]                            0.230 
_refine.aniso_B[1][3]                            0.000 
_refine.aniso_B[2][3]                            0.000 
_refine.correlation_coeff_Fo_to_Fc               0.958 
_refine.correlation_coeff_Fo_to_Fc_free          0.935 
_refine.overall_SU_R_Cruickshank_DPI             ? 
_refine.overall_SU_R_free                        ? 
_refine.pdbx_overall_ESU_R                       0.102 
_refine.pdbx_overall_ESU_R_Free                  0.103 
_refine.overall_SU_ML                            0.066 
_refine.overall_SU_B                             1.946 
_refine.solvent_model_details                    MASK 
_refine.pdbx_solvent_vdw_probe_radii             1.200 
_refine.pdbx_solvent_ion_probe_radii             0.800 
_refine.pdbx_solvent_shrinkage_radii             0.800 
_refine.ls_number_parameters                     ? 
_refine.ls_number_restraints                     ? 
_refine.pdbx_starting_model                      'PDB Entry 1LGU' 
_refine.pdbx_method_to_determine_struct          REFMAC 
_refine.pdbx_stereochemistry_target_values       'MAXIMUM LIKELIHOOD' 
_refine.pdbx_stereochem_target_val_spec_case     ? 
_refine.overall_FOM_work_R_set                   ? 
_refine.B_iso_max                                57.14 
_refine.B_iso_min                                13.08 
_refine.occupancy_max                            1.00 
_refine.occupancy_min                            0.50 
_refine.pdbx_ls_sigma_I                          ? 
_refine.ls_redundancy_reflns_obs                 ? 
_refine.ls_R_factor_R_free_error_details         ? 
_refine.pdbx_data_cutoff_high_rms_absF           ? 
_refine.overall_FOM_free_R_set                   ? 
_refine.pdbx_overall_phase_error                 ? 
_refine.pdbx_refine_id                           'X-RAY DIFFRACTION' 
_refine.pdbx_diffrn_id                           1 
_refine.pdbx_TLS_residual_ADP_flag               ? 
_refine.pdbx_overall_SU_R_free_Cruickshank_DPI   ? 
_refine.pdbx_overall_SU_R_Blow_DPI               ? 
_refine.pdbx_overall_SU_R_free_Blow_DPI          ? 
# 
_refine_hist.pdbx_refine_id                   'X-RAY DIFFRACTION' 
_refine_hist.cycle_id                         LAST 
_refine_hist.pdbx_number_atoms_protein        1328 
_refine_hist.pdbx_number_atoms_nucleic_acid   0 
_refine_hist.pdbx_number_atoms_ligand         23 
_refine_hist.number_atoms_solvent             222 
_refine_hist.number_atoms_total               1573 
_refine_hist.d_res_high                       1.700 
_refine_hist.d_res_low                        50.00 
# 
loop_
_refine_ls_restr.type 
_refine_ls_restr.number 
_refine_ls_restr.dev_ideal 
_refine_ls_restr.dev_ideal_target 
_refine_ls_restr.weight 
_refine_ls_restr.pdbx_refine_id 
_refine_ls_restr.pdbx_restraint_function 
r_bond_refined_d         1374 0.011  0.022  ? 'X-RAY DIFFRACTION' ? 
r_angle_refined_deg      1856 1.218  1.964  ? 'X-RAY DIFFRACTION' ? 
r_dihedral_angle_1_deg   172  4.866  5.000  ? 'X-RAY DIFFRACTION' ? 
r_dihedral_angle_2_deg   69   33.054 23.478 ? 'X-RAY DIFFRACTION' ? 
r_dihedral_angle_3_deg   255  11.520 15.000 ? 'X-RAY DIFFRACTION' ? 
r_dihedral_angle_4_deg   15   12.242 15.000 ? 'X-RAY DIFFRACTION' ? 
r_chiral_restr           201  0.079  0.200  ? 'X-RAY DIFFRACTION' ? 
r_gen_planes_refined     1038 0.005  0.020  ? 'X-RAY DIFFRACTION' ? 
r_nbd_refined            694  0.197  0.200  ? 'X-RAY DIFFRACTION' ? 
r_nbtor_refined          954  0.302  0.200  ? 'X-RAY DIFFRACTION' ? 
r_xyhbond_nbd_refined    165  0.157  0.200  ? 'X-RAY DIFFRACTION' ? 
r_symmetry_vdw_refined   38   0.142  0.200  ? 'X-RAY DIFFRACTION' ? 
r_symmetry_hbond_refined 20   0.153  0.200  ? 'X-RAY DIFFRACTION' ? 
r_mcbond_it              844  0.737  1.500  ? 'X-RAY DIFFRACTION' ? 
r_mcangle_it             1318 1.125  2.000  ? 'X-RAY DIFFRACTION' ? 
r_scbond_it              603  2.087  3.000  ? 'X-RAY DIFFRACTION' ? 
r_scangle_it             532  3.118  4.500  ? 'X-RAY DIFFRACTION' ? 
# 
_refine_ls_shell.d_res_high                       1.700 
_refine_ls_shell.d_res_low                        1.744 
_refine_ls_shell.pdbx_total_number_of_bins_used   20 
_refine_ls_shell.percent_reflns_obs               100.000 
_refine_ls_shell.number_reflns_R_work             1592 
_refine_ls_shell.R_factor_all                     ? 
_refine_ls_shell.R_factor_R_work                  0.229 
_refine_ls_shell.R_factor_R_free                  0.260 
_refine_ls_shell.percent_reflns_R_free            ? 
_refine_ls_shell.number_reflns_R_free             79 
_refine_ls_shell.R_factor_R_free_error            ? 
_refine_ls_shell.number_reflns_all                1671 
_refine_ls_shell.number_reflns_obs                1592 
_refine_ls_shell.redundancy_reflns_obs            ? 
_refine_ls_shell.pdbx_refine_id                   'X-RAY DIFFRACTION' 
# 
_struct.entry_id                  3HT7 
_struct.title                     '2-ethylphenol in complex with T4 lysozyme L99A/M102Q' 
_struct.pdbx_model_details        ? 
_struct.pdbx_CASP_flag            ? 
_struct.pdbx_model_type_details   ? 
# 
_struct_keywords.entry_id        3HT7 
_struct_keywords.text            'HYDROLASE, GLYCOSIDASE, BACTERIOLYTIC ENZYME, Antimicrobial' 
_struct_keywords.pdbx_keywords   HYDROLASE 
# 
loop_
_struct_asym.id 
_struct_asym.pdbx_blank_PDB_chainid_flag 
_struct_asym.pdbx_modified 
_struct_asym.entity_id 
_struct_asym.details 
A N N 1 ? 
B N N 2 ? 
C N N 2 ? 
D N N 3 ? 
E N N 4 ? 
F N N 5 ? 
# 
_struct_biol.id        1 
_struct_biol.details   ? 
# 
loop_
_struct_conf.conf_type_id 
_struct_conf.id 
_struct_conf.pdbx_PDB_helix_id 
_struct_conf.beg_label_comp_id 
_struct_conf.beg_label_asym_id 
_struct_conf.beg_label_seq_id 
_struct_conf.pdbx_beg_PDB_ins_code 
_struct_conf.end_label_comp_id 
_struct_conf.end_label_asym_id 
_struct_conf.end_label_seq_id 
_struct_conf.pdbx_end_PDB_ins_code 
_struct_conf.beg_auth_comp_id 
_struct_conf.beg_auth_asym_id 
_struct_conf.beg_auth_seq_id 
_struct_conf.end_auth_comp_id 
_struct_conf.end_auth_asym_id 
_struct_conf.end_auth_seq_id 
_struct_conf.pdbx_PDB_helix_class 
_struct_conf.details 
_struct_conf.pdbx_PDB_helix_length 
HELX_P HELX_P1  1  ASN A 2   ? GLY A 12  ? ASN A 2   GLY A 12  1 ? 11 
HELX_P HELX_P2  2  ASP A 38  ? GLY A 51  ? ASP A 38  GLY A 51  1 ? 14 
HELX_P HELX_P3  3  THR A 59  ? ASN A 81  ? THR A 59  ASN A 81  1 ? 23 
HELX_P HELX_P4  4  LEU A 84  ? LEU A 91  ? LEU A 84  LEU A 91  1 ? 8  
HELX_P HELX_P5  5  ASP A 92  ? VAL A 111 ? ASP A 92  VAL A 111 1 ? 20 
HELX_P HELX_P6  6  PHE A 114 ? GLN A 123 ? PHE A 114 GLN A 123 1 ? 10 
HELX_P HELX_P7  7  ARG A 125 ? LYS A 135 ? ARG A 125 LYS A 135 1 ? 11 
HELX_P HELX_P8  8  SER A 136 ? THR A 142 ? SER A 136 THR A 142 1 ? 7  
HELX_P HELX_P9  9  THR A 142 ? GLY A 156 ? THR A 142 GLY A 156 1 ? 15 
HELX_P HELX_P10 10 TRP A 158 ? LYS A 162 ? TRP A 158 LYS A 162 5 ? 5  
# 
_struct_conf_type.id          HELX_P 
_struct_conf_type.criteria    ? 
_struct_conf_type.reference   ? 
# 
_struct_sheet.id               A 
_struct_sheet.type             ? 
_struct_sheet.number_strands   3 
_struct_sheet.details          ? 
# 
loop_
_struct_sheet_order.sheet_id 
_struct_sheet_order.range_id_1 
_struct_sheet_order.range_id_2 
_struct_sheet_order.offset 
_struct_sheet_order.sense 
A 1 2 ? anti-parallel 
A 2 3 ? anti-parallel 
# 
loop_
_struct_sheet_range.sheet_id 
_struct_sheet_range.id 
_struct_sheet_range.beg_label_comp_id 
_struct_sheet_range.beg_label_asym_id 
_struct_sheet_range.beg_label_seq_id 
_struct_sheet_range.pdbx_beg_PDB_ins_code 
_struct_sheet_range.end_label_comp_id 
_struct_sheet_range.end_label_asym_id 
_struct_sheet_range.end_label_seq_id 
_struct_sheet_range.pdbx_end_PDB_ins_code 
_struct_sheet_range.beg_auth_comp_id 
_struct_sheet_range.beg_auth_asym_id 
_struct_sheet_range.beg_auth_seq_id 
_struct_sheet_range.end_auth_comp_id 
_struct_sheet_range.end_auth_asym_id 
_struct_sheet_range.end_auth_seq_id 
A 1 ARG A 14 ? LYS A 19 ? ARG A 14 LYS A 19 
A 2 TYR A 25 ? GLY A 28 ? TYR A 25 GLY A 28 
A 3 HIS A 31 ? LEU A 32 ? HIS A 31 LEU A 32 
# 
loop_
_pdbx_struct_sheet_hbond.sheet_id 
_pdbx_struct_sheet_hbond.range_id_1 
_pdbx_struct_sheet_hbond.range_id_2 
_pdbx_struct_sheet_hbond.range_1_label_atom_id 
_pdbx_struct_sheet_hbond.range_1_label_comp_id 
_pdbx_struct_sheet_hbond.range_1_label_asym_id 
_pdbx_struct_sheet_hbond.range_1_label_seq_id 
_pdbx_struct_sheet_hbond.range_1_PDB_ins_code 
_pdbx_struct_sheet_hbond.range_1_auth_atom_id 
_pdbx_struct_sheet_hbond.range_1_auth_comp_id 
_pdbx_struct_sheet_hbond.range_1_auth_asym_id 
_pdbx_struct_sheet_hbond.range_1_auth_seq_id 
_pdbx_struct_sheet_hbond.range_2_label_atom_id 
_pdbx_struct_sheet_hbond.range_2_label_comp_id 
_pdbx_struct_sheet_hbond.range_2_label_asym_id 
_pdbx_struct_sheet_hbond.range_2_label_seq_id 
_pdbx_struct_sheet_hbond.range_2_PDB_ins_code 
_pdbx_struct_sheet_hbond.range_2_auth_atom_id 
_pdbx_struct_sheet_hbond.range_2_auth_comp_id 
_pdbx_struct_sheet_hbond.range_2_auth_asym_id 
_pdbx_struct_sheet_hbond.range_2_auth_seq_id 
A 1 2 N TYR A 18 ? N TYR A 18 O THR A 26 ? O THR A 26 
A 2 3 N ILE A 27 ? N ILE A 27 O HIS A 31 ? O HIS A 31 
# 
loop_
_struct_site.id 
_struct_site.pdbx_evidence_code 
_struct_site.pdbx_auth_asym_id 
_struct_site.pdbx_auth_comp_id 
_struct_site.pdbx_auth_seq_id 
_struct_site.pdbx_auth_ins_code 
_struct_site.pdbx_num_residues 
_struct_site.details 
AC1 Software A PO4 165 ? 8 'BINDING SITE FOR RESIDUE PO4 A 165' 
AC2 Software A PO4 166 ? 3 'BINDING SITE FOR RESIDUE PO4 A 166' 
AC3 Software A JZ1 167 ? 4 'BINDING SITE FOR RESIDUE JZ1 A 167' 
AC4 Software A BME 168 ? 1 'BINDING SITE FOR RESIDUE BME A 168' 
# 
loop_
_struct_site_gen.id 
_struct_site_gen.site_id 
_struct_site_gen.pdbx_num_res 
_struct_site_gen.label_comp_id 
_struct_site_gen.label_asym_id 
_struct_site_gen.label_seq_id 
_struct_site_gen.pdbx_auth_ins_code 
_struct_site_gen.auth_comp_id 
_struct_site_gen.auth_asym_id 
_struct_site_gen.auth_seq_id 
_struct_site_gen.label_atom_id 
_struct_site_gen.label_alt_id 
_struct_site_gen.symmetry 
_struct_site_gen.details 
1  AC1 8 LYS A 19  ? LYS A 19  . ? 1_555 ? 
2  AC1 8 ARG A 125 ? ARG A 125 . ? 6_664 ? 
3  AC1 8 TRP A 126 ? TRP A 126 . ? 6_664 ? 
4  AC1 8 ASP A 127 ? ASP A 127 . ? 6_664 ? 
5  AC1 8 GLU A 128 ? GLU A 128 . ? 6_664 ? 
6  AC1 8 HOH F .   ? HOH A 327 . ? 1_555 ? 
7  AC1 8 HOH F .   ? HOH A 336 . ? 6_664 ? 
8  AC1 8 HOH F .   ? HOH A 351 . ? 1_555 ? 
9  AC2 3 ARG A 14  ? ARG A 14  . ? 1_555 ? 
10 AC2 3 LEU A 15  ? LEU A 15  . ? 1_555 ? 
11 AC2 3 LYS A 16  ? LYS A 16  . ? 1_555 ? 
12 AC3 4 ALA A 99  ? ALA A 99  . ? 1_555 ? 
13 AC3 4 GLN A 102 ? GLN A 102 . ? 1_555 ? 
14 AC3 4 LEU A 118 ? LEU A 118 . ? 1_555 ? 
15 AC3 4 PHE A 153 ? PHE A 153 . ? 1_555 ? 
16 AC4 1 ASP A 72  ? ASP A 72  . ? 1_555 ? 
# 
_atom_sites.entry_id                    3HT7 
_atom_sites.fract_transf_matrix[1][1]   -0.00844975 
_atom_sites.fract_transf_matrix[1][2]   -0.01476556 
_atom_sites.fract_transf_matrix[1][3]   -0.00881386 
_atom_sites.fract_transf_matrix[2][1]   0.00936760 
_atom_sites.fract_transf_matrix[2][2]   -0.01659271 
_atom_sites.fract_transf_matrix[2][3]   -0.00200889 
_atom_sites.fract_transf_matrix[3][1]   -0.00377486 
_atom_sites.fract_transf_matrix[3][2]   -0.00322299 
_atom_sites.fract_transf_matrix[3][3]   0.00901827 
_atom_sites.fract_transf_vector[1]      0.460536 
_atom_sites.fract_transf_vector[2]      -0.321416 
_atom_sites.fract_transf_vector[3]      -0.064735 
# 
loop_
_atom_type.symbol 
C 
N 
O 
P 
S 
# 
loop_
_atom_site.group_PDB 
_atom_site.id 
_atom_site.type_symbol 
_atom_site.label_atom_id 
_atom_site.label_alt_id 
_atom_site.label_comp_id 
_atom_site.label_asym_id 
_atom_site.label_entity_id 
_atom_site.label_seq_id 
_atom_site.pdbx_PDB_ins_code 
_atom_site.Cartn_x 
_atom_site.Cartn_y 
_atom_site.Cartn_z 
_atom_site.occupancy 
_atom_site.B_iso_or_equiv 
_atom_site.pdbx_formal_charge 
_atom_site.auth_seq_id 
_atom_site.auth_comp_id 
_atom_site.auth_asym_id 
_atom_site.auth_atom_id 
_atom_site.pdbx_PDB_model_num 
ATOM   1    N N   . MET A 1 1   ? -12.833 -7.325  -8.906  1.00 19.83 ? 1   MET A N   1 
ATOM   2    C CA  A MET A 1 1   ? -11.676 -6.690  -8.223  0.50 19.30 ? 1   MET A CA  1 
ATOM   3    C CA  B MET A 1 1   ? -11.668 -6.653  -8.246  0.50 19.47 ? 1   MET A CA  1 
ATOM   4    C C   . MET A 1 1   ? -12.109 -5.536  -7.319  1.00 19.19 ? 1   MET A C   1 
ATOM   5    O O   . MET A 1 1   ? -13.081 -4.823  -7.604  1.00 19.77 ? 1   MET A O   1 
ATOM   6    C CB  A MET A 1 1   ? -10.648 -6.220  -9.258  0.50 19.43 ? 1   MET A CB  1 
ATOM   7    C CB  B MET A 1 1   ? -10.697 -6.069  -9.280  0.50 19.79 ? 1   MET A CB  1 
ATOM   8    C CG  A MET A 1 1   ? -9.297  -5.847  -8.690  0.50 19.75 ? 1   MET A CG  1 
ATOM   9    C CG  B MET A 1 1   ? -9.816  -7.067  -10.006 0.50 20.49 ? 1   MET A CG  1 
ATOM   10   S SD  A MET A 1 1   ? -8.386  -7.169  -7.883  0.50 19.00 ? 1   MET A SD  1 
ATOM   11   S SD  B MET A 1 1   ? -8.820  -8.117  -8.923  0.50 23.14 ? 1   MET A SD  1 
ATOM   12   C CE  A MET A 1 1   ? -8.408  -8.444  -9.152  0.50 20.72 ? 1   MET A CE  1 
ATOM   13   C CE  B MET A 1 1   ? -7.921  -6.890  -7.965  0.50 22.45 ? 1   MET A CE  1 
ATOM   14   N N   . ASN A 1 2   ? -11.378 -5.387  -6.228  1.00 18.02 ? 2   ASN A N   1 
ATOM   15   C CA  . ASN A 1 2   ? -11.527 -4.304  -5.279  1.00 17.64 ? 2   ASN A CA  1 
ATOM   16   C C   . ASN A 1 2   ? -10.165 -4.084  -4.589  1.00 16.55 ? 2   ASN A C   1 
ATOM   17   O O   . ASN A 1 2   ? -9.193  -4.814  -4.850  1.00 16.17 ? 2   ASN A O   1 
ATOM   18   C CB  . ASN A 1 2   ? -12.669 -4.597  -4.277  1.00 18.45 ? 2   ASN A CB  1 
ATOM   19   C CG  . ASN A 1 2   ? -12.435 -5.853  -3.488  1.00 18.43 ? 2   ASN A CG  1 
ATOM   20   O OD1 . ASN A 1 2   ? -11.400 -5.999  -2.855  1.00 16.04 ? 2   ASN A OD1 1 
ATOM   21   N ND2 . ASN A 1 2   ? -13.386 -6.786  -3.538  1.00 18.01 ? 2   ASN A ND2 1 
ATOM   22   N N   . ILE A 1 3   ? -10.095 -3.069  -3.742  1.00 16.64 ? 3   ILE A N   1 
ATOM   23   C CA  . ILE A 1 3   ? -8.848  -2.704  -3.090  1.00 15.58 ? 3   ILE A CA  1 
ATOM   24   C C   . ILE A 1 3   ? -8.281  -3.870  -2.251  1.00 15.90 ? 3   ILE A C   1 
ATOM   25   O O   . ILE A 1 3   ? -7.067  -4.066  -2.202  1.00 16.08 ? 3   ILE A O   1 
ATOM   26   C CB  . ILE A 1 3   ? -8.980  -1.387  -2.258  1.00 15.84 ? 3   ILE A CB  1 
ATOM   27   C CG1 . ILE A 1 3   ? -7.618  -0.961  -1.681  1.00 16.21 ? 3   ILE A CG1 1 
ATOM   28   C CG2 . ILE A 1 3   ? -10.048 -1.528  -1.164  1.00 15.21 ? 3   ILE A CG2 1 
ATOM   29   C CD1 . ILE A 1 3   ? -6.451  -0.811  -2.744  1.00 15.19 ? 3   ILE A CD1 1 
ATOM   30   N N   . PHE A 1 4   ? -9.159  -4.649  -1.614  1.00 15.76 ? 4   PHE A N   1 
ATOM   31   C CA  . PHE A 1 4   ? -8.688  -5.797  -0.838  1.00 15.35 ? 4   PHE A CA  1 
ATOM   32   C C   . PHE A 1 4   ? -8.065  -6.866  -1.724  1.00 15.79 ? 4   PHE A C   1 
ATOM   33   O O   . PHE A 1 4   ? -6.963  -7.345  -1.445  1.00 15.47 ? 4   PHE A O   1 
ATOM   34   C CB  . PHE A 1 4   ? -9.809  -6.372  0.041   1.00 16.53 ? 4   PHE A CB  1 
ATOM   35   C CG  . PHE A 1 4   ? -10.188 -5.465  1.170   1.00 16.65 ? 4   PHE A CG  1 
ATOM   36   C CD1 . PHE A 1 4   ? -11.163 -4.484  0.993   1.00 18.80 ? 4   PHE A CD1 1 
ATOM   37   C CD2 . PHE A 1 4   ? -9.559  -5.574  2.412   1.00 19.12 ? 4   PHE A CD2 1 
ATOM   38   C CE1 . PHE A 1 4   ? -11.504 -3.626  2.024   1.00 18.92 ? 4   PHE A CE1 1 
ATOM   39   C CE2 . PHE A 1 4   ? -9.895  -4.723  3.451   1.00 21.38 ? 4   PHE A CE2 1 
ATOM   40   C CZ  . PHE A 1 4   ? -10.883 -3.747  3.258   1.00 18.81 ? 4   PHE A CZ  1 
ATOM   41   N N   . GLU A 1 5   ? -8.754  -7.211  -2.813  1.00 15.41 ? 5   GLU A N   1 
ATOM   42   C CA  . GLU A 1 5   ? -8.246  -8.235  -3.725  1.00 15.85 ? 5   GLU A CA  1 
ATOM   43   C C   . GLU A 1 5   ? -6.939  -7.758  -4.377  1.00 15.03 ? 5   GLU A C   1 
ATOM   44   O O   . GLU A 1 5   ? -5.994  -8.555  -4.581  1.00 15.07 ? 5   GLU A O   1 
ATOM   45   C CB  . GLU A 1 5   ? -9.295  -8.551  -4.767  1.00 16.23 ? 5   GLU A CB  1 
ATOM   46   C CG  . GLU A 1 5   ? -10.552 -9.184  -4.179  1.00 18.35 ? 5   GLU A CG  1 
ATOM   47   C CD  . GLU A 1 5   ? -11.516 -9.633  -5.244  1.00 23.51 ? 5   GLU A CD  1 
ATOM   48   O OE1 . GLU A 1 5   ? -11.215 -9.462  -6.444  1.00 25.89 ? 5   GLU A OE1 1 
ATOM   49   O OE2 . GLU A 1 5   ? -12.566 -10.190 -4.884  1.00 23.38 ? 5   GLU A OE2 1 
ATOM   50   N N   . MET A 1 6   ? -6.891  -6.457  -4.687  1.00 14.78 ? 6   MET A N   1 
ATOM   51   C CA  . MET A 1 6   ? -5.736  -5.859  -5.357  1.00 15.02 ? 6   MET A CA  1 
ATOM   52   C C   . MET A 1 6   ? -4.514  -5.940  -4.473  1.00 15.08 ? 6   MET A C   1 
ATOM   53   O O   . MET A 1 6   ? -3.457  -6.466  -4.876  1.00 15.05 ? 6   MET A O   1 
ATOM   54   C CB  . MET A 1 6   ? -6.038  -4.401  -5.698  1.00 15.29 ? 6   MET A CB  1 
ATOM   55   C CG  . MET A 1 6   ? -4.947  -3.678  -6.479  1.00 14.87 ? 6   MET A CG  1 
ATOM   56   S SD  . MET A 1 6   ? -5.205  -1.929  -6.253  1.00 15.36 ? 6   MET A SD  1 
ATOM   57   C CE  . MET A 1 6   ? -4.283  -1.281  -7.674  1.00 14.77 ? 6   MET A CE  1 
ATOM   58   N N   . LEU A 1 7   ? -4.652  -5.439  -3.250  1.00 15.13 ? 7   LEU A N   1 
ATOM   59   C CA  . LEU A 1 7   ? -3.538  -5.472  -2.302  1.00 15.26 ? 7   LEU A CA  1 
ATOM   60   C C   . LEU A 1 7   ? -3.159  -6.897  -1.884  1.00 15.61 ? 7   LEU A C   1 
ATOM   61   O O   . LEU A 1 7   ? -1.980  -7.183  -1.635  1.00 15.87 ? 7   LEU A O   1 
ATOM   62   C CB  . LEU A 1 7   ? -3.830  -4.592  -1.082  1.00 15.18 ? 7   LEU A CB  1 
ATOM   63   C CG  . LEU A 1 7   ? -3.454  -3.121  -1.327  1.00 16.44 ? 7   LEU A CG  1 
ATOM   64   C CD1 . LEU A 1 7   ? -4.100  -2.201  -0.282  1.00 17.48 ? 7   LEU A CD1 1 
ATOM   65   C CD2 . LEU A 1 7   ? -1.936  -2.959  -1.320  1.00 16.16 ? 7   LEU A CD2 1 
ATOM   66   N N   . ARG A 1 8   ? -4.137  -7.796  -1.821  1.00 15.36 ? 8   ARG A N   1 
ATOM   67   C CA  . ARG A 1 8   ? -3.815  -9.197  -1.517  1.00 15.71 ? 8   ARG A CA  1 
ATOM   68   C C   . ARG A 1 8   ? -2.877  -9.781  -2.592  1.00 15.74 ? 8   ARG A C   1 
ATOM   69   O O   . ARG A 1 8   ? -1.951  -10.515 -2.278  1.00 15.80 ? 8   ARG A O   1 
ATOM   70   C CB  . ARG A 1 8   ? -5.104  -10.032 -1.403  1.00 16.34 ? 8   ARG A CB  1 
ATOM   71   C CG  . ARG A 1 8   ? -4.896  -11.542 -1.309  1.00 16.37 ? 8   ARG A CG  1 
ATOM   72   C CD  . ARG A 1 8   ? -4.098  -11.966 -0.069  1.00 19.69 ? 8   ARG A CD  1 
ATOM   73   N NE  . ARG A 1 8   ? -3.900  -13.426 -0.052  1.00 19.92 ? 8   ARG A NE  1 
ATOM   74   C CZ  . ARG A 1 8   ? -2.976  -14.061 -0.774  1.00 22.38 ? 8   ARG A CZ  1 
ATOM   75   N NH1 . ARG A 1 8   ? -2.146  -13.384 -1.567  1.00 23.58 ? 8   ARG A NH1 1 
ATOM   76   N NH2 . ARG A 1 8   ? -2.871  -15.383 -0.701  1.00 24.05 ? 8   ARG A NH2 1 
ATOM   77   N N   . ILE A 1 9   ? -3.122  -9.447  -3.864  1.00 15.34 ? 9   ILE A N   1 
ATOM   78   C CA  . ILE A 1 9   ? -2.246  -9.886  -4.954  1.00 16.04 ? 9   ILE A CA  1 
ATOM   79   C C   . ILE A 1 9   ? -0.843  -9.270  -4.816  1.00 15.77 ? 9   ILE A C   1 
ATOM   80   O O   . ILE A 1 9   ? 0.187   -9.977  -4.925  1.00 16.00 ? 9   ILE A O   1 
ATOM   81   C CB  . ILE A 1 9   ? -2.903  -9.567  -6.328  1.00 15.97 ? 9   ILE A CB  1 
ATOM   82   C CG1 . ILE A 1 9   ? -4.050  -10.538 -6.609  1.00 16.21 ? 9   ILE A CG1 1 
ATOM   83   C CG2 . ILE A 1 9   ? -1.881  -9.553  -7.476  1.00 16.72 ? 9   ILE A CG2 1 
ATOM   84   C CD1 . ILE A 1 9   ? -4.970  -10.084 -7.720  1.00 17.73 ? 9   ILE A CD1 1 
ATOM   85   N N   . ASP A 1 10  ? -0.791  -7.961  -4.549  1.00 15.04 ? 10  ASP A N   1 
ATOM   86   C CA  . ASP A 1 10  ? 0.473   -7.250  -4.515  1.00 15.14 ? 10  ASP A CA  1 
ATOM   87   C C   . ASP A 1 10  ? 1.344   -7.580  -3.299  1.00 15.47 ? 10  ASP A C   1 
ATOM   88   O O   . ASP A 1 10  ? 2.584   -7.559  -3.402  1.00 16.24 ? 10  ASP A O   1 
ATOM   89   C CB  . ASP A 1 10  ? 0.268   -5.732  -4.610  1.00 14.54 ? 10  ASP A CB  1 
ATOM   90   C CG  . ASP A 1 10  ? -0.117  -5.286  -6.020  1.00 15.55 ? 10  ASP A CG  1 
ATOM   91   O OD1 . ASP A 1 10  ? 0.165   -6.014  -6.992  1.00 15.00 ? 10  ASP A OD1 1 
ATOM   92   O OD2 . ASP A 1 10  ? -0.727  -4.207  -6.152  1.00 16.38 ? 10  ASP A OD2 1 
ATOM   93   N N   . GLU A 1 11  ? 0.684   -7.883  -2.178  1.00 15.16 ? 11  GLU A N   1 
ATOM   94   C CA  . GLU A 1 11  ? 1.350   -8.060  -0.873  1.00 15.99 ? 11  GLU A CA  1 
ATOM   95   C C   . GLU A 1 11  ? 1.548   -9.515  -0.458  1.00 16.23 ? 11  GLU A C   1 
ATOM   96   O O   . GLU A 1 11  ? 2.444   -9.815  0.332   1.00 16.90 ? 11  GLU A O   1 
ATOM   97   C CB  . GLU A 1 11  ? 0.574   -7.321  0.223   1.00 16.03 ? 11  GLU A CB  1 
ATOM   98   C CG  . GLU A 1 11  ? 0.594   -5.792  0.091   1.00 15.54 ? 11  GLU A CG  1 
ATOM   99   C CD  . GLU A 1 11  ? 1.978   -5.159  0.199   1.00 18.31 ? 11  GLU A CD  1 
ATOM   100  O OE1 . GLU A 1 11  ? 3.006   -5.831  0.525   1.00 19.56 ? 11  GLU A OE1 1 
ATOM   101  O OE2 . GLU A 1 11  ? 2.049   -3.955  -0.038  1.00 18.16 ? 11  GLU A OE2 1 
ATOM   102  N N   . GLY A 1 12  ? 0.698   -10.404 -0.959  1.00 16.36 ? 12  GLY A N   1 
ATOM   103  C CA  . GLY A 1 12  ? 0.746   -11.828 -0.608  1.00 16.82 ? 12  GLY A CA  1 
ATOM   104  C C   . GLY A 1 12  ? 0.155   -12.043 0.779   1.00 17.36 ? 12  GLY A C   1 
ATOM   105  O O   . GLY A 1 12  ? -0.355  -11.100 1.399   1.00 17.44 ? 12  GLY A O   1 
ATOM   106  N N   . LEU A 1 13  ? 0.225   -13.282 1.252   1.00 17.28 ? 13  LEU A N   1 
ATOM   107  C CA  . LEU A 1 13  ? -0.203  -13.617 2.613   1.00 18.01 ? 13  LEU A CA  1 
ATOM   108  C C   . LEU A 1 13  ? 0.829   -14.574 3.197   1.00 17.64 ? 13  LEU A C   1 
ATOM   109  O O   . LEU A 1 13  ? 1.053   -15.673 2.664   1.00 17.23 ? 13  LEU A O   1 
ATOM   110  C CB  . LEU A 1 13  ? -1.604  -14.242 2.616   1.00 17.95 ? 13  LEU A CB  1 
ATOM   111  C CG  . LEU A 1 13  ? -2.079  -14.960 3.887   1.00 18.53 ? 13  LEU A CG  1 
ATOM   112  C CD1 . LEU A 1 13  ? -2.282  -13.965 5.024   1.00 22.42 ? 13  LEU A CD1 1 
ATOM   113  C CD2 . LEU A 1 13  ? -3.382  -15.766 3.597   1.00 21.05 ? 13  LEU A CD2 1 
ATOM   114  N N   . ARG A 1 14  ? 1.472   -14.132 4.273   1.00 17.68 ? 14  ARG A N   1 
ATOM   115  C CA  . ARG A 1 14  ? 2.414   -14.973 5.010   1.00 17.41 ? 14  ARG A CA  1 
ATOM   116  C C   . ARG A 1 14  ? 2.094   -14.916 6.493   1.00 17.37 ? 14  ARG A C   1 
ATOM   117  O O   . ARG A 1 14  ? 1.859   -13.846 7.042   1.00 17.77 ? 14  ARG A O   1 
ATOM   118  C CB  . ARG A 1 14  ? 3.862   -14.563 4.732   1.00 17.53 ? 14  ARG A CB  1 
ATOM   119  C CG  . ARG A 1 14  ? 4.202   -14.653 3.211   1.00 17.60 ? 14  ARG A CG  1 
ATOM   120  C CD  . ARG A 1 14  ? 5.671   -14.401 2.892   1.00 19.52 ? 14  ARG A CD  1 
ATOM   121  N NE  . ARG A 1 14  ? 6.501   -15.510 3.343   1.00 23.61 ? 14  ARG A NE  1 
ATOM   122  C CZ  . ARG A 1 14  ? 7.828   -15.551 3.227   1.00 26.78 ? 14  ARG A CZ  1 
ATOM   123  N NH1 . ARG A 1 14  ? 8.484   -14.549 2.658   1.00 26.74 ? 14  ARG A NH1 1 
ATOM   124  N NH2 . ARG A 1 14  ? 8.495   -16.598 3.691   1.00 29.75 ? 14  ARG A NH2 1 
ATOM   125  N N   . LEU A 1 15  ? 2.064   -16.078 7.135   1.00 17.58 ? 15  LEU A N   1 
ATOM   126  C CA  . LEU A 1 15  ? 1.572   -16.130 8.516   1.00 18.13 ? 15  LEU A CA  1 
ATOM   127  C C   . LEU A 1 15  ? 2.699   -16.098 9.548   1.00 18.42 ? 15  LEU A C   1 
ATOM   128  O O   . LEU A 1 15  ? 2.428   -15.996 10.752  1.00 18.80 ? 15  LEU A O   1 
ATOM   129  C CB  . LEU A 1 15  ? 0.661   -17.354 8.709   1.00 18.24 ? 15  LEU A CB  1 
ATOM   130  C CG  . LEU A 1 15  ? -0.618  -17.374 7.866   1.00 19.40 ? 15  LEU A CG  1 
ATOM   131  C CD1 . LEU A 1 15  ? -1.457  -18.628 8.192   1.00 22.21 ? 15  LEU A CD1 1 
ATOM   132  C CD2 . LEU A 1 15  ? -1.465  -16.102 7.994   1.00 21.48 ? 15  LEU A CD2 1 
ATOM   133  N N   . LYS A 1 16  ? 3.954   -16.145 9.082   1.00 17.88 ? 16  LYS A N   1 
ATOM   134  C CA  . LYS A 1 16  ? 5.113   -16.021 9.961   1.00 18.36 ? 16  LYS A CA  1 
ATOM   135  C C   . LYS A 1 16  ? 5.851   -14.730 9.618   1.00 17.77 ? 16  LYS A C   1 
ATOM   136  O O   . LYS A 1 16  ? 5.871   -14.315 8.450   1.00 17.64 ? 16  LYS A O   1 
ATOM   137  C CB  . LYS A 1 16  ? 6.088   -17.191 9.777   1.00 19.39 ? 16  LYS A CB  1 
ATOM   138  C CG  . LYS A 1 16  ? 5.485   -18.555 10.051  1.00 20.13 ? 16  LYS A CG  1 
ATOM   139  C CD  . LYS A 1 16  ? 6.507   -19.676 9.888   0.50 19.78 ? 16  LYS A CD  1 
ATOM   140  C CE  . LYS A 1 16  ? 5.855   -21.032 10.126  0.50 21.87 ? 16  LYS A CE  1 
ATOM   141  N NZ  . LYS A 1 16  ? 5.239   -21.167 11.497  0.50 23.82 ? 16  LYS A NZ  1 
ATOM   142  N N   . ILE A 1 17  ? 6.486   -14.118 10.616  1.00 17.09 ? 17  ILE A N   1 
ATOM   143  C CA  . ILE A 1 17  ? 7.285   -12.916 10.372  1.00 15.75 ? 17  ILE A CA  1 
ATOM   144  C C   . ILE A 1 17  ? 8.274   -13.143 9.219   1.00 16.79 ? 17  ILE A C   1 
ATOM   145  O O   . ILE A 1 17  ? 9.022   -14.123 9.206   1.00 16.38 ? 17  ILE A O   1 
ATOM   146  C CB  . ILE A 1 17  ? 8.036   -12.449 11.638  1.00 16.13 ? 17  ILE A CB  1 
ATOM   147  C CG1 . ILE A 1 17  ? 7.026   -11.968 12.710  1.00 14.75 ? 17  ILE A CG1 1 
ATOM   148  C CG2 . ILE A 1 17  ? 9.054   -11.358 11.289  1.00 15.80 ? 17  ILE A CG2 1 
ATOM   149  C CD1 . ILE A 1 17  ? 7.694   -11.604 14.045  1.00 16.39 ? 17  ILE A CD1 1 
ATOM   150  N N   . TYR A 1 18  ? 8.259   -12.224 8.263   1.00 16.65 ? 18  TYR A N   1 
ATOM   151  C CA  . TYR A 1 18  ? 9.169   -12.250 7.116   1.00 17.34 ? 18  TYR A CA  1 
ATOM   152  C C   . TYR A 1 18  ? 9.689   -10.823 6.875   1.00 16.87 ? 18  TYR A C   1 
ATOM   153  O O   . TYR A 1 18  ? 9.191   -9.864  7.464   1.00 15.67 ? 18  TYR A O   1 
ATOM   154  C CB  . TYR A 1 18  ? 8.457   -12.795 5.860   1.00 18.08 ? 18  TYR A CB  1 
ATOM   155  C CG  . TYR A 1 18  ? 7.369   -11.890 5.295   1.00 18.50 ? 18  TYR A CG  1 
ATOM   156  C CD1 . TYR A 1 18  ? 7.612   -11.037 4.194   1.00 20.04 ? 18  TYR A CD1 1 
ATOM   157  C CD2 . TYR A 1 18  ? 6.080   -11.909 5.834   1.00 18.85 ? 18  TYR A CD2 1 
ATOM   158  C CE1 . TYR A 1 18  ? 6.598   -10.216 3.683   1.00 21.55 ? 18  TYR A CE1 1 
ATOM   159  C CE2 . TYR A 1 18  ? 5.067   -11.087 5.322   1.00 19.64 ? 18  TYR A CE2 1 
ATOM   160  C CZ  . TYR A 1 18  ? 5.335   -10.249 4.251   1.00 21.02 ? 18  TYR A CZ  1 
ATOM   161  O OH  . TYR A 1 18  ? 4.294   -9.455  3.783   1.00 21.44 ? 18  TYR A OH  1 
ATOM   162  N N   . LYS A 1 19  ? 10.701  -10.688 6.021   1.00 15.70 ? 19  LYS A N   1 
ATOM   163  C CA  . LYS A 1 19  ? 11.208  -9.374  5.670   1.00 16.22 ? 19  LYS A CA  1 
ATOM   164  C C   . LYS A 1 19  ? 10.615  -8.966  4.321   1.00 15.94 ? 19  LYS A C   1 
ATOM   165  O O   . LYS A 1 19  ? 10.533  -9.781  3.381   1.00 16.06 ? 19  LYS A O   1 
ATOM   166  C CB  . LYS A 1 19  ? 12.740  -9.367  5.611   1.00 15.74 ? 19  LYS A CB  1 
ATOM   167  C CG  . LYS A 1 19  ? 13.430  -9.542  6.959   1.00 16.32 ? 19  LYS A CG  1 
ATOM   168  C CD  . LYS A 1 19  ? 14.928  -9.563  6.763   1.00 18.21 ? 19  LYS A CD  1 
ATOM   169  C CE  . LYS A 1 19  ? 15.682  -9.638  8.082   1.00 19.81 ? 19  LYS A CE  1 
ATOM   170  N NZ  . LYS A 1 19  ? 17.171  -9.608  7.815   1.00 18.77 ? 19  LYS A NZ  1 
ATOM   171  N N   . ASP A 1 20  ? 10.148  -7.725  4.245   1.00 16.30 ? 20  ASP A N   1 
ATOM   172  C CA  . ASP A 1 20  ? 9.530   -7.234  3.012   1.00 16.67 ? 20  ASP A CA  1 
ATOM   173  C C   . ASP A 1 20  ? 10.621  -6.910  1.990   1.00 16.57 ? 20  ASP A C   1 
ATOM   174  O O   . ASP A 1 20  ? 11.791  -7.230  2.202   1.00 16.91 ? 20  ASP A O   1 
ATOM   175  C CB  . ASP A 1 20  ? 8.622   -6.016  3.280   1.00 16.32 ? 20  ASP A CB  1 
ATOM   176  C CG  . ASP A 1 20  ? 9.387   -4.749  3.711   1.00 18.31 ? 20  ASP A CG  1 
ATOM   177  O OD1 . ASP A 1 20  ? 10.637  -4.700  3.681   1.00 17.30 ? 20  ASP A OD1 1 
ATOM   178  O OD2 . ASP A 1 20  ? 8.700   -3.765  4.103   1.00 20.05 ? 20  ASP A OD2 1 
ATOM   179  N N   . THR A 1 21  ? 10.223  -6.276  0.891   1.00 16.89 ? 21  THR A N   1 
ATOM   180  C CA  . THR A 1 21  ? 11.146  -6.000  -0.220  1.00 16.88 ? 21  THR A CA  1 
ATOM   181  C C   . THR A 1 21  ? 12.259  -5.054  0.212   1.00 17.44 ? 21  THR A C   1 
ATOM   182  O O   . THR A 1 21  ? 13.310  -5.019  -0.435  1.00 16.76 ? 21  THR A O   1 
ATOM   183  C CB  . THR A 1 21  ? 10.420  -5.374  -1.444  1.00 17.25 ? 21  THR A CB  1 
ATOM   184  O OG1 . THR A 1 21  ? 9.926   -4.070  -1.106  1.00 18.24 ? 21  THR A OG1 1 
ATOM   185  C CG2 . THR A 1 21  ? 9.255   -6.267  -1.918  1.00 19.04 ? 21  THR A CG2 1 
ATOM   186  N N   . GLU A 1 22  ? 12.018  -4.278  1.273   1.00 17.40 ? 22  GLU A N   1 
ATOM   187  C CA  . GLU A 1 22  ? 13.014  -3.335  1.797   1.00 18.61 ? 22  GLU A CA  1 
ATOM   188  C C   . GLU A 1 22  ? 13.850  -3.917  2.943   1.00 18.05 ? 22  GLU A C   1 
ATOM   189  O O   . GLU A 1 22  ? 14.741  -3.231  3.504   1.00 18.80 ? 22  GLU A O   1 
ATOM   190  C CB  . GLU A 1 22  ? 12.365  -2.013  2.228   1.00 18.71 ? 22  GLU A CB  1 
ATOM   191  C CG  . GLU A 1 22  ? 11.773  -1.177  1.097   1.00 21.37 ? 22  GLU A CG  1 
ATOM   192  C CD  . GLU A 1 22  ? 12.805  -0.665  0.096   1.00 25.63 ? 22  GLU A CD  1 
ATOM   193  O OE1 . GLU A 1 22  ? 13.984  -0.425  0.453   1.00 29.28 ? 22  GLU A OE1 1 
ATOM   194  O OE2 . GLU A 1 22  ? 12.429  -0.493  -1.075  1.00 28.98 ? 22  GLU A OE2 1 
ATOM   195  N N   . GLY A 1 23  ? 13.582  -5.178  3.260   1.00 17.55 ? 23  GLY A N   1 
ATOM   196  C CA  . GLY A 1 23  ? 14.259  -5.897  4.339   1.00 17.51 ? 23  GLY A CA  1 
ATOM   197  C C   . GLY A 1 23  ? 13.683  -5.666  5.732   1.00 18.09 ? 23  GLY A C   1 
ATOM   198  O O   . GLY A 1 23  ? 14.327  -5.984  6.741   1.00 18.19 ? 23  GLY A O   1 
ATOM   199  N N   . TYR A 1 24  ? 12.469  -5.127  5.791   1.00 18.11 ? 24  TYR A N   1 
ATOM   200  C CA  . TYR A 1 24  ? 11.804  -4.850  7.067   1.00 18.57 ? 24  TYR A CA  1 
ATOM   201  C C   . TYR A 1 24  ? 10.856  -5.931  7.543   1.00 17.13 ? 24  TYR A C   1 
ATOM   202  O O   . TYR A 1 24  ? 10.045  -6.452  6.777   1.00 17.15 ? 24  TYR A O   1 
ATOM   203  C CB  . TYR A 1 24  ? 11.008  -3.557  6.993   1.00 20.23 ? 24  TYR A CB  1 
ATOM   204  C CG  . TYR A 1 24  ? 11.817  -2.340  6.654   1.00 22.66 ? 24  TYR A CG  1 
ATOM   205  C CD1 . TYR A 1 24  ? 11.313  -1.399  5.765   1.00 24.70 ? 24  TYR A CD1 1 
ATOM   206  C CD2 . TYR A 1 24  ? 13.081  -2.135  7.212   1.00 25.42 ? 24  TYR A CD2 1 
ATOM   207  C CE1 . TYR A 1 24  ? 12.039  -0.262  5.440   1.00 26.28 ? 24  TYR A CE1 1 
ATOM   208  C CE2 . TYR A 1 24  ? 13.831  -1.001  6.885   1.00 27.11 ? 24  TYR A CE2 1 
ATOM   209  C CZ  . TYR A 1 24  ? 13.283  -0.066  6.000   1.00 26.55 ? 24  TYR A CZ  1 
ATOM   210  O OH  . TYR A 1 24  ? 13.982  1.088   5.662   1.00 28.76 ? 24  TYR A OH  1 
ATOM   211  N N   . TYR A 1 25  ? 10.922  -6.220  8.842   1.00 16.23 ? 25  TYR A N   1 
ATOM   212  C CA  . TYR A 1 25  ? 10.054  -7.241  9.426   1.00 16.21 ? 25  TYR A CA  1 
ATOM   213  C C   . TYR A 1 25  ? 8.573   -6.910  9.237   1.00 15.85 ? 25  TYR A C   1 
ATOM   214  O O   . TYR A 1 25  ? 8.122   -5.801  9.560   1.00 16.01 ? 25  TYR A O   1 
ATOM   215  C CB  . TYR A 1 25  ? 10.370  -7.420  10.904  1.00 16.80 ? 25  TYR A CB  1 
ATOM   216  C CG  . TYR A 1 25  ? 11.712  -8.067  11.130  1.00 18.43 ? 25  TYR A CG  1 
ATOM   217  C CD1 . TYR A 1 25  ? 12.696  -7.425  11.863  1.00 19.15 ? 25  TYR A CD1 1 
ATOM   218  C CD2 . TYR A 1 25  ? 11.982  -9.345  10.622  1.00 18.69 ? 25  TYR A CD2 1 
ATOM   219  C CE1 . TYR A 1 25  ? 13.960  -8.041  12.088  1.00 21.55 ? 25  TYR A CE1 1 
ATOM   220  C CE2 . TYR A 1 25  ? 13.223  -9.966  10.845  1.00 19.60 ? 25  TYR A CE2 1 
ATOM   221  C CZ  . TYR A 1 25  ? 14.199  -9.305  11.587  1.00 21.02 ? 25  TYR A CZ  1 
ATOM   222  O OH  . TYR A 1 25  ? 15.420  -9.944  11.797  1.00 23.08 ? 25  TYR A OH  1 
ATOM   223  N N   . THR A 1 26  ? 7.853   -7.905  8.726   1.00 15.05 ? 26  THR A N   1 
ATOM   224  C CA  . THR A 1 26  ? 6.480   -7.754  8.240   1.00 15.74 ? 26  THR A CA  1 
ATOM   225  C C   . THR A 1 26  ? 5.740   -9.055  8.534   1.00 15.39 ? 26  THR A C   1 
ATOM   226  O O   . THR A 1 26  ? 6.365   -10.109 8.732   1.00 16.21 ? 26  THR A O   1 
ATOM   227  C CB  . THR A 1 26  ? 6.538   -7.408  6.701   1.00 15.97 ? 26  THR A CB  1 
ATOM   228  O OG1 . THR A 1 26  ? 7.230   -6.162  6.522   1.00 15.65 ? 26  THR A OG1 1 
ATOM   229  C CG2 . THR A 1 26  ? 5.153   -7.310  6.029   1.00 16.75 ? 26  THR A CG2 1 
ATOM   230  N N   . ILE A 1 27  ? 4.410   -9.022  8.552   1.00 15.19 ? 27  ILE A N   1 
ATOM   231  C CA  . ILE A 1 27  ? 3.653   -10.265 8.658   1.00 14.72 ? 27  ILE A CA  1 
ATOM   232  C C   . ILE A 1 27  ? 2.320   -10.111 7.932   1.00 14.43 ? 27  ILE A C   1 
ATOM   233  O O   . ILE A 1 27  ? 1.920   -8.985  7.625   1.00 13.79 ? 27  ILE A O   1 
ATOM   234  C CB  . ILE A 1 27  ? 3.433   -10.653 10.158  1.00 14.06 ? 27  ILE A CB  1 
ATOM   235  C CG1 . ILE A 1 27  ? 3.101   -12.149 10.293  1.00 15.35 ? 27  ILE A CG1 1 
ATOM   236  C CG2 . ILE A 1 27  ? 2.398   -9.715  10.829  1.00 15.99 ? 27  ILE A CG2 1 
ATOM   237  C CD1 . ILE A 1 27  ? 3.254   -12.694 11.737  1.00 14.88 ? 27  ILE A CD1 1 
ATOM   238  N N   . GLY A 1 28  ? 1.635   -11.225 7.684   1.00 13.95 ? 28  GLY A N   1 
ATOM   239  C CA  . GLY A 1 28  ? 0.274   -11.182 7.137   1.00 14.93 ? 28  GLY A CA  1 
ATOM   240  C C   . GLY A 1 28  ? 0.245   -10.725 5.694   1.00 15.26 ? 28  GLY A C   1 
ATOM   241  O O   . GLY A 1 28  ? 0.980   -11.252 4.848   1.00 15.61 ? 28  GLY A O   1 
ATOM   242  N N   . ILE A 1 29  ? -0.626  -9.752  5.427   1.00 15.02 ? 29  ILE A N   1 
ATOM   243  C CA  . ILE A 1 29  ? -0.788  -9.164  4.085   1.00 15.67 ? 29  ILE A CA  1 
ATOM   244  C C   . ILE A 1 29  ? -0.113  -7.791  4.118   1.00 15.25 ? 29  ILE A C   1 
ATOM   245  O O   . ILE A 1 29  ? -0.750  -6.745  4.193   1.00 15.38 ? 29  ILE A O   1 
ATOM   246  C CB  . ILE A 1 29  ? -2.271  -9.078  3.673   1.00 15.28 ? 29  ILE A CB  1 
ATOM   247  C CG1 . ILE A 1 29  ? -2.965  -10.443 3.863   1.00 17.23 ? 29  ILE A CG1 1 
ATOM   248  C CG2 . ILE A 1 29  ? -2.390  -8.567  2.213   1.00 14.85 ? 29  ILE A CG2 1 
ATOM   249  C CD1 . ILE A 1 29  ? -4.515  -10.420 3.807   1.00 17.65 ? 29  ILE A CD1 1 
ATOM   250  N N   . GLY A 1 30  ? 1.218   -7.818  4.137   1.00 15.41 ? 30  GLY A N   1 
ATOM   251  C CA  . GLY A 1 30  ? 2.011   -6.578  4.138   1.00 15.67 ? 30  GLY A CA  1 
ATOM   252  C C   . GLY A 1 30  ? 1.807   -5.685  5.355   1.00 15.64 ? 30  GLY A C   1 
ATOM   253  O O   . GLY A 1 30  ? 1.804   -4.448  5.251   1.00 16.05 ? 30  GLY A O   1 
ATOM   254  N N   . HIS A 1 31  ? 1.629   -6.310  6.518   1.00 15.46 ? 31  HIS A N   1 
ATOM   255  C CA  . HIS A 1 31  ? 1.598   -5.539  7.745   1.00 16.13 ? 31  HIS A CA  1 
ATOM   256  C C   . HIS A 1 31  ? 3.019   -5.298  8.258   1.00 15.76 ? 31  HIS A C   1 
ATOM   257  O O   . HIS A 1 31  ? 3.635   -6.206  8.842   1.00 16.10 ? 31  HIS A O   1 
ATOM   258  C CB  . HIS A 1 31  ? 0.796   -6.226  8.838   1.00 15.28 ? 31  HIS A CB  1 
ATOM   259  C CG  . HIS A 1 31  ? 0.762   -5.420  10.093  1.00 16.07 ? 31  HIS A CG  1 
ATOM   260  N ND1 . HIS A 1 31  ? -0.094  -4.354  10.256  1.00 16.43 ? 31  HIS A ND1 1 
ATOM   261  C CD2 . HIS A 1 31  ? 1.524   -5.473  11.211  1.00 16.61 ? 31  HIS A CD2 1 
ATOM   262  C CE1 . HIS A 1 31  ? 0.123   -3.802  11.440  1.00 18.74 ? 31  HIS A CE1 1 
ATOM   263  N NE2 . HIS A 1 31  ? 1.101   -4.461  12.038  1.00 15.38 ? 31  HIS A NE2 1 
ATOM   264  N N   . LEU A 1 32  ? 3.535   -4.094  8.022   1.00 16.38 ? 32  LEU A N   1 
ATOM   265  C CA  . LEU A 1 32  ? 4.877   -3.719  8.482   1.00 17.79 ? 32  LEU A CA  1 
ATOM   266  C C   . LEU A 1 32  ? 4.891   -3.698  10.016  1.00 17.90 ? 32  LEU A C   1 
ATOM   267  O O   . LEU A 1 32  ? 4.006   -3.085  10.644  1.00 18.00 ? 32  LEU A O   1 
ATOM   268  C CB  . LEU A 1 32  ? 5.264   -2.349  7.889   1.00 18.10 ? 32  LEU A CB  1 
ATOM   269  C CG  . LEU A 1 32  ? 6.553   -1.715  8.419   1.00 18.99 ? 32  LEU A CG  1 
ATOM   270  C CD1 . LEU A 1 32  ? 7.733   -2.554  7.938   1.00 19.50 ? 32  LEU A CD1 1 
ATOM   271  C CD2 . LEU A 1 32  ? 6.703   -0.256  7.976   1.00 19.96 ? 32  LEU A CD2 1 
ATOM   272  N N   . LEU A 1 33  ? 5.860   -4.387  10.614  1.00 17.94 ? 33  LEU A N   1 
ATOM   273  C CA  . LEU A 1 33  ? 5.945   -4.441  12.085  1.00 18.70 ? 33  LEU A CA  1 
ATOM   274  C C   . LEU A 1 33  ? 6.871   -3.366  12.620  1.00 19.77 ? 33  LEU A C   1 
ATOM   275  O O   . LEU A 1 33  ? 6.547   -2.696  13.594  1.00 20.42 ? 33  LEU A O   1 
ATOM   276  C CB  . LEU A 1 33  ? 6.420   -5.806  12.562  1.00 18.28 ? 33  LEU A CB  1 
ATOM   277  C CG  . LEU A 1 33  ? 5.365   -6.901  12.367  1.00 17.36 ? 33  LEU A CG  1 
ATOM   278  C CD1 . LEU A 1 33  ? 6.005   -8.282  12.485  1.00 16.93 ? 33  LEU A CD1 1 
ATOM   279  C CD2 . LEU A 1 33  ? 4.215   -6.739  13.376  1.00 17.44 ? 33  LEU A CD2 1 
ATOM   280  N N   . THR A 1 34  ? 8.037   -3.237  11.991  1.00 20.45 ? 34  THR A N   1 
ATOM   281  C CA  . THR A 1 34  ? 9.040   -2.262  12.413  1.00 21.39 ? 34  THR A CA  1 
ATOM   282  C C   . THR A 1 34  ? 10.105  -2.148  11.336  1.00 22.33 ? 34  THR A C   1 
ATOM   283  O O   . THR A 1 34  ? 10.259  -3.062  10.541  1.00 22.75 ? 34  THR A O   1 
ATOM   284  C CB  . THR A 1 34  ? 9.703   -2.685  13.752  1.00 21.89 ? 34  THR A CB  1 
ATOM   285  O OG1 . THR A 1 34  ? 10.668  -1.706  14.149  1.00 22.84 ? 34  THR A OG1 1 
ATOM   286  C CG2 . THR A 1 34  ? 10.379  -4.064  13.646  1.00 20.93 ? 34  THR A CG2 1 
ATOM   287  N N   . LYS A 1 35  ? 10.830  -1.028  11.326  1.00 23.65 ? 35  LYS A N   1 
ATOM   288  C CA  . LYS A 1 35  ? 12.013  -0.891  10.476  1.00 25.36 ? 35  LYS A CA  1 
ATOM   289  C C   . LYS A 1 35  ? 13.282  -1.291  11.233  1.00 25.78 ? 35  LYS A C   1 
ATOM   290  O O   . LYS A 1 35  ? 14.383  -1.308  10.662  1.00 26.34 ? 35  LYS A O   1 
ATOM   291  C CB  . LYS A 1 35  ? 12.083  0.520   9.875   1.00 25.53 ? 35  LYS A CB  1 
ATOM   292  C CG  . LYS A 1 35  ? 10.866  0.822   9.002   1.00 27.40 ? 35  LYS A CG  1 
ATOM   293  C CD  . LYS A 1 35  ? 11.027  2.101   8.190   1.00 30.21 ? 35  LYS A CD  1 
ATOM   294  C CE  . LYS A 1 35  ? 9.741   2.384   7.427   1.00 32.84 ? 35  LYS A CE  1 
ATOM   295  N NZ  . LYS A 1 35  ? 9.844   3.582   6.560   1.00 33.23 ? 35  LYS A NZ  1 
ATOM   296  N N   . SER A 1 36  ? 13.115  -1.636  12.511  1.00 26.05 ? 36  SER A N   1 
ATOM   297  C CA  . SER A 1 36  ? 14.215  -2.124  13.355  1.00 26.57 ? 36  SER A CA  1 
ATOM   298  C C   . SER A 1 36  ? 14.784  -3.455  12.867  1.00 26.45 ? 36  SER A C   1 
ATOM   299  O O   . SER A 1 36  ? 14.028  -4.383  12.554  1.00 26.04 ? 36  SER A O   1 
ATOM   300  C CB  . SER A 1 36  ? 13.737  -2.293  14.800  1.00 26.68 ? 36  SER A CB  1 
ATOM   301  O OG  . SER A 1 36  ? 14.693  -3.009  15.560  1.00 26.91 ? 36  SER A OG  1 
ATOM   302  N N   . PRO A 1 37  ? 16.126  -3.565  12.808  1.00 27.25 ? 37  PRO A N   1 
ATOM   303  C CA  . PRO A 1 37  ? 16.780  -4.827  12.459  1.00 27.31 ? 37  PRO A CA  1 
ATOM   304  C C   . PRO A 1 37  ? 16.667  -5.897  13.562  1.00 27.42 ? 37  PRO A C   1 
ATOM   305  O O   . PRO A 1 37  ? 17.106  -7.032  13.371  1.00 27.78 ? 37  PRO A O   1 
ATOM   306  C CB  . PRO A 1 37  ? 18.253  -4.419  12.269  1.00 27.92 ? 37  PRO A CB  1 
ATOM   307  C CG  . PRO A 1 37  ? 18.417  -3.217  13.143  1.00 27.71 ? 37  PRO A CG  1 
ATOM   308  C CD  . PRO A 1 37  ? 17.100  -2.485  13.063  1.00 27.34 ? 37  PRO A CD  1 
ATOM   309  N N   . ASP A 1 38  ? 16.065  -5.536  14.695  1.00 27.09 ? 38  ASP A N   1 
ATOM   310  C CA  . ASP A 1 38  ? 15.937  -6.423  15.843  1.00 26.73 ? 38  ASP A CA  1 
ATOM   311  C C   . ASP A 1 38  ? 14.671  -7.272  15.737  1.00 25.46 ? 38  ASP A C   1 
ATOM   312  O O   . ASP A 1 38  ? 13.559  -6.745  15.860  1.00 25.07 ? 38  ASP A O   1 
ATOM   313  C CB  . ASP A 1 38  ? 15.872  -5.566  17.118  1.00 27.55 ? 38  ASP A CB  1 
ATOM   314  C CG  . ASP A 1 38  ? 16.019  -6.374  18.395  1.00 31.19 ? 38  ASP A CG  1 
ATOM   315  O OD1 . ASP A 1 38  ? 15.963  -7.627  18.368  1.00 34.56 ? 38  ASP A OD1 1 
ATOM   316  O OD2 . ASP A 1 38  ? 16.204  -5.730  19.455  1.00 36.18 ? 38  ASP A OD2 1 
ATOM   317  N N   . LEU A 1 39  ? 14.835  -8.574  15.514  1.00 24.22 ? 39  LEU A N   1 
ATOM   318  C CA  . LEU A 1 39  ? 13.695  -9.487  15.433  1.00 23.43 ? 39  LEU A CA  1 
ATOM   319  C C   . LEU A 1 39  ? 12.837  -9.455  16.698  1.00 22.63 ? 39  LEU A C   1 
ATOM   320  O O   . LEU A 1 39  ? 11.608  -9.570  16.638  1.00 22.12 ? 39  LEU A O   1 
ATOM   321  C CB  . LEU A 1 39  ? 14.153  -10.918 15.127  1.00 23.29 ? 39  LEU A CB  1 
ATOM   322  C CG  . LEU A 1 39  ? 13.089  -12.023 15.053  1.00 23.18 ? 39  LEU A CG  1 
ATOM   323  C CD1 . LEU A 1 39  ? 11.990  -11.746 14.003  1.00 23.41 ? 39  LEU A CD1 1 
ATOM   324  C CD2 . LEU A 1 39  ? 13.766  -13.351 14.782  1.00 24.30 ? 39  LEU A CD2 1 
ATOM   325  N N   . ASN A 1 40  ? 13.471  -9.288  17.850  1.00 22.51 ? 40  ASN A N   1 
ATOM   326  C CA  . ASN A 1 40  ? 12.701  -9.186  19.088  1.00 22.17 ? 40  ASN A CA  1 
ATOM   327  C C   . ASN A 1 40  ? 11.796  -7.944  19.137  1.00 21.69 ? 40  ASN A C   1 
ATOM   328  O O   . ASN A 1 40  ? 10.711  -7.998  19.717  1.00 21.24 ? 40  ASN A O   1 
ATOM   329  C CB  . ASN A 1 40  ? 13.624  -9.228  20.314  1.00 23.20 ? 40  ASN A CB  1 
ATOM   330  C CG  . ASN A 1 40  ? 14.251  -10.600 20.542  1.00 25.54 ? 40  ASN A CG  1 
ATOM   331  O OD1 . ASN A 1 40  ? 13.613  -11.640 20.357  1.00 28.91 ? 40  ASN A OD1 1 
ATOM   332  N ND2 . ASN A 1 40  ? 15.511  -10.599 20.972  1.00 28.48 ? 40  ASN A ND2 1 
ATOM   333  N N   . ALA A 1 41  ? 12.245  -6.832  18.549  1.00 21.13 ? 41  ALA A N   1 
ATOM   334  C CA  . ALA A 1 41  ? 11.443  -5.610  18.506  1.00 20.35 ? 41  ALA A CA  1 
ATOM   335  C C   . ALA A 1 41  ? 10.235  -5.875  17.623  1.00 19.56 ? 41  ALA A C   1 
ATOM   336  O O   . ALA A 1 41  ? 9.129   -5.423  17.924  1.00 19.47 ? 41  ALA A O   1 
ATOM   337  C CB  . ALA A 1 41  ? 12.242  -4.443  17.989  1.00 20.75 ? 41  ALA A CB  1 
ATOM   338  N N   . ALA A 1 42  ? 10.440  -6.648  16.557  1.00 18.82 ? 42  ALA A N   1 
ATOM   339  C CA  . ALA A 1 42  ? 9.331   -7.009  15.645  1.00 17.96 ? 42  ALA A CA  1 
ATOM   340  C C   . ALA A 1 42  ? 8.317   -7.927  16.318  1.00 18.01 ? 42  ALA A C   1 
ATOM   341  O O   . ALA A 1 42  ? 7.100   -7.735  16.188  1.00 18.40 ? 42  ALA A O   1 
ATOM   342  C CB  . ALA A 1 42  ? 9.886   -7.636  14.343  1.00 19.24 ? 42  ALA A CB  1 
ATOM   343  N N   . LYS A 1 43  ? 8.808   -8.918  17.062  1.00 17.55 ? 43  LYS A N   1 
ATOM   344  C CA  . LYS A 1 43  ? 7.920   -9.806  17.815  1.00 16.96 ? 43  LYS A CA  1 
ATOM   345  C C   . LYS A 1 43  ? 7.123   -9.033  18.857  1.00 16.21 ? 43  LYS A C   1 
ATOM   346  O O   . LYS A 1 43  ? 5.946   -9.336  19.073  1.00 16.16 ? 43  LYS A O   1 
ATOM   347  C CB  . LYS A 1 43  ? 8.706   -10.936 18.478  1.00 17.50 ? 43  LYS A CB  1 
ATOM   348  C CG  . LYS A 1 43  ? 9.216   -11.957 17.465  1.00 19.10 ? 43  LYS A CG  1 
ATOM   349  C CD  . LYS A 1 43  ? 10.114  -12.976 18.142  1.00 22.70 ? 43  LYS A CD  1 
ATOM   350  C CE  . LYS A 1 43  ? 10.420  -14.126 17.204  1.00 25.74 ? 43  LYS A CE  1 
ATOM   351  N NZ  . LYS A 1 43  ? 11.100  -15.226 17.930  1.00 28.28 ? 43  LYS A NZ  1 
ATOM   352  N N   . SER A 1 44  ? 7.744   -8.023  19.473  1.00 16.65 ? 44  SER A N   1 
ATOM   353  C CA  . SER A 1 44  ? 7.024   -7.179  20.440  1.00 17.13 ? 44  SER A CA  1 
ATOM   354  C C   . SER A 1 44  ? 5.900   -6.403  19.742  1.00 17.24 ? 44  SER A C   1 
ATOM   355  O O   . SER A 1 44  ? 4.762   -6.373  20.221  1.00 16.38 ? 44  SER A O   1 
ATOM   356  C CB  . SER A 1 44  ? 7.973   -6.217  21.170  1.00 18.66 ? 44  SER A CB  1 
ATOM   357  O OG  . SER A 1 44  ? 7.259   -5.546  22.184  1.00 23.33 ? 44  SER A OG  1 
ATOM   358  N N   . GLU A 1 45  ? 6.218   -5.778  18.605  1.00 16.21 ? 45  GLU A N   1 
ATOM   359  C CA  . GLU A 1 45  ? 5.196   -5.060  17.829  1.00 15.95 ? 45  GLU A CA  1 
ATOM   360  C C   . GLU A 1 45  ? 4.059   -5.986  17.402  1.00 16.11 ? 45  GLU A C   1 
ATOM   361  O O   . GLU A 1 45  ? 2.891   -5.595  17.419  1.00 16.63 ? 45  GLU A O   1 
ATOM   362  C CB  . GLU A 1 45  ? 5.815   -4.375  16.612  1.00 15.85 ? 45  GLU A CB  1 
ATOM   363  C CG  . GLU A 1 45  ? 6.729   -3.214  17.012  1.00 16.54 ? 45  GLU A CG  1 
ATOM   364  C CD  . GLU A 1 45  ? 5.978   -2.111  17.753  1.00 18.62 ? 45  GLU A CD  1 
ATOM   365  O OE1 . GLU A 1 45  ? 4.903   -1.663  17.292  1.00 19.42 ? 45  GLU A OE1 1 
ATOM   366  O OE2 . GLU A 1 45  ? 6.466   -1.689  18.814  1.00 20.96 ? 45  GLU A OE2 1 
ATOM   367  N N   . LEU A 1 46  ? 4.396   -7.219  17.045  1.00 15.63 ? 46  LEU A N   1 
ATOM   368  C CA  . LEU A 1 46  ? 3.375   -8.192  16.653  1.00 15.62 ? 46  LEU A CA  1 
ATOM   369  C C   . LEU A 1 46  ? 2.411   -8.477  17.809  1.00 16.39 ? 46  LEU A C   1 
ATOM   370  O O   . LEU A 1 46  ? 1.189   -8.386  17.660  1.00 16.65 ? 46  LEU A O   1 
ATOM   371  C CB  . LEU A 1 46  ? 4.018   -9.491  16.164  1.00 14.85 ? 46  LEU A CB  1 
ATOM   372  C CG  . LEU A 1 46  ? 3.039   -10.582 15.728  1.00 14.52 ? 46  LEU A CG  1 
ATOM   373  C CD1 . LEU A 1 46  ? 2.063   -10.094 14.615  1.00 17.57 ? 46  LEU A CD1 1 
ATOM   374  C CD2 . LEU A 1 46  ? 3.780   -11.820 15.284  1.00 18.27 ? 46  LEU A CD2 1 
ATOM   375  N N   . ASP A 1 47  ? 2.976   -8.826  18.954  1.00 16.00 ? 47  ASP A N   1 
ATOM   376  C CA  . ASP A 1 47  ? 2.184   -9.133  20.140  1.00 16.58 ? 47  ASP A CA  1 
ATOM   377  C C   . ASP A 1 47  ? 1.277   -7.950  20.513  1.00 16.36 ? 47  ASP A C   1 
ATOM   378  O O   . ASP A 1 47  ? 0.113   -8.146  20.892  1.00 16.35 ? 47  ASP A O   1 
ATOM   379  C CB  . ASP A 1 47  ? 3.124   -9.506  21.296  1.00 16.82 ? 47  ASP A CB  1 
ATOM   380  C CG  . ASP A 1 47  ? 3.890   -10.803 21.031  1.00 17.48 ? 47  ASP A CG  1 
ATOM   381  O OD1 . ASP A 1 47  ? 3.561   -11.518 20.052  1.00 18.03 ? 47  ASP A OD1 1 
ATOM   382  O OD2 . ASP A 1 47  ? 4.789   -11.139 21.851  1.00 19.65 ? 47  ASP A OD2 1 
ATOM   383  N N   . LYS A 1 48  ? 1.823   -6.739  20.389  1.00 16.50 ? 48  LYS A N   1 
ATOM   384  C CA  . LYS A 1 48  ? 1.082   -5.503  20.674  1.00 15.57 ? 48  LYS A CA  1 
ATOM   385  C C   . LYS A 1 48  ? -0.077  -5.354  19.694  1.00 15.92 ? 48  LYS A C   1 
ATOM   386  O O   . LYS A 1 48  ? -1.204  -5.030  20.090  1.00 15.50 ? 48  LYS A O   1 
ATOM   387  C CB  . LYS A 1 48  ? 2.028   -4.291  20.627  1.00 15.42 ? 48  LYS A CB  1 
ATOM   388  C CG  . LYS A 1 48  ? 1.351   -2.945  20.918  1.00 16.70 ? 48  LYS A CG  1 
ATOM   389  C CD  . LYS A 1 48  ? 2.343   -1.862  21.300  1.00 16.59 ? 48  LYS A CD  1 
ATOM   390  C CE  . LYS A 1 48  ? 3.455   -1.677  20.268  1.00 20.15 ? 48  LYS A CE  1 
ATOM   391  N NZ  . LYS A 1 48  ? 3.042   -0.869  19.115  1.00 18.60 ? 48  LYS A NZ  1 
ATOM   392  N N   . ALA A 1 49  ? 0.201   -5.622  18.419  1.00 15.04 ? 49  ALA A N   1 
ATOM   393  C CA  . ALA A 1 49  ? -0.817  -5.487  17.364  1.00 16.74 ? 49  ALA A CA  1 
ATOM   394  C C   . ALA A 1 49  ? -1.991  -6.469  17.496  1.00 17.45 ? 49  ALA A C   1 
ATOM   395  O O   . ALA A 1 49  ? -3.159  -6.099  17.263  1.00 17.46 ? 49  ALA A O   1 
ATOM   396  C CB  . ALA A 1 49  ? -0.140  -5.627  15.999  1.00 15.91 ? 49  ALA A CB  1 
ATOM   397  N N   . ILE A 1 50  ? -1.682  -7.696  17.907  1.00 17.46 ? 50  ILE A N   1 
ATOM   398  C CA  . ILE A 1 50  ? -2.658  -8.799  17.951  1.00 18.32 ? 50  ILE A CA  1 
ATOM   399  C C   . ILE A 1 50  ? -3.320  -8.930  19.331  1.00 18.72 ? 50  ILE A C   1 
ATOM   400  O O   . ILE A 1 50  ? -4.468  -9.392  19.448  1.00 18.86 ? 50  ILE A O   1 
ATOM   401  C CB  . ILE A 1 50  ? -1.981  -10.144 17.552  1.00 18.46 ? 50  ILE A CB  1 
ATOM   402  C CG1 . ILE A 1 50  ? -1.472  -10.082 16.090  1.00 19.64 ? 50  ILE A CG1 1 
ATOM   403  C CG2 . ILE A 1 50  ? -2.902  -11.339 17.750  1.00 18.56 ? 50  ILE A CG2 1 
ATOM   404  C CD1 . ILE A 1 50  ? -2.573  -9.949  15.045  1.00 21.47 ? 50  ILE A CD1 1 
ATOM   405  N N   . GLY A 1 51  ? -2.581  -8.530  20.359  1.00 18.89 ? 51  GLY A N   1 
ATOM   406  C CA  . GLY A 1 51  ? -3.070  -8.575  21.747  1.00 20.20 ? 51  GLY A CA  1 
ATOM   407  C C   . GLY A 1 51  ? -2.879  -9.909  22.443  1.00 21.80 ? 51  GLY A C   1 
ATOM   408  O O   . GLY A 1 51  ? -3.590  -10.236 23.406  1.00 22.52 ? 51  GLY A O   1 
ATOM   409  N N   . ARG A 1 52  ? -1.912  -10.687 21.970  1.00 21.46 ? 52  ARG A N   1 
ATOM   410  C CA  . ARG A 1 52  ? -1.555  -11.949 22.625  1.00 22.05 ? 52  ARG A CA  1 
ATOM   411  C C   . ARG A 1 52  ? -0.099  -12.226 22.312  1.00 21.88 ? 52  ARG A C   1 
ATOM   412  O O   . ARG A 1 52  ? 0.472   -11.578 21.429  1.00 21.37 ? 52  ARG A O   1 
ATOM   413  C CB  . ARG A 1 52  ? -2.458  -13.103 22.150  1.00 22.18 ? 52  ARG A CB  1 
ATOM   414  C CG  . ARG A 1 52  ? -2.337  -13.443 20.654  1.00 22.60 ? 52  ARG A CG  1 
ATOM   415  C CD  . ARG A 1 52  ? -3.163  -14.669 20.235  1.00 23.42 ? 52  ARG A CD  1 
ATOM   416  N NE  . ARG A 1 52  ? -2.885  -14.987 18.829  1.00 25.09 ? 52  ARG A NE  1 
ATOM   417  C CZ  . ARG A 1 52  ? -1.866  -15.730 18.403  1.00 25.18 ? 52  ARG A CZ  1 
ATOM   418  N NH1 . ARG A 1 52  ? -1.031  -16.290 19.275  1.00 26.81 ? 52  ARG A NH1 1 
ATOM   419  N NH2 . ARG A 1 52  ? -1.689  -15.931 17.097  1.00 25.63 ? 52  ARG A NH2 1 
ATOM   420  N N   . ASN A 1 53  ? 0.499   -13.187 23.020  1.00 22.36 ? 53  ASN A N   1 
ATOM   421  C CA  . ASN A 1 53  ? 1.879   -13.566 22.763  1.00 22.89 ? 53  ASN A CA  1 
ATOM   422  C C   . ASN A 1 53  ? 1.900   -14.527 21.570  1.00 21.81 ? 53  ASN A C   1 
ATOM   423  O O   . ASN A 1 53  ? 1.519   -15.682 21.700  1.00 21.85 ? 53  ASN A O   1 
ATOM   424  C CB  . ASN A 1 53  ? 2.508   -14.235 24.005  1.00 23.85 ? 53  ASN A CB  1 
ATOM   425  C CG  . ASN A 1 53  ? 4.017   -14.436 23.859  1.00 27.35 ? 53  ASN A CG  1 
ATOM   426  O OD1 . ASN A 1 53  ? 4.493   -15.004 22.869  1.00 31.27 ? 53  ASN A OD1 1 
ATOM   427  N ND2 . ASN A 1 53  ? 4.777   -13.970 24.846  1.00 32.49 ? 53  ASN A ND2 1 
ATOM   428  N N   . CYS A 1 54  ? 2.340   -14.037 20.417  1.00 21.27 ? 54  CYS A N   1 
ATOM   429  C CA  . CYS A 1 54  ? 2.218   -14.773 19.155  1.00 21.35 ? 54  CYS A CA  1 
ATOM   430  C C   . CYS A 1 54  ? 3.445   -15.590 18.782  1.00 21.76 ? 54  CYS A C   1 
ATOM   431  O O   . CYS A 1 54  ? 3.350   -16.450 17.908  1.00 22.68 ? 54  CYS A O   1 
ATOM   432  C CB  . CYS A 1 54  ? 1.961   -13.808 17.993  1.00 20.53 ? 54  CYS A CB  1 
ATOM   433  S SG  . CYS A 1 54  ? 0.432   -12.882 18.103  1.00 20.89 ? 54  CYS A SG  1 
ATOM   434  N N   . ASN A 1 55  ? 4.580   -15.286 19.420  1.00 22.44 ? 55  ASN A N   1 
ATOM   435  C CA  A ASN A 1 55  ? 5.888   -15.855 19.054  0.50 22.90 ? 55  ASN A CA  1 
ATOM   436  C CA  B ASN A 1 55  ? 5.863   -15.883 19.063  0.50 23.11 ? 55  ASN A CA  1 
ATOM   437  C C   . ASN A 1 55  ? 6.072   -15.947 17.536  1.00 22.67 ? 55  ASN A C   1 
ATOM   438  O O   . ASN A 1 55  ? 6.434   -17.003 16.974  1.00 22.99 ? 55  ASN A O   1 
ATOM   439  C CB  A ASN A 1 55  ? 6.147   -17.198 19.746  0.50 23.56 ? 55  ASN A CB  1 
ATOM   440  C CB  B ASN A 1 55  ? 6.015   -17.245 19.749  0.50 23.93 ? 55  ASN A CB  1 
ATOM   441  C CG  A ASN A 1 55  ? 7.606   -17.654 19.632  0.50 24.09 ? 55  ASN A CG  1 
ATOM   442  C CG  B ASN A 1 55  ? 5.959   -17.136 21.270  0.50 25.32 ? 55  ASN A CG  1 
ATOM   443  O OD1 A ASN A 1 55  ? 8.529   -16.846 19.469  0.50 27.31 ? 55  ASN A OD1 1 
ATOM   444  O OD1 B ASN A 1 55  ? 6.852   -16.562 21.895  0.50 28.09 ? 55  ASN A OD1 1 
ATOM   445  N ND2 A ASN A 1 55  ? 7.810   -18.956 19.719  0.50 25.67 ? 55  ASN A ND2 1 
ATOM   446  N ND2 B ASN A 1 55  ? 4.906   -17.685 21.867  0.50 29.04 ? 55  ASN A ND2 1 
ATOM   447  N N   . GLY A 1 56  ? 5.808   -14.819 16.877  1.00 21.80 ? 56  GLY A N   1 
ATOM   448  C CA  . GLY A 1 56  ? 6.127   -14.634 15.460  1.00 20.68 ? 56  GLY A CA  1 
ATOM   449  C C   . GLY A 1 56  ? 5.224   -15.294 14.442  1.00 20.31 ? 56  GLY A C   1 
ATOM   450  O O   . GLY A 1 56  ? 5.567   -15.323 13.259  1.00 19.52 ? 56  GLY A O   1 
ATOM   451  N N   . VAL A 1 57  ? 4.079   -15.811 14.896  1.00 19.78 ? 57  VAL A N   1 
ATOM   452  C CA  . VAL A 1 57  ? 3.140   -16.518 14.028  1.00 19.67 ? 57  VAL A CA  1 
ATOM   453  C C   . VAL A 1 57  ? 1.704   -16.077 14.307  1.00 19.58 ? 57  VAL A C   1 
ATOM   454  O O   . VAL A 1 57  ? 1.310   -15.905 15.458  1.00 19.74 ? 57  VAL A O   1 
ATOM   455  C CB  . VAL A 1 57  ? 3.251   -18.057 14.174  1.00 20.30 ? 57  VAL A CB  1 
ATOM   456  C CG1 . VAL A 1 57  ? 2.311   -18.735 13.201  1.00 20.52 ? 57  VAL A CG1 1 
ATOM   457  C CG2 . VAL A 1 57  ? 4.674   -18.511 13.902  1.00 21.63 ? 57  VAL A CG2 1 
ATOM   458  N N   . ILE A 1 58  ? 0.937   -15.880 13.239  1.00 18.35 ? 58  ILE A N   1 
ATOM   459  C CA  . ILE A 1 58  ? -0.479  -15.544 13.368  1.00 17.91 ? 58  ILE A CA  1 
ATOM   460  C C   . ILE A 1 58  ? -1.372  -16.413 12.477  1.00 18.01 ? 58  ILE A C   1 
ATOM   461  O O   . ILE A 1 58  ? -0.885  -17.181 11.629  1.00 17.76 ? 58  ILE A O   1 
ATOM   462  C CB  . ILE A 1 58  ? -0.732  -14.042 13.081  1.00 17.53 ? 58  ILE A CB  1 
ATOM   463  C CG1 . ILE A 1 58  ? -0.349  -13.708 11.624  1.00 17.13 ? 58  ILE A CG1 1 
ATOM   464  C CG2 . ILE A 1 58  ? 0.030   -13.149 14.096  1.00 18.55 ? 58  ILE A CG2 1 
ATOM   465  C CD1 . ILE A 1 58  ? -0.824  -12.324 11.176  1.00 17.08 ? 58  ILE A CD1 1 
ATOM   466  N N   . THR A 1 59  ? -2.688  -16.297 12.660  1.00 18.23 ? 59  THR A N   1 
ATOM   467  C CA  . THR A 1 59  ? -3.641  -17.044 11.844  1.00 18.86 ? 59  THR A CA  1 
ATOM   468  C C   . THR A 1 59  ? -4.116  -16.211 10.644  1.00 18.80 ? 59  THR A C   1 
ATOM   469  O O   . THR A 1 59  ? -3.914  -14.993 10.604  1.00 18.79 ? 59  THR A O   1 
ATOM   470  C CB  . THR A 1 59  ? -4.867  -17.440 12.677  1.00 19.04 ? 59  THR A CB  1 
ATOM   471  O OG1 . THR A 1 59  ? -5.593  -16.254 13.027  1.00 20.36 ? 59  THR A OG1 1 
ATOM   472  C CG2 . THR A 1 59  ? -4.419  -18.155 13.969  1.00 19.99 ? 59  THR A CG2 1 
ATOM   473  N N   . LYS A 1 60  ? -4.770  -16.863 9.680   1.00 19.25 ? 60  LYS A N   1 
ATOM   474  C CA  . LYS A 1 60  ? -5.320  -16.145 8.528   1.00 19.39 ? 60  LYS A CA  1 
ATOM   475  C C   . LYS A 1 60  ? -6.296  -15.065 8.974   1.00 19.18 ? 60  LYS A C   1 
ATOM   476  O O   . LYS A 1 60  ? -6.238  -13.936 8.474   1.00 18.54 ? 60  LYS A O   1 
ATOM   477  C CB  . LYS A 1 60  ? -5.977  -17.102 7.535   1.00 19.76 ? 60  LYS A CB  1 
ATOM   478  C CG  . LYS A 1 60  ? -6.439  -16.419 6.257   1.00 21.47 ? 60  LYS A CG  1 
ATOM   479  C CD  . LYS A 1 60  ? -6.776  -17.441 5.189   1.00 24.66 ? 60  LYS A CD  1 
ATOM   480  C CE  . LYS A 1 60  ? -7.394  -16.780 3.969   1.00 26.97 ? 60  LYS A CE  1 
ATOM   481  N NZ  . LYS A 1 60  ? -7.498  -17.750 2.834   0.50 28.57 ? 60  LYS A NZ  1 
ATOM   482  N N   . ASP A 1 61  ? -7.174  -15.395 9.928   1.00 18.89 ? 61  ASP A N   1 
ATOM   483  C CA  . ASP A 1 61  ? -8.133  -14.419 10.424  1.00 19.16 ? 61  ASP A CA  1 
ATOM   484  C C   . ASP A 1 61  ? -7.422  -13.206 11.023  1.00 18.08 ? 61  ASP A C   1 
ATOM   485  O O   . ASP A 1 61  ? -7.840  -12.083 10.795  1.00 17.94 ? 61  ASP A O   1 
ATOM   486  C CB  . ASP A 1 61  ? -9.116  -15.023 11.440  1.00 19.49 ? 61  ASP A CB  1 
ATOM   487  C CG  . ASP A 1 61  ? -10.092 -16.016 10.804  1.00 24.57 ? 61  ASP A CG  1 
ATOM   488  O OD1 . ASP A 1 61  ? -10.957 -16.540 11.542  1.00 29.35 ? 61  ASP A OD1 1 
ATOM   489  O OD2 . ASP A 1 61  ? -9.999  -16.286 9.581   1.00 27.17 ? 61  ASP A OD2 1 
ATOM   490  N N   . GLU A 1 62  ? -6.349  -13.437 11.787  1.00 16.57 ? 62  GLU A N   1 
ATOM   491  C CA  . GLU A 1 62  ? -5.606  -12.338 12.400  1.00 16.87 ? 62  GLU A CA  1 
ATOM   492  C C   . GLU A 1 62  ? -4.933  -11.495 11.324  1.00 16.29 ? 62  GLU A C   1 
ATOM   493  O O   . GLU A 1 62  ? -4.899  -10.267 11.424  1.00 15.76 ? 62  GLU A O   1 
ATOM   494  C CB  . GLU A 1 62  ? -4.586  -12.862 13.409  1.00 15.79 ? 62  GLU A CB  1 
ATOM   495  C CG  . GLU A 1 62  ? -5.255  -13.414 14.674  1.00 17.17 ? 62  GLU A CG  1 
ATOM   496  C CD  . GLU A 1 62  ? -4.308  -14.207 15.591  1.00 19.73 ? 62  GLU A CD  1 
ATOM   497  O OE1 . GLU A 1 62  ? -3.251  -14.699 15.134  1.00 20.46 ? 62  GLU A OE1 1 
ATOM   498  O OE2 . GLU A 1 62  ? -4.654  -14.348 16.787  1.00 19.66 ? 62  GLU A OE2 1 
ATOM   499  N N   . ALA A 1 63  ? -4.417  -12.158 10.295  1.00 15.98 ? 63  ALA A N   1 
ATOM   500  C CA  . ALA A 1 63  ? -3.795  -11.428 9.176   1.00 15.53 ? 63  ALA A CA  1 
ATOM   501  C C   . ALA A 1 63  ? -4.809  -10.513 8.517   1.00 15.27 ? 63  ALA A C   1 
ATOM   502  O O   . ALA A 1 63  ? -4.526  -9.337  8.231   1.00 15.26 ? 63  ALA A O   1 
ATOM   503  C CB  . ALA A 1 63  ? -3.214  -12.388 8.159   1.00 16.50 ? 63  ALA A CB  1 
ATOM   504  N N   . GLU A 1 64  ? -5.999  -11.062 8.275   1.00 15.18 ? 64  GLU A N   1 
ATOM   505  C CA  . GLU A 1 64  ? -7.053  -10.295 7.623   1.00 15.50 ? 64  GLU A CA  1 
ATOM   506  C C   . GLU A 1 64  ? -7.547  -9.144  8.490   1.00 15.47 ? 64  GLU A C   1 
ATOM   507  O O   . GLU A 1 64  ? -7.859  -8.081  7.973   1.00 15.07 ? 64  GLU A O   1 
ATOM   508  C CB  . GLU A 1 64  ? -8.191  -11.210 7.183   1.00 16.67 ? 64  GLU A CB  1 
ATOM   509  C CG  . GLU A 1 64  ? -7.752  -12.126 6.035   1.00 17.98 ? 64  GLU A CG  1 
ATOM   510  C CD  . GLU A 1 64  ? -8.737  -13.219 5.722   1.00 23.02 ? 64  GLU A CD  1 
ATOM   511  O OE1 . GLU A 1 64  ? -9.616  -13.514 6.567   1.00 24.28 ? 64  GLU A OE1 1 
ATOM   512  O OE2 . GLU A 1 64  ? -8.596  -13.810 4.628   1.00 25.13 ? 64  GLU A OE2 1 
ATOM   513  N N   . LYS A 1 65  ? -7.549  -9.334  9.815   1.00 15.68 ? 65  LYS A N   1 
ATOM   514  C CA  . LYS A 1 65  ? -7.911  -8.259  10.714  1.00 16.42 ? 65  LYS A CA  1 
ATOM   515  C C   . LYS A 1 65  ? -6.941  -7.090  10.624  1.00 15.45 ? 65  LYS A C   1 
ATOM   516  O O   . LYS A 1 65  ? -7.352  -5.932  10.509  1.00 16.40 ? 65  LYS A O   1 
ATOM   517  C CB  . LYS A 1 65  ? -8.045  -8.778  12.153  1.00 16.73 ? 65  LYS A CB  1 
ATOM   518  C CG  . LYS A 1 65  ? -8.574  -7.746  13.085  1.00 18.24 ? 65  LYS A CG  1 
ATOM   519  C CD  . LYS A 1 65  ? -8.975  -8.352  14.410  1.00 21.65 ? 65  LYS A CD  1 
ATOM   520  C CE  . LYS A 1 65  ? -9.337  -7.223  15.359  1.00 25.51 ? 65  LYS A CE  1 
ATOM   521  N NZ  . LYS A 1 65  ? -10.459 -7.557  16.264  1.00 27.01 ? 65  LYS A NZ  1 
ATOM   522  N N   . LEU A 1 66  ? -5.642  -7.385  10.679  1.00 16.28 ? 66  LEU A N   1 
ATOM   523  C CA  . LEU A 1 66  ? -4.642  -6.342  10.501  1.00 15.74 ? 66  LEU A CA  1 
ATOM   524  C C   . LEU A 1 66  ? -4.788  -5.677  9.138   1.00 15.63 ? 66  LEU A C   1 
ATOM   525  O O   . LEU A 1 66  ? -4.656  -4.455  9.031   1.00 15.08 ? 66  LEU A O   1 
ATOM   526  C CB  . LEU A 1 66  ? -3.231  -6.915  10.674  1.00 16.47 ? 66  LEU A CB  1 
ATOM   527  C CG  . LEU A 1 66  ? -2.927  -7.459  12.081  1.00 16.31 ? 66  LEU A CG  1 
ATOM   528  C CD1 . LEU A 1 66  ? -1.479  -8.003  12.105  1.00 19.83 ? 66  LEU A CD1 1 
ATOM   529  C CD2 . LEU A 1 66  ? -3.146  -6.401  13.181  1.00 19.21 ? 66  LEU A CD2 1 
ATOM   530  N N   . PHE A 1 67  ? -5.071  -6.477  8.112   1.00 15.53 ? 67  PHE A N   1 
ATOM   531  C CA  . PHE A 1 67  ? -5.220  -5.971  6.740   1.00 16.57 ? 67  PHE A CA  1 
ATOM   532  C C   . PHE A 1 67  ? -6.359  -4.949  6.670   1.00 16.94 ? 67  PHE A C   1 
ATOM   533  O O   . PHE A 1 67  ? -6.191  -3.873  6.107   1.00 17.44 ? 67  PHE A O   1 
ATOM   534  C CB  . PHE A 1 67  ? -5.457  -7.148  5.798   1.00 16.72 ? 67  PHE A CB  1 
ATOM   535  C CG  . PHE A 1 67  ? -5.450  -6.798  4.327   1.00 18.62 ? 67  PHE A CG  1 
ATOM   536  C CD1 . PHE A 1 67  ? -4.599  -5.815  3.817   1.00 17.17 ? 67  PHE A CD1 1 
ATOM   537  C CD2 . PHE A 1 67  ? -6.277  -7.512  3.446   1.00 18.82 ? 67  PHE A CD2 1 
ATOM   538  C CE1 . PHE A 1 67  ? -4.579  -5.536  2.443   1.00 18.90 ? 67  PHE A CE1 1 
ATOM   539  C CE2 . PHE A 1 67  ? -6.264  -7.248  2.076   1.00 18.06 ? 67  PHE A CE2 1 
ATOM   540  C CZ  . PHE A 1 67  ? -5.427  -6.255  1.577   1.00 18.24 ? 67  PHE A CZ  1 
ATOM   541  N N   . ASN A 1 68  ? -7.510  -5.281  7.248   1.00 17.56 ? 68  ASN A N   1 
ATOM   542  C CA  A ASN A 1 68  ? -8.658  -4.373  7.297   0.50 17.69 ? 68  ASN A CA  1 
ATOM   543  C CA  B ASN A 1 68  ? -8.632  -4.343  7.251   0.50 17.22 ? 68  ASN A CA  1 
ATOM   544  C C   . ASN A 1 68  ? -8.269  -3.056  7.986   1.00 17.40 ? 68  ASN A C   1 
ATOM   545  O O   . ASN A 1 68  ? -8.568  -1.955  7.519   1.00 16.71 ? 68  ASN A O   1 
ATOM   546  C CB  A ASN A 1 68  ? -9.844  -5.054  8.016   0.50 18.27 ? 68  ASN A CB  1 
ATOM   547  C CB  B ASN A 1 68  ? -9.888  -4.986  7.840   0.50 17.52 ? 68  ASN A CB  1 
ATOM   548  C CG  A ASN A 1 68  ? -10.634 -6.016  7.112   0.50 19.99 ? 68  ASN A CG  1 
ATOM   549  C CG  B ASN A 1 68  ? -11.166 -4.213  7.511   0.50 17.01 ? 68  ASN A CG  1 
ATOM   550  O OD1 A ASN A 1 68  ? -10.902 -5.718  5.951   0.50 22.80 ? 68  ASN A OD1 1 
ATOM   551  O OD1 B ASN A 1 68  ? -11.154 -2.998  7.229   0.50 18.04 ? 68  ASN A OD1 1 
ATOM   552  N ND2 A ASN A 1 68  ? -11.041 -7.160  7.663   0.50 20.42 ? 68  ASN A ND2 1 
ATOM   553  N ND2 B ASN A 1 68  ? -12.289 -4.915  7.584   0.50 17.22 ? 68  ASN A ND2 1 
ATOM   554  N N   . GLN A 1 69  ? -7.583  -3.163  9.121   1.00 16.94 ? 69  GLN A N   1 
ATOM   555  C CA  . GLN A 1 69  ? -7.156  -1.957  9.811   1.00 17.17 ? 69  GLN A CA  1 
ATOM   556  C C   . GLN A 1 69  ? -6.208  -1.124  8.955   1.00 17.41 ? 69  GLN A C   1 
ATOM   557  O O   . GLN A 1 69  ? -6.318  0.100   8.926   1.00 18.51 ? 69  GLN A O   1 
ATOM   558  C CB  . GLN A 1 69  ? -6.491  -2.296  11.146  1.00 16.81 ? 69  GLN A CB  1 
ATOM   559  C CG  . GLN A 1 69  ? -7.454  -3.029  12.072  1.00 17.06 ? 69  GLN A CG  1 
ATOM   560  C CD  . GLN A 1 69  ? -6.896  -3.426  13.427  1.00 18.08 ? 69  GLN A CD  1 
ATOM   561  O OE1 . GLN A 1 69  ? -7.685  -3.664  14.355  1.00 17.50 ? 69  GLN A OE1 1 
ATOM   562  N NE2 . GLN A 1 69  ? -5.554  -3.511  13.560  1.00 17.98 ? 69  GLN A NE2 1 
ATOM   563  N N   . ASP A 1 70  ? -5.282  -1.809  8.274   1.00 17.09 ? 70  ASP A N   1 
ATOM   564  C CA  . ASP A 1 70  ? -4.225  -1.167  7.491   1.00 17.53 ? 70  ASP A CA  1 
ATOM   565  C C   . ASP A 1 70  ? -4.778  -0.469  6.254   1.00 17.74 ? 70  ASP A C   1 
ATOM   566  O O   . ASP A 1 70  ? -4.375  0.651   5.958   1.00 18.95 ? 70  ASP A O   1 
ATOM   567  C CB  . ASP A 1 70  ? -3.142  -2.170  7.105   1.00 17.17 ? 70  ASP A CB  1 
ATOM   568  C CG  . ASP A 1 70  ? -2.290  -2.606  8.307   1.00 17.24 ? 70  ASP A CG  1 
ATOM   569  O OD1 . ASP A 1 70  ? -2.410  -2.014  9.415   1.00 16.67 ? 70  ASP A OD1 1 
ATOM   570  O OD2 . ASP A 1 70  ? -1.499  -3.544  8.133   1.00 18.26 ? 70  ASP A OD2 1 
ATOM   571  N N   . VAL A 1 71  ? -5.709  -1.123  5.574   1.00 18.19 ? 71  VAL A N   1 
ATOM   572  C CA  . VAL A 1 71  ? -6.386  -0.495  4.415   1.00 19.04 ? 71  VAL A CA  1 
ATOM   573  C C   . VAL A 1 71  ? -7.162  0.738   4.865   1.00 19.64 ? 71  VAL A C   1 
ATOM   574  O O   . VAL A 1 71  ? -7.040  1.810   4.269   1.00 19.71 ? 71  VAL A O   1 
ATOM   575  C CB  . VAL A 1 71  ? -7.309  -1.473  3.698   1.00 19.23 ? 71  VAL A CB  1 
ATOM   576  C CG1 . VAL A 1 71  ? -8.120  -0.747  2.599   1.00 18.97 ? 71  VAL A CG1 1 
ATOM   577  C CG2 . VAL A 1 71  ? -6.505  -2.642  3.089   1.00 18.54 ? 71  VAL A CG2 1 
ATOM   578  N N   . ASP A 1 72  ? -7.946  0.585   5.932   1.00 20.44 ? 72  ASP A N   1 
ATOM   579  C CA  A ASP A 1 72  ? -8.721  1.686   6.514   0.50 21.14 ? 72  ASP A CA  1 
ATOM   580  C CA  B ASP A 1 72  ? -8.711  1.710   6.459   0.50 21.29 ? 72  ASP A CA  1 
ATOM   581  C C   . ASP A 1 72  ? -7.785  2.866   6.832   1.00 21.55 ? 72  ASP A C   1 
ATOM   582  O O   . ASP A 1 72  ? -8.055  4.020   6.478   1.00 21.39 ? 72  ASP A O   1 
ATOM   583  C CB  A ASP A 1 72  ? -9.449  1.168   7.769   0.50 21.28 ? 72  ASP A CB  1 
ATOM   584  C CB  B ASP A 1 72  ? -9.590  1.278   7.634   0.50 21.49 ? 72  ASP A CB  1 
ATOM   585  C CG  A ASP A 1 72  ? -10.547 2.103   8.274   0.50 22.54 ? 72  ASP A CG  1 
ATOM   586  C CG  B ASP A 1 72  ? -10.916 0.701   7.188   0.50 23.59 ? 72  ASP A CG  1 
ATOM   587  O OD1 A ASP A 1 72  ? -10.820 3.139   7.648   0.50 23.85 ? 72  ASP A OD1 1 
ATOM   588  O OD1 B ASP A 1 72  ? -10.985 0.120   6.083   0.50 26.00 ? 72  ASP A OD1 1 
ATOM   589  O OD2 A ASP A 1 72  ? -11.157 1.772   9.317   0.50 25.20 ? 72  ASP A OD2 1 
ATOM   590  O OD2 B ASP A 1 72  ? -11.905 0.819   7.948   0.50 26.76 ? 72  ASP A OD2 1 
ATOM   591  N N   . ALA A 1 73  ? -6.663  2.559   7.482   1.00 22.01 ? 73  ALA A N   1 
ATOM   592  C CA  . ALA A 1 73  ? -5.699  3.569   7.896   1.00 23.33 ? 73  ALA A CA  1 
ATOM   593  C C   . ALA A 1 73  ? -5.126  4.309   6.698   1.00 23.23 ? 73  ALA A C   1 
ATOM   594  O O   . ALA A 1 73  ? -4.914  5.531   6.770   1.00 24.46 ? 73  ALA A O   1 
ATOM   595  C CB  . ALA A 1 73  ? -4.567  2.930   8.705   1.00 23.85 ? 73  ALA A CB  1 
ATOM   596  N N   . ALA A 1 74  ? -4.881  3.577   5.612   1.00 22.27 ? 74  ALA A N   1 
ATOM   597  C CA  . ALA A 1 74  ? -4.329  4.164   4.385   1.00 21.65 ? 74  ALA A CA  1 
ATOM   598  C C   . ALA A 1 74  ? -5.313  5.198   3.825   1.00 21.49 ? 74  ALA A C   1 
ATOM   599  O O   . ALA A 1 74  ? -4.919  6.326   3.498   1.00 21.52 ? 74  ALA A O   1 
ATOM   600  C CB  . ALA A 1 74  ? -4.030  3.088   3.346   1.00 21.87 ? 74  ALA A CB  1 
ATOM   601  N N   . VAL A 1 75  ? -6.588  4.821   3.766   1.00 21.33 ? 75  VAL A N   1 
ATOM   602  C CA  . VAL A 1 75  ? -7.635  5.711   3.229   1.00 21.80 ? 75  VAL A CA  1 
ATOM   603  C C   . VAL A 1 75  ? -7.806  6.932   4.118   1.00 22.82 ? 75  VAL A C   1 
ATOM   604  O O   . VAL A 1 75  ? -7.794  8.064   3.627   1.00 23.17 ? 75  VAL A O   1 
ATOM   605  C CB  . VAL A 1 75  ? -9.005  5.018   3.112   1.00 21.31 ? 75  VAL A CB  1 
ATOM   606  C CG1 . VAL A 1 75  ? -10.080 6.053   2.656   1.00 22.01 ? 75  VAL A CG1 1 
ATOM   607  C CG2 . VAL A 1 75  ? -8.945  3.887   2.121   1.00 21.49 ? 75  VAL A CG2 1 
ATOM   608  N N   . ARG A 1 76  ? -7.977  6.696   5.424   1.00 23.25 ? 76  ARG A N   1 
ATOM   609  C CA  . ARG A 1 76  ? -8.218  7.794   6.349   1.00 24.18 ? 76  ARG A CA  1 
ATOM   610  C C   . ARG A 1 76  ? -7.036  8.753   6.333   1.00 24.37 ? 76  ARG A C   1 
ATOM   611  O O   . ARG A 1 76  ? -7.224  9.958   6.414   1.00 24.77 ? 76  ARG A O   1 
ATOM   612  C CB  . ARG A 1 76  ? -8.504  7.284   7.772   1.00 24.25 ? 76  ARG A CB  1 
ATOM   613  C CG  . ARG A 1 76  ? -9.884  6.618   7.946   1.00 25.17 ? 76  ARG A CG  1 
ATOM   614  C CD  . ARG A 1 76  ? -11.056 7.479   7.426   1.00 28.75 ? 76  ARG A CD  1 
ATOM   615  N NE  . ARG A 1 76  ? -11.474 8.560   8.334   1.00 29.43 ? 76  ARG A NE  1 
ATOM   616  C CZ  . ARG A 1 76  ? -12.188 8.383   9.451   1.00 30.36 ? 76  ARG A CZ  1 
ATOM   617  N NH1 . ARG A 1 76  ? -12.535 9.433   10.182  1.00 28.65 ? 76  ARG A NH1 1 
ATOM   618  N NH2 . ARG A 1 76  ? -12.561 7.159   9.838   1.00 30.88 ? 76  ARG A NH2 1 
ATOM   619  N N   . GLY A 1 77  ? -5.830  8.200   6.210   1.00 24.72 ? 77  GLY A N   1 
ATOM   620  C CA  . GLY A 1 77  ? -4.608  8.977   6.037   1.00 25.26 ? 77  GLY A CA  1 
ATOM   621  C C   . GLY A 1 77  ? -4.640  9.932   4.851   1.00 25.98 ? 77  GLY A C   1 
ATOM   622  O O   . GLY A 1 77  ? -4.418  11.144  5.003   1.00 26.07 ? 77  GLY A O   1 
ATOM   623  N N   . ILE A 1 78  ? -4.933  9.380   3.679   1.00 24.40 ? 78  ILE A N   1 
ATOM   624  C CA  . ILE A 1 78  ? -5.098  10.182  2.463   1.00 24.17 ? 78  ILE A CA  1 
ATOM   625  C C   . ILE A 1 78  ? -6.058  11.357  2.712   1.00 24.91 ? 78  ILE A C   1 
ATOM   626  O O   . ILE A 1 78  ? -5.716  12.514  2.425   1.00 24.85 ? 78  ILE A O   1 
ATOM   627  C CB  . ILE A 1 78  ? -5.580  9.308   1.286   1.00 23.29 ? 78  ILE A CB  1 
ATOM   628  C CG1 . ILE A 1 78  ? -4.438  8.398   0.812   1.00 20.95 ? 78  ILE A CG1 1 
ATOM   629  C CG2 . ILE A 1 78  ? -6.071  10.181  0.113   1.00 22.16 ? 78  ILE A CG2 1 
ATOM   630  C CD1 . ILE A 1 78  ? -4.918  7.180   0.015   1.00 19.95 ? 78  ILE A CD1 1 
ATOM   631  N N   . LEU A 1 79  ? -7.234  11.054  3.264   1.00 25.66 ? 79  LEU A N   1 
ATOM   632  C CA  . LEU A 1 79  ? -8.272  12.054  3.510   1.00 26.75 ? 79  LEU A CA  1 
ATOM   633  C C   . LEU A 1 79  ? -7.839  13.155  4.488   1.00 27.58 ? 79  LEU A C   1 
ATOM   634  O O   . LEU A 1 79  ? -8.390  14.257  4.443   1.00 27.85 ? 79  LEU A O   1 
ATOM   635  C CB  . LEU A 1 79  ? -9.581  11.399  3.961   1.00 26.53 ? 79  LEU A CB  1 
ATOM   636  C CG  . LEU A 1 79  ? -10.211 10.386  2.987   1.00 27.88 ? 79  LEU A CG  1 
ATOM   637  C CD1 . LEU A 1 79  ? -11.520 9.814   3.526   1.00 29.58 ? 79  LEU A CD1 1 
ATOM   638  C CD2 . LEU A 1 79  ? -10.420 10.976  1.581   1.00 28.56 ? 79  LEU A CD2 1 
ATOM   639  N N   . ARG A 1 80  ? -6.850  12.861  5.337   1.00 27.95 ? 80  ARG A N   1 
ATOM   640  C CA  A ARG A 1 80  ? -6.311  13.825  6.307   0.50 28.27 ? 80  ARG A CA  1 
ATOM   641  C CA  B ARG A 1 80  ? -6.348  13.857  6.293   0.50 28.52 ? 80  ARG A CA  1 
ATOM   642  C C   . ARG A 1 80  ? -5.170  14.668  5.737   1.00 28.28 ? 80  ARG A C   1 
ATOM   643  O O   . ARG A 1 80  ? -4.785  15.701  6.309   1.00 28.68 ? 80  ARG A O   1 
ATOM   644  C CB  A ARG A 1 80  ? -5.836  13.098  7.573   0.50 28.53 ? 80  ARG A CB  1 
ATOM   645  C CB  B ARG A 1 80  ? -5.995  13.205  7.643   0.50 28.66 ? 80  ARG A CB  1 
ATOM   646  C CG  A ARG A 1 80  ? -6.931  12.880  8.596   0.50 29.53 ? 80  ARG A CG  1 
ATOM   647  C CG  B ARG A 1 80  ? -7.191  12.558  8.342   0.50 29.60 ? 80  ARG A CG  1 
ATOM   648  C CD  A ARG A 1 80  ? -6.382  12.326  9.906   0.50 30.23 ? 80  ARG A CD  1 
ATOM   649  C CD  B ARG A 1 80  ? -6.938  12.290  9.826   0.50 29.71 ? 80  ARG A CD  1 
ATOM   650  N NE  A ARG A 1 80  ? -6.490  10.869  9.996   0.50 30.98 ? 80  ARG A NE  1 
ATOM   651  N NE  B ARG A 1 80  ? -7.550  11.033  10.266  0.50 32.62 ? 80  ARG A NE  1 
ATOM   652  C CZ  A ARG A 1 80  ? -5.465  10.024  9.914   0.50 29.53 ? 80  ARG A CZ  1 
ATOM   653  C CZ  B ARG A 1 80  ? -8.795  10.905  10.719  0.50 33.40 ? 80  ARG A CZ  1 
ATOM   654  N NH1 A ARG A 1 80  ? -4.226  10.473  9.733   0.50 30.97 ? 80  ARG A NH1 1 
ATOM   655  N NH1 B ARG A 1 80  ? -9.599  11.959  10.810  0.50 35.18 ? 80  ARG A NH1 1 
ATOM   656  N NH2 A ARG A 1 80  ? -5.686  8.725   10.013  0.50 28.82 ? 80  ARG A NH2 1 
ATOM   657  N NH2 B ARG A 1 80  ? -9.236  9.710   11.085  0.50 34.79 ? 80  ARG A NH2 1 
ATOM   658  N N   . ASN A 1 81  ? -4.621  14.227  4.606   1.00 27.49 ? 81  ASN A N   1 
ATOM   659  C CA  . ASN A 1 81  ? -3.488  14.892  3.993   1.00 26.34 ? 81  ASN A CA  1 
ATOM   660  C C   . ASN A 1 81  ? -3.964  15.947  2.995   1.00 25.79 ? 81  ASN A C   1 
ATOM   661  O O   . ASN A 1 81  ? -4.596  15.622  1.990   1.00 25.45 ? 81  ASN A O   1 
ATOM   662  C CB  . ASN A 1 81  ? -2.573  13.857  3.334   1.00 26.73 ? 81  ASN A CB  1 
ATOM   663  C CG  . ASN A 1 81  ? -1.267  14.449  2.836   1.00 27.20 ? 81  ASN A CG  1 
ATOM   664  O OD1 . ASN A 1 81  ? -1.245  15.470  2.143   1.00 28.35 ? 81  ASN A OD1 1 
ATOM   665  N ND2 . ASN A 1 81  ? -0.166  13.790  3.161   1.00 29.94 ? 81  ASN A ND2 1 
ATOM   666  N N   . ALA A 1 82  ? -3.667  17.213  3.273   1.00 25.17 ? 82  ALA A N   1 
ATOM   667  C CA  . ALA A 1 82  ? -4.175  18.309  2.436   1.00 25.18 ? 82  ALA A CA  1 
ATOM   668  C C   . ALA A 1 82  ? -3.633  18.311  1.002   1.00 24.79 ? 82  ALA A C   1 
ATOM   669  O O   . ALA A 1 82  ? -4.257  18.898  0.111   1.00 25.99 ? 82  ALA A O   1 
ATOM   670  C CB  . ALA A 1 82  ? -3.946  19.660  3.104   1.00 25.13 ? 82  ALA A CB  1 
ATOM   671  N N   . LYS A 1 83  ? -2.492  17.658  0.770   1.00 24.69 ? 83  LYS A N   1 
ATOM   672  C CA  . LYS A 1 83  ? -1.963  17.511  -0.601  1.00 24.70 ? 83  LYS A CA  1 
ATOM   673  C C   . LYS A 1 83  ? -2.603  16.334  -1.348  1.00 23.61 ? 83  LYS A C   1 
ATOM   674  O O   . LYS A 1 83  ? -2.760  16.380  -2.572  1.00 23.91 ? 83  LYS A O   1 
ATOM   675  C CB  . LYS A 1 83  ? -0.442  17.351  -0.606  1.00 25.47 ? 83  LYS A CB  1 
ATOM   676  C CG  . LYS A 1 83  ? 0.303   18.606  -0.213  1.00 28.12 ? 83  LYS A CG  1 
ATOM   677  C CD  . LYS A 1 83  ? 1.682   18.304  0.290   1.00 31.59 ? 83  LYS A CD  1 
ATOM   678  C CE  . LYS A 1 83  ? 2.269   19.552  0.951   0.50 31.95 ? 83  LYS A CE  1 
ATOM   679  N NZ  . LYS A 1 83  ? 3.678   19.371  1.395   0.50 32.53 ? 83  LYS A NZ  1 
ATOM   680  N N   . LEU A 1 84  ? -2.972  15.289  -0.617  1.00 22.12 ? 84  LEU A N   1 
ATOM   681  C CA  . LEU A 1 84  ? -3.486  14.071  -1.235  1.00 20.75 ? 84  LEU A CA  1 
ATOM   682  C C   . LEU A 1 84  ? -4.995  14.087  -1.416  1.00 20.54 ? 84  LEU A C   1 
ATOM   683  O O   . LEU A 1 84  ? -5.506  13.637  -2.439  1.00 19.83 ? 84  LEU A O   1 
ATOM   684  C CB  . LEU A 1 84  ? -3.069  12.818  -0.441  1.00 20.63 ? 84  LEU A CB  1 
ATOM   685  C CG  . LEU A 1 84  ? -1.565  12.637  -0.195  1.00 21.17 ? 84  LEU A CG  1 
ATOM   686  C CD1 . LEU A 1 84  ? -1.233  11.301  0.523   1.00 18.11 ? 84  LEU A CD1 1 
ATOM   687  C CD2 . LEU A 1 84  ? -0.747  12.786  -1.501  1.00 22.25 ? 84  LEU A CD2 1 
ATOM   688  N N   . LYS A 1 85  ? -5.713  14.594  -0.414  1.00 20.25 ? 85  LYS A N   1 
ATOM   689  C CA  . LYS A 1 85  ? -7.175  14.562  -0.456  1.00 20.03 ? 85  LYS A CA  1 
ATOM   690  C C   . LYS A 1 85  ? -7.794  15.117  -1.762  1.00 19.52 ? 85  LYS A C   1 
ATOM   691  O O   . LYS A 1 85  ? -8.669  14.461  -2.352  1.00 19.00 ? 85  LYS A O   1 
ATOM   692  C CB  . LYS A 1 85  ? -7.787  15.257  0.764   1.00 19.92 ? 85  LYS A CB  1 
ATOM   693  C CG  . LYS A 1 85  ? -9.286  15.082  0.798   1.00 20.91 ? 85  LYS A CG  1 
ATOM   694  C CD  . LYS A 1 85  ? -9.928  15.845  1.929   1.00 22.04 ? 85  LYS A CD  1 
ATOM   695  C CE  . LYS A 1 85  ? -11.339 15.330  2.164   1.00 24.00 ? 85  LYS A CE  1 
ATOM   696  N NZ  . LYS A 1 85  ? -12.230 15.741  1.083   1.00 29.24 ? 85  LYS A NZ  1 
ATOM   697  N N   . PRO A 1 86  ? -7.357  16.313  -2.203  1.00 19.33 ? 86  PRO A N   1 
ATOM   698  C CA  . PRO A 1 86  ? -7.998  16.894  -3.398  1.00 19.41 ? 86  PRO A CA  1 
ATOM   699  C C   . PRO A 1 86  ? -7.789  16.041  -4.645  1.00 18.40 ? 86  PRO A C   1 
ATOM   700  O O   . PRO A 1 86  ? -8.706  15.918  -5.474  1.00 18.68 ? 86  PRO A O   1 
ATOM   701  C CB  . PRO A 1 86  ? -7.322  18.261  -3.553  1.00 19.50 ? 86  PRO A CB  1 
ATOM   702  C CG  . PRO A 1 86  ? -6.123  18.231  -2.724  1.00 20.78 ? 86  PRO A CG  1 
ATOM   703  C CD  . PRO A 1 86  ? -6.308  17.197  -1.662  1.00 19.53 ? 86  PRO A CD  1 
ATOM   704  N N   . VAL A 1 87  ? -6.623  15.405  -4.744  1.00 17.16 ? 87  VAL A N   1 
ATOM   705  C CA  . VAL A 1 87  ? -6.334  14.549  -5.894  1.00 16.51 ? 87  VAL A CA  1 
ATOM   706  C C   . VAL A 1 87  ? -7.158  13.263  -5.803  1.00 16.41 ? 87  VAL A C   1 
ATOM   707  O O   . VAL A 1 87  ? -7.832  12.870  -6.743  1.00 15.67 ? 87  VAL A O   1 
ATOM   708  C CB  . VAL A 1 87  ? -4.820  14.252  -6.029  1.00 16.39 ? 87  VAL A CB  1 
ATOM   709  C CG1 . VAL A 1 87  ? -4.569  13.412  -7.302  1.00 14.89 ? 87  VAL A CG1 1 
ATOM   710  C CG2 . VAL A 1 87  ? -4.026  15.553  -6.111  1.00 16.73 ? 87  VAL A CG2 1 
ATOM   711  N N   . TYR A 1 88  ? -7.149  12.643  -4.631  1.00 16.97 ? 88  TYR A N   1 
ATOM   712  C CA  . TYR A 1 88  ? -7.920  11.438  -4.394  1.00 17.52 ? 88  TYR A CA  1 
ATOM   713  C C   . TYR A 1 88  ? -9.412  11.650  -4.720  1.00 17.62 ? 88  TYR A C   1 
ATOM   714  O O   . TYR A 1 88  ? -10.033 10.837  -5.420  1.00 18.27 ? 88  TYR A O   1 
ATOM   715  C CB  . TYR A 1 88  ? -7.733  11.036  -2.936  1.00 18.49 ? 88  TYR A CB  1 
ATOM   716  C CG  . TYR A 1 88  ? -8.451  9.797   -2.508  1.00 18.68 ? 88  TYR A CG  1 
ATOM   717  C CD1 . TYR A 1 88  ? -7.900  8.523   -2.744  1.00 19.03 ? 88  TYR A CD1 1 
ATOM   718  C CD2 . TYR A 1 88  ? -9.669  9.874   -1.837  1.00 20.03 ? 88  TYR A CD2 1 
ATOM   719  C CE1 . TYR A 1 88  ? -8.549  7.370   -2.328  1.00 21.03 ? 88  TYR A CE1 1 
ATOM   720  C CE2 . TYR A 1 88  ? -10.329 8.713   -1.421  1.00 21.78 ? 88  TYR A CE2 1 
ATOM   721  C CZ  . TYR A 1 88  ? -9.764  7.468   -1.675  1.00 22.29 ? 88  TYR A CZ  1 
ATOM   722  O OH  . TYR A 1 88  ? -10.409 6.315   -1.260  1.00 23.81 ? 88  TYR A OH  1 
ATOM   723  N N   . ASP A 1 89  ? -9.968  12.750  -4.229  1.00 18.56 ? 89  ASP A N   1 
ATOM   724  C CA  . ASP A 1 89  ? -11.400 13.018  -4.417  1.00 19.84 ? 89  ASP A CA  1 
ATOM   725  C C   . ASP A 1 89  ? -11.735 13.348  -5.874  1.00 18.66 ? 89  ASP A C   1 
ATOM   726  O O   . ASP A 1 89  ? -12.879 13.198  -6.292  1.00 18.12 ? 89  ASP A O   1 
ATOM   727  C CB  . ASP A 1 89  ? -11.861 14.127  -3.484  1.00 20.90 ? 89  ASP A CB  1 
ATOM   728  C CG  . ASP A 1 89  ? -12.164 13.612  -2.078  1.00 24.46 ? 89  ASP A CG  1 
ATOM   729  O OD1 . ASP A 1 89  ? -12.191 12.374  -1.861  1.00 25.92 ? 89  ASP A OD1 1 
ATOM   730  O OD2 . ASP A 1 89  ? -12.409 14.456  -1.203  1.00 29.70 ? 89  ASP A OD2 1 
ATOM   731  N N   . SER A 1 90  ? -10.737 13.779  -6.647  1.00 17.71 ? 90  SER A N   1 
ATOM   732  C CA  . SER A 1 90  ? -10.936 14.026  -8.087  1.00 17.16 ? 90  SER A CA  1 
ATOM   733  C C   . SER A 1 90  ? -11.034 12.750  -8.931  1.00 17.11 ? 90  SER A C   1 
ATOM   734  O O   . SER A 1 90  ? -11.529 12.770  -10.071 1.00 15.44 ? 90  SER A O   1 
ATOM   735  C CB  . SER A 1 90  ? -9.814  14.909  -8.637  1.00 17.67 ? 90  SER A CB  1 
ATOM   736  O OG  . SER A 1 90  ? -8.632  14.148  -8.873  1.00 16.98 ? 90  SER A OG  1 
ATOM   737  N N   . LEU A 1 91  ? -10.519 11.649  -8.386  1.00 15.94 ? 91  LEU A N   1 
ATOM   738  C CA  . LEU A 1 91  ? -10.434 10.381  -9.117  1.00 16.32 ? 91  LEU A CA  1 
ATOM   739  C C   . LEU A 1 91  ? -11.727 9.594   -9.055  1.00 16.93 ? 91  LEU A C   1 
ATOM   740  O O   . LEU A 1 91  ? -12.513 9.745   -8.103  1.00 17.11 ? 91  LEU A O   1 
ATOM   741  C CB  . LEU A 1 91  ? -9.310  9.507   -8.537  1.00 15.86 ? 91  LEU A CB  1 
ATOM   742  C CG  . LEU A 1 91  ? -7.872  10.065  -8.596  1.00 16.83 ? 91  LEU A CG  1 
ATOM   743  C CD1 . LEU A 1 91  ? -6.909  9.149   -7.826  1.00 18.46 ? 91  LEU A CD1 1 
ATOM   744  C CD2 . LEU A 1 91  ? -7.423  10.190  -10.042 1.00 16.68 ? 91  LEU A CD2 1 
ATOM   745  N N   . ASP A 1 92  ? -11.936 8.764   -10.078 1.00 16.11 ? 92  ASP A N   1 
ATOM   746  C CA  . ASP A 1 92  ? -12.934 7.684   -10.077 1.00 16.38 ? 92  ASP A CA  1 
ATOM   747  C C   . ASP A 1 92  ? -12.519 6.576   -9.090  1.00 16.73 ? 92  ASP A C   1 
ATOM   748  O O   . ASP A 1 92  ? -11.368 6.521   -8.674  1.00 15.91 ? 92  ASP A O   1 
ATOM   749  C CB  . ASP A 1 92  ? -13.013 7.085   -11.483 1.00 16.05 ? 92  ASP A CB  1 
ATOM   750  C CG  . ASP A 1 92  ? -11.683 6.546   -11.931 1.00 16.33 ? 92  ASP A CG  1 
ATOM   751  O OD1 . ASP A 1 92  ? -11.422 5.355   -11.652 1.00 17.14 ? 92  ASP A OD1 1 
ATOM   752  O OD2 . ASP A 1 92  ? -10.889 7.339   -12.486 1.00 16.63 ? 92  ASP A OD2 1 
ATOM   753  N N   . ALA A 1 93  ? -13.444 5.667   -8.778  1.00 17.10 ? 93  ALA A N   1 
ATOM   754  C CA  . ALA A 1 93  ? -13.216 4.642   -7.751  1.00 17.48 ? 93  ALA A CA  1 
ATOM   755  C C   . ALA A 1 93  ? -12.058 3.685   -8.079  1.00 17.08 ? 93  ALA A C   1 
ATOM   756  O O   . ALA A 1 93  ? -11.323 3.273   -7.173  1.00 17.51 ? 93  ALA A O   1 
ATOM   757  C CB  . ALA A 1 93  ? -14.490 3.849   -7.505  1.00 18.09 ? 93  ALA A CB  1 
ATOM   758  N N   . VAL A 1 94  ? -11.886 3.339   -9.346  1.00 16.35 ? 94  VAL A N   1 
ATOM   759  C CA  . VAL A 1 94  ? -10.793 2.405   -9.712  1.00 16.62 ? 94  VAL A CA  1 
ATOM   760  C C   . VAL A 1 94  ? -9.429  3.071   -9.474  1.00 16.31 ? 94  VAL A C   1 
ATOM   761  O O   . VAL A 1 94  ? -8.542  2.504   -8.820  1.00 14.81 ? 94  VAL A O   1 
ATOM   762  C CB  . VAL A 1 94  ? -10.901 1.874   -11.157 1.00 16.46 ? 94  VAL A CB  1 
ATOM   763  C CG1 . VAL A 1 94  ? -9.705  0.937   -11.479 1.00 17.31 ? 94  VAL A CG1 1 
ATOM   764  C CG2 . VAL A 1 94  ? -12.226 1.087   -11.364 1.00 17.90 ? 94  VAL A CG2 1 
ATOM   765  N N   . ARG A 1 95  ? -9.259  4.288   -10.002 1.00 15.43 ? 95  ARG A N   1 
ATOM   766  C CA  . ARG A 1 95  ? -8.028  5.035   -9.763  1.00 15.34 ? 95  ARG A CA  1 
ATOM   767  C C   . ARG A 1 95  ? -7.775  5.347   -8.268  1.00 15.76 ? 95  ARG A C   1 
ATOM   768  O O   . ARG A 1 95  ? -6.631  5.365   -7.819  1.00 15.80 ? 95  ARG A O   1 
ATOM   769  C CB  . ARG A 1 95  ? -7.982  6.294   -10.640 1.00 15.36 ? 95  ARG A CB  1 
ATOM   770  C CG  . ARG A 1 95  ? -7.828  5.956   -12.103 1.00 16.02 ? 95  ARG A CG  1 
ATOM   771  C CD  . ARG A 1 95  ? -7.668  7.221   -12.897 1.00 14.88 ? 95  ARG A CD  1 
ATOM   772  N NE  . ARG A 1 95  ? -7.413  6.952   -14.315 1.00 15.99 ? 95  ARG A NE  1 
ATOM   773  C CZ  . ARG A 1 95  ? -8.357  6.874   -15.260 1.00 17.14 ? 95  ARG A CZ  1 
ATOM   774  N NH1 . ARG A 1 95  ? -9.649  7.010   -14.961 1.00 15.76 ? 95  ARG A NH1 1 
ATOM   775  N NH2 . ARG A 1 95  ? -8.012  6.646   -16.528 1.00 15.85 ? 95  ARG A NH2 1 
ATOM   776  N N   . ARG A 1 96  ? -8.836  5.549   -7.483  1.00 15.18 ? 96  ARG A N   1 
ATOM   777  C CA  A ARG A 1 96  ? -8.667  5.698   -6.039  0.50 14.93 ? 96  ARG A CA  1 
ATOM   778  C CA  B ARG A 1 96  ? -8.677  5.704   -6.039  0.50 15.30 ? 96  ARG A CA  1 
ATOM   779  C C   . ARG A 1 96  ? -7.982  4.477   -5.425  1.00 14.77 ? 96  ARG A C   1 
ATOM   780  O O   . ARG A 1 96  ? -7.175  4.604   -4.487  1.00 15.35 ? 96  ARG A O   1 
ATOM   781  C CB  A ARG A 1 96  ? -10.002 5.958   -5.353  0.50 15.03 ? 96  ARG A CB  1 
ATOM   782  C CB  B ARG A 1 96  ? -10.024 5.971   -5.362  0.50 15.62 ? 96  ARG A CB  1 
ATOM   783  C CG  A ARG A 1 96  ? -10.359 7.420   -5.321  0.50 14.17 ? 96  ARG A CG  1 
ATOM   784  C CG  B ARG A 1 96  ? -10.634 7.316   -5.746  0.50 16.58 ? 96  ARG A CG  1 
ATOM   785  C CD  A ARG A 1 96  ? -11.794 7.598   -4.860  0.50 14.72 ? 96  ARG A CD  1 
ATOM   786  C CD  B ARG A 1 96  ? -11.706 7.769   -4.757  0.50 19.26 ? 96  ARG A CD  1 
ATOM   787  N NE  A ARG A 1 96  ? -12.306 8.920   -5.211  0.50 13.08 ? 96  ARG A NE  1 
ATOM   788  N NE  B ARG A 1 96  ? -12.835 6.849   -4.660  0.50 20.23 ? 96  ARG A NE  1 
ATOM   789  C CZ  A ARG A 1 96  ? -13.532 9.339   -4.924  0.50 16.84 ? 96  ARG A CZ  1 
ATOM   790  C CZ  B ARG A 1 96  ? -13.991 6.987   -5.312  0.50 22.24 ? 96  ARG A CZ  1 
ATOM   791  N NH1 A ARG A 1 96  ? -14.361 8.532   -4.280  0.50 15.52 ? 96  ARG A NH1 1 
ATOM   792  N NH1 B ARG A 1 96  ? -14.187 8.008   -6.140  0.50 21.33 ? 96  ARG A NH1 1 
ATOM   793  N NH2 A ARG A 1 96  ? -13.931 10.560  -5.288  0.50 15.46 ? 96  ARG A NH2 1 
ATOM   794  N NH2 B ARG A 1 96  ? -14.960 6.093   -5.135  0.50 22.62 ? 96  ARG A NH2 1 
ATOM   795  N N   . CYS A 1 97  ? -8.284  3.297   -5.965  1.00 14.58 ? 97  CYS A N   1 
ATOM   796  C CA  . CYS A 1 97  ? -7.676  2.053   -5.481  1.00 15.06 ? 97  CYS A CA  1 
ATOM   797  C C   . CYS A 1 97  ? -6.191  2.065   -5.747  1.00 14.53 ? 97  CYS A C   1 
ATOM   798  O O   . CYS A 1 97  ? -5.409  1.601   -4.934  1.00 14.36 ? 97  CYS A O   1 
ATOM   799  C CB  . CYS A 1 97  ? -8.278  0.844   -6.153  1.00 14.96 ? 97  CYS A CB  1 
ATOM   800  S SG  . CYS A 1 97  ? -9.956  0.486   -5.535  1.00 17.03 ? 97  CYS A SG  1 
ATOM   801  N N   . ALA A 1 98  ? -5.797  2.608   -6.889  1.00 14.04 ? 98  ALA A N   1 
ATOM   802  C CA  . ALA A 1 98  ? -4.352  2.719   -7.173  1.00 13.62 ? 98  ALA A CA  1 
ATOM   803  C C   . ALA A 1 98  ? -3.654  3.624   -6.154  1.00 13.75 ? 98  ALA A C   1 
ATOM   804  O O   . ALA A 1 98  ? -2.544  3.308   -5.681  1.00 13.77 ? 98  ALA A O   1 
ATOM   805  C CB  . ALA A 1 98  ? -4.122  3.216   -8.623  1.00 14.15 ? 98  ALA A CB  1 
ATOM   806  N N   . ALA A 1 99  ? -4.319  4.718   -5.795  1.00 13.13 ? 99  ALA A N   1 
ATOM   807  C CA  . ALA A 1 99  ? -3.793  5.643   -4.803  1.00 14.04 ? 99  ALA A CA  1 
ATOM   808  C C   . ALA A 1 99  ? -3.643  4.967   -3.431  1.00 13.97 ? 99  ALA A C   1 
ATOM   809  O O   . ALA A 1 99  ? -2.609  5.128   -2.749  1.00 13.37 ? 99  ALA A O   1 
ATOM   810  C CB  . ALA A 1 99  ? -4.702  6.894   -4.707  1.00 14.90 ? 99  ALA A CB  1 
ATOM   811  N N   . ILE A 1 100 ? -4.662  4.203   -3.029  1.00 14.48 ? 100 ILE A N   1 
ATOM   812  C CA  . ILE A 1 100 ? -4.616  3.497   -1.732  1.00 15.09 ? 100 ILE A CA  1 
ATOM   813  C C   . ILE A 1 100 ? -3.474  2.498   -1.716  1.00 14.67 ? 100 ILE A C   1 
ATOM   814  O O   . ILE A 1 100 ? -2.713  2.410   -0.723  1.00 15.86 ? 100 ILE A O   1 
ATOM   815  C CB  . ILE A 1 100 ? -5.953  2.796   -1.388  1.00 15.64 ? 100 ILE A CB  1 
ATOM   816  C CG1 . ILE A 1 100 ? -7.066  3.850   -1.226  1.00 16.31 ? 100 ILE A CG1 1 
ATOM   817  C CG2 . ILE A 1 100 ? -5.818  2.005   -0.065  1.00 16.21 ? 100 ILE A CG2 1 
ATOM   818  C CD1 . ILE A 1 100 ? -8.470  3.303   -1.438  1.00 15.34 ? 100 ILE A CD1 1 
ATOM   819  N N   . ASN A 1 101 ? -3.331  1.787   -2.828  1.00 14.86 ? 101 ASN A N   1 
ATOM   820  C CA  . ASN A 1 101 ? -2.275  0.804   -2.985  1.00 14.42 ? 101 ASN A CA  1 
ATOM   821  C C   . ASN A 1 101 ? -0.915  1.484   -2.780  1.00 14.51 ? 101 ASN A C   1 
ATOM   822  O O   . ASN A 1 101 ? -0.106  1.030   -1.956  1.00 15.10 ? 101 ASN A O   1 
ATOM   823  C CB  . ASN A 1 101 ? -2.400  0.156   -4.374  1.00 13.88 ? 101 ASN A CB  1 
ATOM   824  C CG  . ASN A 1 101 ? -1.530  -1.060  -4.532  1.00 14.41 ? 101 ASN A CG  1 
ATOM   825  O OD1 . ASN A 1 101 ? -0.321  -1.016  -4.293  1.00 14.82 ? 101 ASN A OD1 1 
ATOM   826  N ND2 . ASN A 1 101 ? -2.136  -2.157  -4.953  1.00 14.46 ? 101 ASN A ND2 1 
ATOM   827  N N   . GLN A 1 102 ? -0.661  2.577   -3.505  1.00 14.91 ? 102 GLN A N   1 
ATOM   828  C CA  . GLN A 1 102 ? 0.610   3.267   -3.368  1.00 15.62 ? 102 GLN A CA  1 
ATOM   829  C C   . GLN A 1 102 ? 0.891   3.738   -1.917  1.00 16.44 ? 102 GLN A C   1 
ATOM   830  O O   . GLN A 1 102 ? 1.997   3.585   -1.411  1.00 16.42 ? 102 GLN A O   1 
ATOM   831  C CB  . GLN A 1 102 ? 0.716   4.412   -4.365  1.00 16.42 ? 102 GLN A CB  1 
ATOM   832  C CG  . GLN A 1 102 ? 2.131   4.970   -4.456  1.00 17.70 ? 102 GLN A CG  1 
ATOM   833  C CD  . GLN A 1 102 ? 2.216   6.171   -5.351  1.00 22.44 ? 102 GLN A CD  1 
ATOM   834  O OE1 . GLN A 1 102 ? 1.401   7.080   -5.245  1.00 24.00 ? 102 GLN A OE1 1 
ATOM   835  N NE2 . GLN A 1 102 ? 3.227   6.203   -6.221  1.00 24.20 ? 102 GLN A NE2 1 
ATOM   836  N N   . VAL A 1 103 ? -0.118  4.288   -1.257  1.00 16.66 ? 103 VAL A N   1 
ATOM   837  C CA  . VAL A 1 103 ? 0.078   4.788   0.118   1.00 17.59 ? 103 VAL A CA  1 
ATOM   838  C C   . VAL A 1 103 ? 0.311   3.630   1.100   1.00 17.39 ? 103 VAL A C   1 
ATOM   839  O O   . VAL A 1 103 ? 1.135   3.728   2.032   1.00 17.89 ? 103 VAL A O   1 
ATOM   840  C CB  . VAL A 1 103 ? -1.083  5.695   0.535   1.00 18.05 ? 103 VAL A CB  1 
ATOM   841  C CG1 . VAL A 1 103 ? -0.997  6.047   2.001   1.00 20.43 ? 103 VAL A CG1 1 
ATOM   842  C CG2 . VAL A 1 103 ? -1.056  6.970   -0.289  1.00 17.27 ? 103 VAL A CG2 1 
ATOM   843  N N   . PHE A 1 104 ? -0.420  2.540   0.899   1.00 16.60 ? 104 PHE A N   1 
ATOM   844  C CA  . PHE A 1 104 ? -0.238  1.306   1.670   1.00 16.05 ? 104 PHE A CA  1 
ATOM   845  C C   . PHE A 1 104 ? 1.226   0.826   1.571   1.00 16.70 ? 104 PHE A C   1 
ATOM   846  O O   . PHE A 1 104 ? 1.863   0.499   2.589   1.00 16.00 ? 104 PHE A O   1 
ATOM   847  C CB  . PHE A 1 104 ? -1.220  0.244   1.155   1.00 16.10 ? 104 PHE A CB  1 
ATOM   848  C CG  . PHE A 1 104 ? -1.271  -1.019  1.972   1.00 15.18 ? 104 PHE A CG  1 
ATOM   849  C CD1 . PHE A 1 104 ? -2.321  -1.246  2.852   1.00 17.37 ? 104 PHE A CD1 1 
ATOM   850  C CD2 . PHE A 1 104 ? -0.300  -2.003  1.822   1.00 15.61 ? 104 PHE A CD2 1 
ATOM   851  C CE1 . PHE A 1 104 ? -2.399  -2.411  3.595   1.00 16.19 ? 104 PHE A CE1 1 
ATOM   852  C CE2 . PHE A 1 104 ? -0.362  -3.189  2.578   1.00 16.78 ? 104 PHE A CE2 1 
ATOM   853  C CZ  . PHE A 1 104 ? -1.411  -3.384  3.462   1.00 17.52 ? 104 PHE A CZ  1 
ATOM   854  N N   . GLN A 1 105 ? 1.773   0.825   0.357   1.00 16.28 ? 105 GLN A N   1 
ATOM   855  C CA  . GLN A 1 105 ? 3.156   0.391   0.166   1.00 17.80 ? 105 GLN A CA  1 
ATOM   856  C C   . GLN A 1 105 ? 4.196   1.366   0.735   1.00 19.80 ? 105 GLN A C   1 
ATOM   857  O O   . GLN A 1 105 ? 5.148   0.942   1.412   1.00 19.83 ? 105 GLN A O   1 
ATOM   858  C CB  . GLN A 1 105 ? 3.438   0.184   -1.322  1.00 17.04 ? 105 GLN A CB  1 
ATOM   859  C CG  . GLN A 1 105 ? 4.833   -0.392  -1.572  1.00 17.26 ? 105 GLN A CG  1 
ATOM   860  C CD  . GLN A 1 105 ? 5.126   -0.615  -3.042  1.00 17.58 ? 105 GLN A CD  1 
ATOM   861  O OE1 . GLN A 1 105 ? 4.282   -0.412  -3.893  1.00 17.10 ? 105 GLN A OE1 1 
ATOM   862  N NE2 . GLN A 1 105 ? 6.344   -1.020  -3.337  1.00 18.91 ? 105 GLN A NE2 1 
ATOM   863  N N   . MET A 1 106 ? 4.022   2.660   0.448   1.00 21.22 ? 106 MET A N   1 
ATOM   864  C CA  . MET A 1 106 ? 5.078   3.658   0.644   1.00 24.20 ? 106 MET A CA  1 
ATOM   865  C C   . MET A 1 106 ? 4.901   4.533   1.873   1.00 24.42 ? 106 MET A C   1 
ATOM   866  O O   . MET A 1 106 ? 5.873   5.138   2.341   1.00 24.44 ? 106 MET A O   1 
ATOM   867  C CB  . MET A 1 106 ? 5.186   4.589   -0.583  1.00 23.76 ? 106 MET A CB  1 
ATOM   868  C CG  . MET A 1 106 ? 5.441   3.894   -1.907  1.00 26.43 ? 106 MET A CG  1 
ATOM   869  S SD  . MET A 1 106 ? 5.660   5.100   -3.238  1.00 29.09 ? 106 MET A SD  1 
ATOM   870  C CE  . MET A 1 106 ? 7.319   5.666   -2.881  1.00 29.50 ? 106 MET A CE  1 
ATOM   871  N N   . GLY A 1 107 ? 3.663   4.644   2.350   1.00 24.75 ? 107 GLY A N   1 
ATOM   872  C CA  . GLY A 1 107 ? 3.279   5.640   3.364   1.00 25.73 ? 107 GLY A CA  1 
ATOM   873  C C   . GLY A 1 107 ? 3.162   7.047   2.779   1.00 26.64 ? 107 GLY A C   1 
ATOM   874  O O   . GLY A 1 107 ? 3.539   7.291   1.624   1.00 26.27 ? 107 GLY A O   1 
ATOM   875  N N   . GLU A 1 108 ? 2.640   7.991   3.569   1.00 28.15 ? 108 GLU A N   1 
ATOM   876  C CA  . GLU A 1 108 ? 2.476   9.386   3.096   1.00 28.73 ? 108 GLU A CA  1 
ATOM   877  C C   . GLU A 1 108 ? 3.791   10.131  2.848   0.50 28.36 ? 108 GLU A C   1 
ATOM   878  O O   . GLU A 1 108 ? 3.899   10.902  1.894   0.50 27.96 ? 108 GLU A O   1 
ATOM   879  C CB  . GLU A 1 108 ? 1.587   10.190  4.034   1.00 29.37 ? 108 GLU A CB  1 
ATOM   880  C CG  . GLU A 1 108 ? 0.104   9.829   3.895   1.00 30.79 ? 108 GLU A CG  1 
ATOM   881  C CD  . GLU A 1 108 ? -0.763  10.402  4.999   1.00 33.22 ? 108 GLU A CD  1 
ATOM   882  O OE1 . GLU A 1 108 ? -1.632  9.651   5.493   1.00 33.84 ? 108 GLU A OE1 1 
ATOM   883  O OE2 . GLU A 1 108 ? -0.579  11.584  5.375   1.00 32.76 ? 108 GLU A OE2 1 
ATOM   884  N N   . THR A 1 109 ? 4.779   9.909   3.710   0.50 28.07 ? 109 THR A N   1 
ATOM   885  C CA  . THR A 1 109 ? 6.112   10.463  3.497   0.50 27.88 ? 109 THR A CA  1 
ATOM   886  C C   . THR A 1 109 ? 6.653   9.880   2.208   0.50 27.56 ? 109 THR A C   1 
ATOM   887  O O   . THR A 1 109 ? 7.337   10.561  1.431   0.50 27.48 ? 109 THR A O   1 
ATOM   888  C CB  . THR A 1 109 ? 7.058   10.078  4.642   0.50 28.10 ? 109 THR A CB  1 
ATOM   889  O OG1 . THR A 1 109 ? 6.463   10.451  5.891   0.50 28.34 ? 109 THR A OG1 1 
ATOM   890  C CG2 . THR A 1 109 ? 8.433   10.772  4.493   0.50 28.40 ? 109 THR A CG2 1 
ATOM   891  N N   . GLY A 1 110 ? 6.344   8.604   2.003   0.50 26.97 ? 110 GLY A N   1 
ATOM   892  C CA  . GLY A 1 110 ? 6.742   7.896   0.808   0.50 27.01 ? 110 GLY A CA  1 
ATOM   893  C C   . GLY A 1 110 ? 6.301   8.607   -0.446  0.50 26.84 ? 110 GLY A C   1 
ATOM   894  O O   . GLY A 1 110 ? 7.024   8.605   -1.442  0.50 27.09 ? 110 GLY A O   1 
ATOM   895  N N   . VAL A 1 111 ? 5.119   9.230   -0.409  1.00 26.87 ? 111 VAL A N   1 
ATOM   896  C CA  . VAL A 1 111 ? 4.582   9.855   -1.619  1.00 27.08 ? 111 VAL A CA  1 
ATOM   897  C C   . VAL A 1 111 ? 4.826   11.365  -1.705  1.00 26.96 ? 111 VAL A C   1 
ATOM   898  O O   . VAL A 1 111 ? 4.287   12.029  -2.599  1.00 27.10 ? 111 VAL A O   1 
ATOM   899  C CB  . VAL A 1 111 ? 3.081   9.486   -1.883  1.00 26.79 ? 111 VAL A CB  1 
ATOM   900  C CG1 . VAL A 1 111 ? 2.927   7.981   -2.019  1.00 28.66 ? 111 VAL A CG1 1 
ATOM   901  C CG2 . VAL A 1 111 ? 2.180   10.016  -0.790  1.00 27.37 ? 111 VAL A CG2 1 
ATOM   902  N N   . ALA A 1 112 ? 5.651   11.899  -0.799  1.00 26.93 ? 112 ALA A N   1 
ATOM   903  C CA  . ALA A 1 112 ? 5.930   13.347  -0.780  1.00 26.44 ? 112 ALA A CA  1 
ATOM   904  C C   . ALA A 1 112 ? 6.597   13.848  -2.062  1.00 26.13 ? 112 ALA A C   1 
ATOM   905  O O   . ALA A 1 112 ? 6.374   14.994  -2.472  1.00 25.33 ? 112 ALA A O   1 
ATOM   906  C CB  . ALA A 1 112 ? 6.764   13.725  0.432   1.00 26.81 ? 112 ALA A CB  1 
ATOM   907  N N   . GLY A 1 113 ? 7.414   12.994  -2.688  1.00 25.71 ? 113 GLY A N   1 
ATOM   908  C CA  . GLY A 1 113 ? 8.100   13.355  -3.933  1.00 25.24 ? 113 GLY A CA  1 
ATOM   909  C C   . GLY A 1 113 ? 7.222   13.286  -5.181  1.00 24.58 ? 113 GLY A C   1 
ATOM   910  O O   . GLY A 1 113 ? 7.651   13.663  -6.271  1.00 24.84 ? 113 GLY A O   1 
ATOM   911  N N   . PHE A 1 114 ? 5.981   12.828  -5.020  1.00 24.21 ? 114 PHE A N   1 
ATOM   912  C CA  . PHE A 1 114 ? 5.074   12.658  -6.166  1.00 22.64 ? 114 PHE A CA  1 
ATOM   913  C C   . PHE A 1 114 ? 4.228   13.875  -6.573  1.00 22.65 ? 114 PHE A C   1 
ATOM   914  O O   . PHE A 1 114 ? 3.258   13.750  -7.333  1.00 21.27 ? 114 PHE A O   1 
ATOM   915  C CB  . PHE A 1 114 ? 4.231   11.403  -5.964  1.00 22.78 ? 114 PHE A CB  1 
ATOM   916  C CG  . PHE A 1 114 ? 5.020   10.141  -6.132  1.00 22.29 ? 114 PHE A CG  1 
ATOM   917  C CD1 . PHE A 1 114 ? 5.937   9.737   -5.152  1.00 24.42 ? 114 PHE A CD1 1 
ATOM   918  C CD2 . PHE A 1 114 ? 4.913   9.396   -7.301  1.00 22.30 ? 114 PHE A CD2 1 
ATOM   919  C CE1 . PHE A 1 114 ? 6.676   8.577   -5.316  1.00 24.06 ? 114 PHE A CE1 1 
ATOM   920  C CE2 . PHE A 1 114 ? 5.657   8.230   -7.471  1.00 21.04 ? 114 PHE A CE2 1 
ATOM   921  C CZ  . PHE A 1 114 ? 6.540   7.833   -6.479  1.00 23.74 ? 114 PHE A CZ  1 
ATOM   922  N N   . THR A 1 115 ? 4.639   15.054  -6.118  1.00 22.06 ? 115 THR A N   1 
ATOM   923  C CA  . THR A 1 115 ? 3.968   16.320  -6.433  1.00 22.04 ? 115 THR A CA  1 
ATOM   924  C C   . THR A 1 115 ? 3.594   16.512  -7.909  1.00 21.63 ? 115 THR A C   1 
ATOM   925  O O   . THR A 1 115 ? 2.480   16.937  -8.217  1.00 20.68 ? 115 THR A O   1 
ATOM   926  C CB  . THR A 1 115 ? 4.830   17.515  -5.980  1.00 22.32 ? 115 THR A CB  1 
ATOM   927  O OG1 . THR A 1 115 ? 5.180   17.355  -4.596  1.00 24.99 ? 115 THR A OG1 1 
ATOM   928  C CG2 . THR A 1 115 ? 4.084   18.847  -6.171  1.00 23.41 ? 115 THR A CG2 1 
ATOM   929  N N   . ASN A 1 116 ? 4.522   16.208  -8.825  1.00 20.46 ? 116 ASN A N   1 
ATOM   930  C CA  . ASN A 1 116 ? 4.240   16.401  -10.248 1.00 20.22 ? 116 ASN A CA  1 
ATOM   931  C C   . ASN A 1 116 ? 3.245   15.373  -10.794 1.00 18.71 ? 116 ASN A C   1 
ATOM   932  O O   . ASN A 1 116 ? 2.394   15.714  -11.601 1.00 18.93 ? 116 ASN A O   1 
ATOM   933  C CB  . ASN A 1 116 ? 5.546   16.473  -11.066 1.00 20.41 ? 116 ASN A CB  1 
ATOM   934  C CG  . ASN A 1 116 ? 6.455   17.613  -10.594 1.00 23.38 ? 116 ASN A CG  1 
ATOM   935  O OD1 . ASN A 1 116 ? 5.976   18.731  -10.353 1.00 25.27 ? 116 ASN A OD1 1 
ATOM   936  N ND2 . ASN A 1 116 ? 7.758   17.338  -10.446 1.00 21.59 ? 116 ASN A ND2 1 
ATOM   937  N N   . SER A 1 117 ? 3.385   14.112  -10.371 1.00 18.16 ? 117 SER A N   1 
ATOM   938  C CA  . SER A 1 117 ? 2.406   13.051  -10.698 1.00 17.70 ? 117 SER A CA  1 
ATOM   939  C C   . SER A 1 117 ? 1.026   13.431  -10.183 1.00 17.76 ? 117 SER A C   1 
ATOM   940  O O   . SER A 1 117 ? 0.028   13.302  -10.890 1.00 16.99 ? 117 SER A O   1 
ATOM   941  C CB  . SER A 1 117 ? 2.776   11.717  -10.051 1.00 17.82 ? 117 SER A CB  1 
ATOM   942  O OG  . SER A 1 117 ? 3.931   11.153  -10.627 1.00 21.96 ? 117 SER A OG  1 
ATOM   943  N N   . LEU A 1 118 ? 0.975   13.885  -8.929  1.00 17.40 ? 118 LEU A N   1 
ATOM   944  C CA  . LEU A 1 118 ? -0.298  14.327  -8.320  1.00 17.99 ? 118 LEU A CA  1 
ATOM   945  C C   . LEU A 1 118 ? -1.021  15.383  -9.162  1.00 17.96 ? 118 LEU A C   1 
ATOM   946  O O   . LEU A 1 118 ? -2.230  15.258  -9.433  1.00 17.49 ? 118 LEU A O   1 
ATOM   947  C CB  . LEU A 1 118 ? -0.075  14.834  -6.889  1.00 17.98 ? 118 LEU A CB  1 
ATOM   948  C CG  . LEU A 1 118 ? 0.276   13.810  -5.808  1.00 18.08 ? 118 LEU A CG  1 
ATOM   949  C CD1 . LEU A 1 118 ? 0.810   14.531  -4.563  1.00 19.92 ? 118 LEU A CD1 1 
ATOM   950  C CD2 . LEU A 1 118 ? -0.897  12.916  -5.437  1.00 19.79 ? 118 LEU A CD2 1 
ATOM   951  N N   . ARG A 1 119 ? -0.285  16.401  -9.606  1.00 18.28 ? 119 ARG A N   1 
ATOM   952  C CA  . ARG A 1 119 ? -0.871  17.448  -10.454 1.00 18.95 ? 119 ARG A CA  1 
ATOM   953  C C   . ARG A 1 119 ? -1.368  16.873  -11.776 1.00 17.88 ? 119 ARG A C   1 
ATOM   954  O O   . ARG A 1 119 ? -2.484  17.162  -12.212 1.00 17.40 ? 119 ARG A O   1 
ATOM   955  C CB  . ARG A 1 119 ? 0.118   18.590  -10.694 1.00 18.84 ? 119 ARG A CB  1 
ATOM   956  C CG  . ARG A 1 119 ? -0.455  19.722  -11.554 1.00 20.51 ? 119 ARG A CG  1 
ATOM   957  C CD  . ARG A 1 119 ? 0.467   20.943  -11.646 1.00 22.64 ? 119 ARG A CD  1 
ATOM   958  N NE  . ARG A 1 119 ? 1.815   20.702  -11.125 0.50 29.35 ? 119 ARG A NE  1 
ATOM   959  C CZ  . ARG A 1 119 ? 2.791   20.077  -11.781 1.00 31.95 ? 119 ARG A CZ  1 
ATOM   960  N NH1 . ARG A 1 119 ? 3.959   19.921  -11.193 1.00 34.00 ? 119 ARG A NH1 1 
ATOM   961  N NH2 . ARG A 1 119 ? 2.602   19.592  -13.003 1.00 35.24 ? 119 ARG A NH2 1 
ATOM   962  N N   . MET A 1 120 ? -0.552  16.043  -12.420 1.00 16.78 ? 120 MET A N   1 
ATOM   963  C CA  . MET A 1 120 ? -0.992  15.405  -13.663 1.00 17.42 ? 120 MET A CA  1 
ATOM   964  C C   . MET A 1 120 ? -2.246  14.514  -13.479 1.00 16.48 ? 120 MET A C   1 
ATOM   965  O O   . MET A 1 120 ? -3.133  14.468  -14.351 1.00 16.28 ? 120 MET A O   1 
ATOM   966  C CB  . MET A 1 120 ? 0.156   14.621  -14.288 1.00 17.20 ? 120 MET A CB  1 
ATOM   967  C CG  . MET A 1 120 ? 1.310   15.511  -14.683 1.00 19.40 ? 120 MET A CG  1 
ATOM   968  S SD  . MET A 1 120 ? 2.635   14.469  -15.282 1.00 20.43 ? 120 MET A SD  1 
ATOM   969  C CE  . MET A 1 120 ? 3.999   15.614  -15.142 1.00 20.72 ? 120 MET A CE  1 
ATOM   970  N N   . LEU A 1 121 ? -2.321  13.814  -12.351 1.00 15.29 ? 121 LEU A N   1 
ATOM   971  C CA  . LEU A 1 121 ? -3.477  12.978  -12.069 1.00 15.71 ? 121 LEU A CA  1 
ATOM   972  C C   . LEU A 1 121 ? -4.711  13.839  -11.840 1.00 15.27 ? 121 LEU A C   1 
ATOM   973  O O   . LEU A 1 121 ? -5.772  13.516  -12.375 1.00 15.62 ? 121 LEU A O   1 
ATOM   974  C CB  . LEU A 1 121 ? -3.248  12.058  -10.870 1.00 15.43 ? 121 LEU A CB  1 
ATOM   975  C CG  . LEU A 1 121 ? -2.292  10.884  -11.092 1.00 14.23 ? 121 LEU A CG  1 
ATOM   976  C CD1 . LEU A 1 121 ? -1.905  10.289  -9.753  1.00 14.93 ? 121 LEU A CD1 1 
ATOM   977  C CD2 . LEU A 1 121 ? -2.844  9.787   -12.012 1.00 16.75 ? 121 LEU A CD2 1 
ATOM   978  N N   . GLN A 1 122 ? -4.556  14.936  -11.105 1.00 15.89 ? 122 GLN A N   1 
ATOM   979  C CA  . GLN A 1 122 ? -5.712  15.828  -10.864 1.00 16.93 ? 122 GLN A CA  1 
ATOM   980  C C   . GLN A 1 122 ? -6.189  16.441  -12.188 1.00 17.26 ? 122 GLN A C   1 
ATOM   981  O O   . GLN A 1 122 ? -7.395  16.620  -12.403 1.00 17.50 ? 122 GLN A O   1 
ATOM   982  C CB  . GLN A 1 122 ? -5.444  16.896  -9.800  1.00 18.15 ? 122 GLN A CB  1 
ATOM   983  C CG  . GLN A 1 122 ? -6.769  17.546  -9.374  1.00 20.96 ? 122 GLN A CG  1 
ATOM   984  C CD  . GLN A 1 122 ? -6.666  18.466  -8.176  1.00 25.22 ? 122 GLN A CD  1 
ATOM   985  O OE1 . GLN A 1 122 ? -5.630  18.561  -7.539  1.00 28.85 ? 122 GLN A OE1 1 
ATOM   986  N NE2 . GLN A 1 122 ? -7.762  19.163  -7.875  1.00 28.15 ? 122 GLN A NE2 1 
ATOM   987  N N   . GLN A 1 123 ? -5.241  16.702  -13.084 1.00 16.85 ? 123 GLN A N   1 
ATOM   988  C CA  . GLN A 1 123 ? -5.554  17.223  -14.423 1.00 17.68 ? 123 GLN A CA  1 
ATOM   989  C C   . GLN A 1 123 ? -6.137  16.170  -15.363 1.00 16.62 ? 123 GLN A C   1 
ATOM   990  O O   . GLN A 1 123 ? -6.563  16.510  -16.479 1.00 17.37 ? 123 GLN A O   1 
ATOM   991  C CB  . GLN A 1 123 ? -4.290  17.808  -15.065 1.00 18.01 ? 123 GLN A CB  1 
ATOM   992  C CG  . GLN A 1 123 ? -3.771  19.065  -14.398 1.00 18.81 ? 123 GLN A CG  1 
ATOM   993  C CD  . GLN A 1 123 ? -2.452  19.521  -15.018 1.00 20.40 ? 123 GLN A CD  1 
ATOM   994  O OE1 . GLN A 1 123 ? -2.322  20.666  -15.457 1.00 27.68 ? 123 GLN A OE1 1 
ATOM   995  N NE2 . GLN A 1 123 ? -1.487  18.624  -15.082 1.00 21.43 ? 123 GLN A NE2 1 
ATOM   996  N N   . LYS A 1 124 ? -6.120  14.898  -14.945 1.00 15.67 ? 124 LYS A N   1 
ATOM   997  C CA  . LYS A 1 124 ? -6.557  13.760  -15.776 1.00 15.50 ? 124 LYS A CA  1 
ATOM   998  C C   . LYS A 1 124 ? -5.728  13.596  -17.066 1.00 14.85 ? 124 LYS A C   1 
ATOM   999  O O   . LYS A 1 124 ? -6.228  13.152  -18.093 1.00 15.37 ? 124 LYS A O   1 
ATOM   1000 C CB  . LYS A 1 124 ? -8.080  13.799  -16.055 1.00 15.72 ? 124 LYS A CB  1 
ATOM   1001 C CG  . LYS A 1 124 ? -8.900  13.897  -14.747 1.00 16.11 ? 124 LYS A CG  1 
ATOM   1002 C CD  . LYS A 1 124 ? -10.366 13.540  -14.983 1.00 16.96 ? 124 LYS A CD  1 
ATOM   1003 C CE  . LYS A 1 124 ? -11.146 13.633  -13.677 1.00 17.48 ? 124 LYS A CE  1 
ATOM   1004 N NZ  . LYS A 1 124 ? -10.727 12.504  -12.793 1.00 17.26 ? 124 LYS A NZ  1 
ATOM   1005 N N   . ARG A 1 125 ? -4.452  13.951  -16.979 1.00 14.93 ? 125 ARG A N   1 
ATOM   1006 C CA  . ARG A 1 125 ? -3.496  13.749  -18.065 1.00 15.13 ? 125 ARG A CA  1 
ATOM   1007 C C   . ARG A 1 125 ? -2.895  12.363  -17.851 1.00 14.58 ? 125 ARG A C   1 
ATOM   1008 O O   . ARG A 1 125 ? -1.768  12.233  -17.372 1.00 14.41 ? 125 ARG A O   1 
ATOM   1009 C CB  . ARG A 1 125 ? -2.423  14.852  -18.059 1.00 16.11 ? 125 ARG A CB  1 
ATOM   1010 C CG  . ARG A 1 125 ? -3.024  16.214  -18.338 1.00 17.98 ? 125 ARG A CG  1 
ATOM   1011 C CD  . ARG A 1 125 ? -2.042  17.328  -18.370 1.00 22.12 ? 125 ARG A CD  1 
ATOM   1012 N NE  . ARG A 1 125 ? -2.770  18.545  -18.703 1.00 24.84 ? 125 ARG A NE  1 
ATOM   1013 C CZ  . ARG A 1 125 ? -2.209  19.714  -18.976 1.00 27.17 ? 125 ARG A CZ  1 
ATOM   1014 N NH1 . ARG A 1 125 ? -0.888  19.838  -18.945 1.00 27.67 ? 125 ARG A NH1 1 
ATOM   1015 N NH2 . ARG A 1 125 ? -2.985  20.760  -19.277 1.00 26.75 ? 125 ARG A NH2 1 
ATOM   1016 N N   . TRP A 1 126 ? -3.663  11.334  -18.203 1.00 14.72 ? 126 TRP A N   1 
ATOM   1017 C CA  . TRP A 1 126 ? -3.354  9.982   -17.720 1.00 15.03 ? 126 TRP A CA  1 
ATOM   1018 C C   . TRP A 1 126 ? -2.034  9.408   -18.219 1.00 15.57 ? 126 TRP A C   1 
ATOM   1019 O O   . TRP A 1 126 ? -1.293  8.792   -17.451 1.00 15.19 ? 126 TRP A O   1 
ATOM   1020 C CB  . TRP A 1 126 ? -4.484  9.024   -18.043 1.00 15.28 ? 126 TRP A CB  1 
ATOM   1021 C CG  . TRP A 1 126 ? -5.825  9.445   -17.503 1.00 15.23 ? 126 TRP A CG  1 
ATOM   1022 C CD1 . TRP A 1 126 ? -6.987  9.535   -18.224 1.00 16.03 ? 126 TRP A CD1 1 
ATOM   1023 C CD2 . TRP A 1 126 ? -6.169  9.784   -16.141 1.00 14.87 ? 126 TRP A CD2 1 
ATOM   1024 N NE1 . TRP A 1 126 ? -8.027  9.912   -17.404 1.00 14.15 ? 126 TRP A NE1 1 
ATOM   1025 C CE2 . TRP A 1 126 ? -7.555  10.079  -16.124 1.00 15.45 ? 126 TRP A CE2 1 
ATOM   1026 C CE3 . TRP A 1 126 ? -5.446  9.881   -14.946 1.00 15.44 ? 126 TRP A CE3 1 
ATOM   1027 C CZ2 . TRP A 1 126 ? -8.236  10.449  -14.949 1.00 15.11 ? 126 TRP A CZ2 1 
ATOM   1028 C CZ3 . TRP A 1 126 ? -6.119  10.263  -13.775 1.00 15.70 ? 126 TRP A CZ3 1 
ATOM   1029 C CH2 . TRP A 1 126 ? -7.498  10.530  -13.784 1.00 15.95 ? 126 TRP A CH2 1 
ATOM   1030 N N   . ASP A 1 127 ? -1.746  9.608   -19.493 1.00 15.38 ? 127 ASP A N   1 
ATOM   1031 C CA  . ASP A 1 127 ? -0.492  9.071   -20.049 1.00 15.78 ? 127 ASP A CA  1 
ATOM   1032 C C   . ASP A 1 127 ? 0.724   9.787   -19.487 1.00 15.80 ? 127 ASP A C   1 
ATOM   1033 O O   . ASP A 1 127 ? 1.730   9.149   -19.113 1.00 15.58 ? 127 ASP A O   1 
ATOM   1034 C CB  . ASP A 1 127 ? -0.520  9.139   -21.576 1.00 15.90 ? 127 ASP A CB  1 
ATOM   1035 C CG  . ASP A 1 127 ? -1.338  8.011   -22.201 1.00 18.48 ? 127 ASP A CG  1 
ATOM   1036 O OD1 . ASP A 1 127 ? -2.233  7.461   -21.531 1.00 18.93 ? 127 ASP A OD1 1 
ATOM   1037 O OD2 . ASP A 1 127 ? -1.068  7.662   -23.384 1.00 20.20 ? 127 ASP A OD2 1 
ATOM   1038 N N   . GLU A 1 128 ? 0.625   11.108  -19.396 1.00 15.57 ? 128 GLU A N   1 
ATOM   1039 C CA  . GLU A 1 128 ? 1.666   11.916  -18.799 1.00 15.75 ? 128 GLU A CA  1 
ATOM   1040 C C   . GLU A 1 128 ? 1.918   11.567  -17.329 1.00 15.45 ? 128 GLU A C   1 
ATOM   1041 O O   . GLU A 1 128 ? 3.075   11.432  -16.917 1.00 14.98 ? 128 GLU A O   1 
ATOM   1042 C CB  . GLU A 1 128 ? 1.319   13.389  -18.953 1.00 16.51 ? 128 GLU A CB  1 
ATOM   1043 C CG  . GLU A 1 128 ? 1.504   13.854  -20.395 1.00 18.12 ? 128 GLU A CG  1 
ATOM   1044 C CD  . GLU A 1 128 ? 0.875   15.205  -20.605 1.00 22.89 ? 128 GLU A CD  1 
ATOM   1045 O OE1 . GLU A 1 128 ? 1.595   16.212  -20.467 1.00 26.77 ? 128 GLU A OE1 1 
ATOM   1046 O OE2 . GLU A 1 128 ? -0.340  15.260  -20.862 1.00 22.33 ? 128 GLU A OE2 1 
ATOM   1047 N N   . ALA A 1 129 ? 0.832   11.362  -16.572 1.00 14.98 ? 129 ALA A N   1 
ATOM   1048 C CA  . ALA A 1 129 ? 0.923   10.960  -15.176 1.00 14.89 ? 129 ALA A CA  1 
ATOM   1049 C C   . ALA A 1 129 ? 1.671   9.634   -15.091 1.00 14.65 ? 129 ALA A C   1 
ATOM   1050 O O   . ALA A 1 129 ? 2.602   9.469   -14.287 1.00 14.52 ? 129 ALA A O   1 
ATOM   1051 C CB  . ALA A 1 129 ? -0.469  10.820  -14.574 1.00 16.02 ? 129 ALA A CB  1 
ATOM   1052 N N   . ALA A 1 130 ? 1.256   8.704   -15.938 1.00 13.89 ? 130 ALA A N   1 
ATOM   1053 C CA  . ALA A 1 130 ? 1.851   7.357   -15.987 1.00 13.87 ? 130 ALA A CA  1 
ATOM   1054 C C   . ALA A 1 130 ? 3.366   7.409   -16.245 1.00 15.47 ? 130 ALA A C   1 
ATOM   1055 O O   . ALA A 1 130 ? 4.167   6.715   -15.575 1.00 14.48 ? 130 ALA A O   1 
ATOM   1056 C CB  . ALA A 1 130 ? 1.140   6.527   -17.049 1.00 14.17 ? 130 ALA A CB  1 
ATOM   1057 N N   . VAL A 1 131 ? 3.767   8.241   -17.207 1.00 14.97 ? 131 VAL A N   1 
ATOM   1058 C CA  . VAL A 1 131 ? 5.193   8.421   -17.474 1.00 15.50 ? 131 VAL A CA  1 
ATOM   1059 C C   . VAL A 1 131 ? 5.923   8.989   -16.261 1.00 15.00 ? 131 VAL A C   1 
ATOM   1060 O O   . VAL A 1 131 ? 7.000   8.526   -15.905 1.00 15.61 ? 131 VAL A O   1 
ATOM   1061 C CB  . VAL A 1 131 ? 5.407   9.290   -18.731 1.00 15.64 ? 131 VAL A CB  1 
ATOM   1062 C CG1 . VAL A 1 131 ? 6.870   9.734   -18.868 1.00 16.45 ? 131 VAL A CG1 1 
ATOM   1063 C CG2 . VAL A 1 131 ? 4.947   8.482   -19.951 1.00 14.67 ? 131 VAL A CG2 1 
ATOM   1064 N N   . ASN A 1 132 ? 5.327   9.989   -15.626 1.00 14.17 ? 132 ASN A N   1 
ATOM   1065 C CA  . ASN A 1 132 ? 5.985   10.619  -14.482 1.00 15.11 ? 132 ASN A CA  1 
ATOM   1066 C C   . ASN A 1 132 ? 6.089   9.645   -13.287 1.00 15.01 ? 132 ASN A C   1 
ATOM   1067 O O   . ASN A 1 132 ? 7.128   9.568   -12.615 1.00 15.14 ? 132 ASN A O   1 
ATOM   1068 C CB  . ASN A 1 132 ? 5.254   11.899  -14.117 1.00 15.98 ? 132 ASN A CB  1 
ATOM   1069 C CG  . ASN A 1 132 ? 5.989   12.695  -13.078 1.00 16.16 ? 132 ASN A CG  1 
ATOM   1070 O OD1 . ASN A 1 132 ? 5.734   12.550  -11.891 1.00 17.62 ? 132 ASN A OD1 1 
ATOM   1071 N ND2 . ASN A 1 132 ? 6.957   13.491  -13.516 1.00 16.36 ? 132 ASN A ND2 1 
ATOM   1072 N N   . LEU A 1 133 ? 5.035   8.871   -13.064 1.00 14.88 ? 133 LEU A N   1 
ATOM   1073 C CA  . LEU A 1 133 ? 5.016   7.929   -11.936 1.00 14.67 ? 133 LEU A CA  1 
ATOM   1074 C C   . LEU A 1 133 ? 6.164   6.916   -12.007 1.00 15.24 ? 133 LEU A C   1 
ATOM   1075 O O   . LEU A 1 133 ? 6.657   6.475   -10.962 1.00 15.90 ? 133 LEU A O   1 
ATOM   1076 C CB  . LEU A 1 133 ? 3.690   7.162   -11.878 1.00 14.82 ? 133 LEU A CB  1 
ATOM   1077 C CG  . LEU A 1 133 ? 2.503   7.979   -11.343 1.00 14.03 ? 133 LEU A CG  1 
ATOM   1078 C CD1 . LEU A 1 133 ? 1.205   7.336   -11.783 1.00 14.06 ? 133 LEU A CD1 1 
ATOM   1079 C CD2 . LEU A 1 133 ? 2.580   8.112   -9.801  1.00 13.55 ? 133 LEU A CD2 1 
ATOM   1080 N N   . ALA A 1 134 ? 6.577   6.562   -13.227 1.00 14.53 ? 134 ALA A N   1 
ATOM   1081 C CA  . ALA A 1 134 ? 7.605   5.513   -13.423 1.00 15.03 ? 134 ALA A CA  1 
ATOM   1082 C C   . ALA A 1 134 ? 9.026   6.030   -13.233 1.00 15.06 ? 134 ALA A C   1 
ATOM   1083 O O   . ALA A 1 134 ? 9.954   5.224   -13.113 1.00 15.94 ? 134 ALA A O   1 
ATOM   1084 C CB  . ALA A 1 134 ? 7.462   4.837   -14.783 1.00 14.38 ? 134 ALA A CB  1 
ATOM   1085 N N   . LYS A 1 135 ? 9.186   7.359   -13.195 1.00 14.58 ? 135 LYS A N   1 
ATOM   1086 C CA  . LYS A 1 135 ? 10.464  7.998   -12.945 1.00 15.33 ? 135 LYS A CA  1 
ATOM   1087 C C   . LYS A 1 135 ? 10.673  8.134   -11.448 1.00 14.73 ? 135 LYS A C   1 
ATOM   1088 O O   . LYS A 1 135 ? 10.639  9.233   -10.898 1.00 15.21 ? 135 LYS A O   1 
ATOM   1089 C CB  . LYS A 1 135 ? 10.491  9.374   -13.627 1.00 15.40 ? 135 LYS A CB  1 
ATOM   1090 C CG  . LYS A 1 135 ? 10.435  9.278   -15.129 1.00 17.57 ? 135 LYS A CG  1 
ATOM   1091 C CD  . LYS A 1 135 ? 10.583  10.666  -15.742 1.00 22.65 ? 135 LYS A CD  1 
ATOM   1092 C CE  . LYS A 1 135 ? 10.216  10.658  -17.210 1.00 25.74 ? 135 LYS A CE  1 
ATOM   1093 N NZ  . LYS A 1 135 ? 10.196  12.053  -17.815 1.00 26.72 ? 135 LYS A NZ  1 
ATOM   1094 N N   . SER A 1 136 ? 10.862  6.990   -10.779 1.00 13.94 ? 136 SER A N   1 
ATOM   1095 C CA  . SER A 1 136 ? 10.848  6.963   -9.327  1.00 14.28 ? 136 SER A CA  1 
ATOM   1096 C C   . SER A 1 136 ? 11.647  5.781   -8.772  1.00 14.60 ? 136 SER A C   1 
ATOM   1097 O O   . SER A 1 136 ? 11.775  4.731   -9.428  1.00 13.26 ? 136 SER A O   1 
ATOM   1098 C CB  . SER A 1 136 ? 9.395   6.858   -8.828  1.00 14.28 ? 136 SER A CB  1 
ATOM   1099 O OG  . SER A 1 136 ? 8.765   5.666   -9.303  1.00 14.57 ? 136 SER A OG  1 
ATOM   1100 N N   . ARG A 1 137 ? 12.177  5.968   -7.557  1.00 15.22 ? 137 ARG A N   1 
ATOM   1101 C CA  . ARG A 1 137 ? 12.770  4.851   -6.835  1.00 16.17 ? 137 ARG A CA  1 
ATOM   1102 C C   . ARG A 1 137 ? 11.717  3.752   -6.714  1.00 15.85 ? 137 ARG A C   1 
ATOM   1103 O O   . ARG A 1 137 ? 11.998  2.580   -6.932  1.00 16.12 ? 137 ARG A O   1 
ATOM   1104 C CB  . ARG A 1 137 ? 13.265  5.281   -5.441  1.00 15.87 ? 137 ARG A CB  1 
ATOM   1105 C CG  . ARG A 1 137 ? 13.809  4.072   -4.667  1.00 16.35 ? 137 ARG A CG  1 
ATOM   1106 C CD  . ARG A 1 137 ? 14.185  4.382   -3.225  1.00 19.45 ? 137 ARG A CD  1 
ATOM   1107 N NE  . ARG A 1 137 ? 14.913  3.235   -2.666  1.00 22.63 ? 137 ARG A NE  1 
ATOM   1108 C CZ  . ARG A 1 137 ? 14.344  2.171   -2.104  1.00 25.79 ? 137 ARG A CZ  1 
ATOM   1109 N NH1 . ARG A 1 137 ? 13.013  2.081   -1.992  1.00 23.83 ? 137 ARG A NH1 1 
ATOM   1110 N NH2 . ARG A 1 137 ? 15.121  1.187   -1.644  1.00 23.97 ? 137 ARG A NH2 1 
ATOM   1111 N N   . TRP A 1 138 ? 10.473  4.153   -6.420  1.00 15.38 ? 138 TRP A N   1 
ATOM   1112 C CA  . TRP A 1 138 ? 9.363   3.211   -6.276  1.00 14.97 ? 138 TRP A CA  1 
ATOM   1113 C C   . TRP A 1 138 ? 9.301   2.234   -7.445  1.00 15.53 ? 138 TRP A C   1 
ATOM   1114 O O   . TRP A 1 138 ? 9.337   1.022   -7.252  1.00 15.24 ? 138 TRP A O   1 
ATOM   1115 C CB  . TRP A 1 138 ? 8.057   3.996   -6.167  1.00 15.63 ? 138 TRP A CB  1 
ATOM   1116 C CG  . TRP A 1 138 ? 6.786   3.152   -6.215  1.00 15.32 ? 138 TRP A CG  1 
ATOM   1117 C CD1 . TRP A 1 138 ? 6.428   2.110   -5.379  1.00 15.17 ? 138 TRP A CD1 1 
ATOM   1118 C CD2 . TRP A 1 138 ? 5.682   3.350   -7.111  1.00 15.31 ? 138 TRP A CD2 1 
ATOM   1119 N NE1 . TRP A 1 138 ? 5.172   1.617   -5.743  1.00 15.86 ? 138 TRP A NE1 1 
ATOM   1120 C CE2 . TRP A 1 138 ? 4.700   2.366   -6.803  1.00 15.45 ? 138 TRP A CE2 1 
ATOM   1121 C CE3 . TRP A 1 138 ? 5.449   4.230   -8.186  1.00 15.51 ? 138 TRP A CE3 1 
ATOM   1122 C CZ2 . TRP A 1 138 ? 3.482   2.280   -7.489  1.00 16.32 ? 138 TRP A CZ2 1 
ATOM   1123 C CZ3 . TRP A 1 138 ? 4.235   4.128   -8.891  1.00 15.09 ? 138 TRP A CZ3 1 
ATOM   1124 C CH2 . TRP A 1 138 ? 3.269   3.151   -8.533  1.00 16.07 ? 138 TRP A CH2 1 
ATOM   1125 N N   . TYR A 1 139 ? 9.227   2.777   -8.658  1.00 14.98 ? 139 TYR A N   1 
ATOM   1126 C CA  . TYR A 1 139 ? 9.150   1.957   -9.861  1.00 16.09 ? 139 TYR A CA  1 
ATOM   1127 C C   . TYR A 1 139 ? 10.387  1.067   -10.018 1.00 15.67 ? 139 TYR A C   1 
ATOM   1128 O O   . TYR A 1 139 ? 10.280  -0.133  -10.303 1.00 15.93 ? 139 TYR A O   1 
ATOM   1129 C CB  . TYR A 1 139 ? 8.986   2.845   -11.107 1.00 17.19 ? 139 TYR A CB  1 
ATOM   1130 C CG  . TYR A 1 139 ? 8.853   2.000   -12.349 1.00 18.71 ? 139 TYR A CG  1 
ATOM   1131 C CD1 . TYR A 1 139 ? 7.599   1.572   -12.778 1.00 18.49 ? 139 TYR A CD1 1 
ATOM   1132 C CD2 . TYR A 1 139 ? 9.989   1.603   -13.082 1.00 21.22 ? 139 TYR A CD2 1 
ATOM   1133 C CE1 . TYR A 1 139 ? 7.468   0.774   -13.900 1.00 22.52 ? 139 TYR A CE1 1 
ATOM   1134 C CE2 . TYR A 1 139 ? 9.863   0.792   -14.210 1.00 25.47 ? 139 TYR A CE2 1 
ATOM   1135 C CZ  . TYR A 1 139 ? 8.594   0.380   -14.612 1.00 23.48 ? 139 TYR A CZ  1 
ATOM   1136 O OH  . TYR A 1 139 ? 8.442   -0.438  -15.736 1.00 25.64 ? 139 TYR A OH  1 
ATOM   1137 N N   . ASN A 1 140 ? 11.570  1.658   -9.865  1.00 15.80 ? 140 ASN A N   1 
ATOM   1138 C CA  . ASN A 1 140 ? 12.801  0.903   -10.074 1.00 15.58 ? 140 ASN A CA  1 
ATOM   1139 C C   . ASN A 1 140 ? 13.021  -0.238  -9.105  1.00 15.32 ? 140 ASN A C   1 
ATOM   1140 O O   . ASN A 1 140 ? 13.569  -1.259  -9.498  1.00 16.46 ? 140 ASN A O   1 
ATOM   1141 C CB  . ASN A 1 140 ? 14.015  1.817   -10.100 1.00 16.15 ? 140 ASN A CB  1 
ATOM   1142 C CG  . ASN A 1 140 ? 14.076  2.624   -11.386 1.00 19.67 ? 140 ASN A CG  1 
ATOM   1143 O OD1 . ASN A 1 140 ? 13.866  3.843   -11.398 1.00 20.01 ? 140 ASN A OD1 1 
ATOM   1144 N ND2 . ASN A 1 140 ? 14.331  1.927   -12.494 1.00 20.54 ? 140 ASN A ND2 1 
ATOM   1145 N N   . GLN A 1 141 ? 12.575  -0.077  -7.865  1.00 14.88 ? 141 GLN A N   1 
ATOM   1146 C CA  . GLN A 1 141 ? 12.781  -1.095  -6.830  1.00 14.79 ? 141 GLN A CA  1 
ATOM   1147 C C   . GLN A 1 141 ? 11.697  -2.189  -6.897  1.00 15.41 ? 141 GLN A C   1 
ATOM   1148 O O   . GLN A 1 141 ? 11.977  -3.375  -6.633  1.00 16.00 ? 141 GLN A O   1 
ATOM   1149 C CB  . GLN A 1 141 ? 12.854  -0.447  -5.441  1.00 15.39 ? 141 GLN A CB  1 
ATOM   1150 C CG  . GLN A 1 141 ? 14.019  0.577   -5.245  1.00 16.07 ? 141 GLN A CG  1 
ATOM   1151 C CD  . GLN A 1 141 ? 15.407  0.018   -5.574  1.00 17.41 ? 141 GLN A CD  1 
ATOM   1152 O OE1 . GLN A 1 141 ? 16.196  0.670   -6.257  1.00 18.37 ? 141 GLN A OE1 1 
ATOM   1153 N NE2 . GLN A 1 141 ? 15.706  -1.194  -5.082  1.00 16.73 ? 141 GLN A NE2 1 
ATOM   1154 N N   . THR A 1 142 ? 10.467  -1.804  -7.261  1.00 14.40 ? 142 THR A N   1 
ATOM   1155 C CA  . THR A 1 142 ? 9.384   -2.788  -7.410  1.00 14.09 ? 142 THR A CA  1 
ATOM   1156 C C   . THR A 1 142 ? 8.683   -2.589  -8.745  1.00 14.21 ? 142 THR A C   1 
ATOM   1157 O O   . THR A 1 142 ? 7.511   -2.162  -8.780  1.00 14.28 ? 142 THR A O   1 
ATOM   1158 C CB  . THR A 1 142 ? 8.378   -2.772  -6.210  1.00 14.53 ? 142 THR A CB  1 
ATOM   1159 O OG1 . THR A 1 142 ? 7.845   -1.449  -6.017  1.00 15.50 ? 142 THR A OG1 1 
ATOM   1160 C CG2 . THR A 1 142 ? 9.083   -3.188  -4.906  1.00 13.54 ? 142 THR A CG2 1 
ATOM   1161 N N   . PRO A 1 143 ? 9.398   -2.867  -9.852  1.00 15.03 ? 143 PRO A N   1 
ATOM   1162 C CA  . PRO A 1 143 ? 8.824   -2.545  -11.171 1.00 14.96 ? 143 PRO A CA  1 
ATOM   1163 C C   . PRO A 1 143 ? 7.567   -3.328  -11.539 1.00 15.02 ? 143 PRO A C   1 
ATOM   1164 O O   . PRO A 1 143 ? 6.675   -2.767  -12.158 1.00 15.03 ? 143 PRO A O   1 
ATOM   1165 C CB  . PRO A 1 143 ? 9.977   -2.852  -12.157 1.00 15.22 ? 143 PRO A CB  1 
ATOM   1166 C CG  . PRO A 1 143 ? 10.862  -3.839  -11.416 1.00 15.91 ? 143 PRO A CG  1 
ATOM   1167 C CD  . PRO A 1 143 ? 10.768  -3.425  -9.960  1.00 15.21 ? 143 PRO A CD  1 
ATOM   1168 N N   . ASP A 1 144 ? 7.470   -4.601  -11.183 1.00 15.44 ? 144 ASP A N   1 
ATOM   1169 C CA  . ASP A 1 144 ? 6.313   -5.363  -11.648 1.00 16.11 ? 144 ASP A CA  1 
ATOM   1170 C C   . ASP A 1 144 ? 5.027   -4.874  -10.966 1.00 15.25 ? 144 ASP A C   1 
ATOM   1171 O O   . ASP A 1 144 ? 3.998   -4.688  -11.627 1.00 14.83 ? 144 ASP A O   1 
ATOM   1172 C CB  . ASP A 1 144 ? 6.558   -6.866  -11.518 1.00 17.53 ? 144 ASP A CB  1 
ATOM   1173 C CG  . ASP A 1 144 ? 7.614   -7.365  -12.547 1.00 19.81 ? 144 ASP A CG  1 
ATOM   1174 O OD1 . ASP A 1 144 ? 7.782   -6.726  -13.608 1.00 25.26 ? 144 ASP A OD1 1 
ATOM   1175 O OD2 . ASP A 1 144 ? 8.248   -8.392  -12.306 1.00 25.19 ? 144 ASP A OD2 1 
ATOM   1176 N N   . ARG A 1 145 ? 5.129   -4.635  -9.662  1.00 15.29 ? 145 ARG A N   1 
ATOM   1177 C CA  . ARG A 1 145 ? 4.008   -4.100  -8.905  1.00 15.40 ? 145 ARG A CA  1 
ATOM   1178 C C   . ARG A 1 145 ? 3.708   -2.666  -9.331  1.00 15.05 ? 145 ARG A C   1 
ATOM   1179 O O   . ARG A 1 145 ? 2.536   -2.307  -9.532  1.00 14.80 ? 145 ARG A O   1 
ATOM   1180 C CB  . ARG A 1 145 ? 4.274   -4.184  -7.399  1.00 16.15 ? 145 ARG A CB  1 
ATOM   1181 C CG  . ARG A 1 145 ? 3.040   -3.703  -6.627  1.00 16.99 ? 145 ARG A CG  1 
ATOM   1182 C CD  . ARG A 1 145 ? 3.417   -3.220  -5.314  1.00 18.63 ? 145 ARG A CD  1 
ATOM   1183 N NE  . ARG A 1 145 ? 2.273   -2.807  -4.502  1.00 14.76 ? 145 ARG A NE  1 
ATOM   1184 C CZ  . ARG A 1 145 ? 2.254   -2.990  -3.183  1.00 16.79 ? 145 ARG A CZ  1 
ATOM   1185 N NH1 . ARG A 1 145 ? 3.267   -3.633  -2.599  1.00 16.78 ? 145 ARG A NH1 1 
ATOM   1186 N NH2 . ARG A 1 145 ? 1.212   -2.600  -2.458  1.00 15.50 ? 145 ARG A NH2 1 
ATOM   1187 N N   . ALA A 1 146 ? 4.743   -1.842  -9.490  1.00 15.26 ? 146 ALA A N   1 
ATOM   1188 C CA  . ALA A 1 146 ? 4.523   -0.451  -9.900  1.00 15.36 ? 146 ALA A CA  1 
ATOM   1189 C C   . ALA A 1 146 ? 3.864   -0.398  -11.280 1.00 16.08 ? 146 ALA A C   1 
ATOM   1190 O O   . ALA A 1 146 ? 2.968   0.426   -11.503 1.00 16.24 ? 146 ALA A O   1 
ATOM   1191 C CB  . ALA A 1 146 ? 5.815   0.355   -9.851  1.00 16.68 ? 146 ALA A CB  1 
ATOM   1192 N N   . LYS A 1 147 ? 4.283   -1.281  -12.197 1.00 15.47 ? 147 LYS A N   1 
ATOM   1193 C CA  . LYS A 1 147 ? 3.663   -1.321  -13.536 1.00 16.99 ? 147 LYS A CA  1 
ATOM   1194 C C   . LYS A 1 147 ? 2.163   -1.577  -13.420 1.00 15.69 ? 147 LYS A C   1 
ATOM   1195 O O   . LYS A 1 147 ? 1.361   -0.939  -14.111 1.00 15.75 ? 147 LYS A O   1 
ATOM   1196 C CB  . LYS A 1 147 ? 4.303   -2.378  -14.428 1.00 16.83 ? 147 LYS A CB  1 
ATOM   1197 C CG  . LYS A 1 147 ? 5.748   -2.058  -14.817 1.00 19.26 ? 147 LYS A CG  1 
ATOM   1198 C CD  . LYS A 1 147 ? 6.401   -3.187  -15.615 1.00 19.72 ? 147 LYS A CD  1 
ATOM   1199 C CE  . LYS A 1 147 ? 5.777   -3.358  -16.977 1.00 24.58 ? 147 LYS A CE  1 
ATOM   1200 N NZ  . LYS A 1 147 ? 6.361   -4.548  -17.697 0.50 23.07 ? 147 LYS A NZ  1 
ATOM   1201 N N   . ARG A 1 148 ? 1.775   -2.473  -12.510 1.00 15.12 ? 148 ARG A N   1 
ATOM   1202 C CA  . ARG A 1 148 ? 0.345   -2.772  -12.299 1.00 14.03 ? 148 ARG A CA  1 
ATOM   1203 C C   . ARG A 1 148 ? -0.406  -1.562  -11.771 1.00 13.94 ? 148 ARG A C   1 
ATOM   1204 O O   . ARG A 1 148 ? -1.460  -1.195  -12.289 1.00 13.71 ? 148 ARG A O   1 
ATOM   1205 C CB  . ARG A 1 148 ? 0.156   -3.965  -11.353 1.00 14.45 ? 148 ARG A CB  1 
ATOM   1206 C CG  . ARG A 1 148 ? 0.512   -5.334  -11.947 1.00 14.12 ? 148 ARG A CG  1 
ATOM   1207 C CD  . ARG A 1 148 ? -0.015  -6.474  -11.056 1.00 14.73 ? 148 ARG A CD  1 
ATOM   1208 N NE  . ARG A 1 148 ? 0.682   -6.569  -9.764  1.00 14.59 ? 148 ARG A NE  1 
ATOM   1209 C CZ  . ARG A 1 148 ? 1.846   -7.199  -9.566  1.00 17.53 ? 148 ARG A CZ  1 
ATOM   1210 N NH1 . ARG A 1 148 ? 2.484   -7.782  -10.585 1.00 16.64 ? 148 ARG A NH1 1 
ATOM   1211 N NH2 . ARG A 1 148 ? 2.381   -7.248  -8.340  1.00 15.62 ? 148 ARG A NH2 1 
ATOM   1212 N N   . VAL A 1 149 ? 0.147   -0.920  -10.746 1.00 13.73 ? 149 VAL A N   1 
ATOM   1213 C CA  . VAL A 1 149 ? -0.505  0.245   -10.127 1.00 13.72 ? 149 VAL A CA  1 
ATOM   1214 C C   . VAL A 1 149 ? -0.563  1.402   -11.140 1.00 14.26 ? 149 VAL A C   1 
ATOM   1215 O O   . VAL A 1 149 ? -1.603  2.076   -11.286 1.00 14.76 ? 149 VAL A O   1 
ATOM   1216 C CB  . VAL A 1 149 ? 0.257   0.670   -8.858  1.00 13.87 ? 149 VAL A CB  1 
ATOM   1217 C CG1 . VAL A 1 149 ? -0.322  1.949   -8.278  1.00 14.54 ? 149 VAL A CG1 1 
ATOM   1218 C CG2 . VAL A 1 149 ? 0.193   -0.462  -7.833  1.00 14.58 ? 149 VAL A CG2 1 
ATOM   1219 N N   . ILE A 1 150 ? 0.524   1.593   -11.889 1.00 13.93 ? 150 ILE A N   1 
ATOM   1220 C CA  . ILE A 1 150 ? 0.533   2.643   -12.919 1.00 14.95 ? 150 ILE A CA  1 
ATOM   1221 C C   . ILE A 1 150 ? -0.507  2.393   -14.014 1.00 14.92 ? 150 ILE A C   1 
ATOM   1222 O O   . ILE A 1 150 ? -1.200  3.326   -14.429 1.00 14.48 ? 150 ILE A O   1 
ATOM   1223 C CB  . ILE A 1 150 ? 1.938   2.867   -13.532 1.00 15.00 ? 150 ILE A CB  1 
ATOM   1224 C CG1 . ILE A 1 150 ? 2.863   3.458   -12.459 1.00 13.88 ? 150 ILE A CG1 1 
ATOM   1225 C CG2 . ILE A 1 150 ? 1.838   3.813   -14.726 1.00 15.06 ? 150 ILE A CG2 1 
ATOM   1226 C CD1 . ILE A 1 150 ? 4.381   3.413   -12.829 1.00 15.67 ? 150 ILE A CD1 1 
ATOM   1227 N N   . THR A 1 151 ? -0.595  1.150   -14.500 1.00 14.66 ? 151 THR A N   1 
ATOM   1228 C CA  . THR A 1 151 ? -1.624  0.809   -15.485 1.00 15.52 ? 151 THR A CA  1 
ATOM   1229 C C   . THR A 1 151 ? -3.022  1.158   -14.964 1.00 15.27 ? 151 THR A C   1 
ATOM   1230 O O   . THR A 1 151 ? -3.871  1.660   -15.723 1.00 15.33 ? 151 THR A O   1 
ATOM   1231 C CB  . THR A 1 151 ? -1.511  -0.669  -15.891 1.00 15.18 ? 151 THR A CB  1 
ATOM   1232 O OG1 . THR A 1 151 ? -0.335  -0.804  -16.695 1.00 18.15 ? 151 THR A OG1 1 
ATOM   1233 C CG2 . THR A 1 151 ? -2.730  -1.132  -16.688 1.00 16.44 ? 151 THR A CG2 1 
ATOM   1234 N N   . THR A 1 152 ? -3.251  0.881   -13.678 1.00 14.42 ? 152 THR A N   1 
ATOM   1235 C CA  . THR A 1 152 ? -4.523  1.205   -13.028 1.00 15.68 ? 152 THR A CA  1 
ATOM   1236 C C   . THR A 1 152 ? -4.771  2.723   -13.028 1.00 15.66 ? 152 THR A C   1 
ATOM   1237 O O   . THR A 1 152 ? -5.854  3.171   -13.414 1.00 16.24 ? 152 THR A O   1 
ATOM   1238 C CB  . THR A 1 152 ? -4.609  0.584   -11.614 1.00 15.47 ? 152 THR A CB  1 
ATOM   1239 O OG1 . THR A 1 152 ? -4.230  -0.796  -11.710 1.00 16.48 ? 152 THR A OG1 1 
ATOM   1240 C CG2 . THR A 1 152 ? -6.050  0.647   -11.088 1.00 15.57 ? 152 THR A CG2 1 
ATOM   1241 N N   . PHE A 1 153 ? -3.759  3.503   -12.673 1.00 15.91 ? 153 PHE A N   1 
ATOM   1242 C CA  . PHE A 1 153 ? -3.875  4.978   -12.780 1.00 15.85 ? 153 PHE A CA  1 
ATOM   1243 C C   . PHE A 1 153 ? -4.092  5.454   -14.223 1.00 16.70 ? 153 PHE A C   1 
ATOM   1244 O O   . PHE A 1 153 ? -4.813  6.435   -14.469 1.00 17.21 ? 153 PHE A O   1 
ATOM   1245 C CB  . PHE A 1 153 ? -2.615  5.668   -12.275 1.00 15.35 ? 153 PHE A CB  1 
ATOM   1246 C CG  . PHE A 1 153 ? -2.568  5.892   -10.785 1.00 15.77 ? 153 PHE A CG  1 
ATOM   1247 C CD1 . PHE A 1 153 ? -1.511  5.370   -10.041 1.00 15.03 ? 153 PHE A CD1 1 
ATOM   1248 C CD2 . PHE A 1 153 ? -3.543  6.664   -10.133 1.00 15.82 ? 153 PHE A CD2 1 
ATOM   1249 C CE1 . PHE A 1 153 ? -1.422  5.591   -8.664  1.00 15.37 ? 153 PHE A CE1 1 
ATOM   1250 C CE2 . PHE A 1 153 ? -3.462  6.906   -8.763  1.00 15.90 ? 153 PHE A CE2 1 
ATOM   1251 C CZ  . PHE A 1 153 ? -2.417  6.370   -8.026  1.00 15.85 ? 153 PHE A CZ  1 
ATOM   1252 N N   . ARG A 1 154 ? -3.439  4.799   -15.173 1.00 16.86 ? 154 ARG A N   1 
ATOM   1253 C CA  . ARG A 1 154 ? -3.483  5.261   -16.562 1.00 17.38 ? 154 ARG A CA  1 
ATOM   1254 C C   . ARG A 1 154 ? -4.839  4.995   -17.200 1.00 17.54 ? 154 ARG A C   1 
ATOM   1255 O O   . ARG A 1 154 ? -5.311  5.808   -17.993 1.00 17.00 ? 154 ARG A O   1 
ATOM   1256 C CB  . ARG A 1 154 ? -2.378  4.595   -17.399 1.00 17.21 ? 154 ARG A CB  1 
ATOM   1257 C CG  . ARG A 1 154 ? -2.272  5.162   -18.839 1.00 18.59 ? 154 ARG A CG  1 
ATOM   1258 C CD  . ARG A 1 154 ? -1.171  4.446   -19.663 1.00 19.52 ? 154 ARG A CD  1 
ATOM   1259 N NE  . ARG A 1 154 ? -1.334  2.992   -19.769 1.00 27.34 ? 154 ARG A NE  1 
ATOM   1260 C CZ  . ARG A 1 154 ? -2.114  2.345   -20.646 1.00 31.02 ? 154 ARG A CZ  1 
ATOM   1261 N NH1 . ARG A 1 154 ? -2.853  2.997   -21.534 1.00 32.62 ? 154 ARG A NH1 1 
ATOM   1262 N NH2 . ARG A 1 154 ? -2.151  1.013   -20.640 1.00 33.26 ? 154 ARG A NH2 1 
ATOM   1263 N N   . THR A 1 155 ? -5.453  3.858   -16.856 1.00 17.08 ? 155 THR A N   1 
ATOM   1264 C CA  . THR A 1 155 ? -6.646  3.355   -17.597 1.00 17.64 ? 155 THR A CA  1 
ATOM   1265 C C   . THR A 1 155 ? -7.973  3.449   -16.838 1.00 17.47 ? 155 THR A C   1 
ATOM   1266 O O   . THR A 1 155 ? -9.061  3.432   -17.463 1.00 17.52 ? 155 THR A O   1 
ATOM   1267 C CB  . THR A 1 155 ? -6.471  1.881   -18.030 1.00 17.33 ? 155 THR A CB  1 
ATOM   1268 O OG1 . THR A 1 155 ? -6.371  1.068   -16.861 1.00 17.51 ? 155 THR A OG1 1 
ATOM   1269 C CG2 . THR A 1 155 ? -5.207  1.684   -18.852 1.00 18.28 ? 155 THR A CG2 1 
ATOM   1270 N N   . GLY A 1 156 ? -7.898  3.512   -15.512 1.00 17.06 ? 156 GLY A N   1 
ATOM   1271 C CA  . GLY A 1 156 ? -9.069  3.394   -14.663 1.00 17.69 ? 156 GLY A CA  1 
ATOM   1272 C C   . GLY A 1 156 ? -9.792  2.064   -14.831 1.00 17.50 ? 156 GLY A C   1 
ATOM   1273 O O   . GLY A 1 156 ? -11.009 1.993   -14.631 1.00 18.57 ? 156 GLY A O   1 
ATOM   1274 N N   . THR A 1 157 ? -9.052  1.024   -15.228 1.00 17.15 ? 157 THR A N   1 
ATOM   1275 C CA  . THR A 1 157 ? -9.570  -0.332  -15.345 1.00 16.98 ? 157 THR A CA  1 
ATOM   1276 C C   . THR A 1 157 ? -8.727  -1.271  -14.500 1.00 17.40 ? 157 THR A C   1 
ATOM   1277 O O   . THR A 1 157 ? -7.664  -0.908  -14.016 1.00 17.22 ? 157 THR A O   1 
ATOM   1278 C CB  . THR A 1 157 ? -9.483  -0.900  -16.778 1.00 17.94 ? 157 THR A CB  1 
ATOM   1279 O OG1 . THR A 1 157 ? -8.116  -1.212  -17.090 1.00 18.06 ? 157 THR A OG1 1 
ATOM   1280 C CG2 . THR A 1 157 ? -10.073 0.062   -17.802 1.00 18.19 ? 157 THR A CG2 1 
ATOM   1281 N N   . TRP A 1 158 ? -9.206  -2.499  -14.363 1.00 17.29 ? 158 TRP A N   1 
ATOM   1282 C CA  . TRP A 1 158 ? -8.496  -3.506  -13.601 1.00 17.60 ? 158 TRP A CA  1 
ATOM   1283 C C   . TRP A 1 158 ? -7.678  -4.447  -14.491 1.00 17.98 ? 158 TRP A C   1 
ATOM   1284 O O   . TRP A 1 158 ? -7.354  -5.561  -14.089 1.00 18.30 ? 158 TRP A O   1 
ATOM   1285 C CB  . TRP A 1 158 ? -9.503  -4.318  -12.803 1.00 17.84 ? 158 TRP A CB  1 
ATOM   1286 C CG  . TRP A 1 158 ? -10.132 -3.575  -11.686 1.00 18.49 ? 158 TRP A CG  1 
ATOM   1287 C CD1 . TRP A 1 158 ? -11.446 -3.197  -11.590 1.00 18.05 ? 158 TRP A CD1 1 
ATOM   1288 C CD2 . TRP A 1 158 ? -9.493  -3.133  -10.485 1.00 18.17 ? 158 TRP A CD2 1 
ATOM   1289 N NE1 . TRP A 1 158 ? -11.663 -2.554  -10.395 1.00 18.31 ? 158 TRP A NE1 1 
ATOM   1290 C CE2 . TRP A 1 158 ? -10.480 -2.498  -9.695  1.00 16.82 ? 158 TRP A CE2 1 
ATOM   1291 C CE3 . TRP A 1 158 ? -8.171  -3.209  -9.988  1.00 18.83 ? 158 TRP A CE3 1 
ATOM   1292 C CZ2 . TRP A 1 158 ? -10.199 -1.946  -8.437  1.00 17.17 ? 158 TRP A CZ2 1 
ATOM   1293 C CZ3 . TRP A 1 158 ? -7.897  -2.663  -8.732  1.00 17.88 ? 158 TRP A CZ3 1 
ATOM   1294 C CH2 . TRP A 1 158 ? -8.909  -2.041  -7.969  1.00 18.92 ? 158 TRP A CH2 1 
ATOM   1295 N N   . ASP A 1 159 ? -7.336  -3.993  -15.689 1.00 18.28 ? 159 ASP A N   1 
ATOM   1296 C CA  . ASP A 1 159 ? -6.705  -4.884  -16.670 1.00 19.52 ? 159 ASP A CA  1 
ATOM   1297 C C   . ASP A 1 159 ? -5.414  -5.508  -16.140 1.00 19.10 ? 159 ASP A C   1 
ATOM   1298 O O   . ASP A 1 159 ? -5.090  -6.652  -16.462 1.00 19.00 ? 159 ASP A O   1 
ATOM   1299 C CB  . ASP A 1 159 ? -6.433  -4.134  -17.971 1.00 19.98 ? 159 ASP A CB  1 
ATOM   1300 C CG  . ASP A 1 159 ? -7.703  -3.808  -18.740 1.00 23.88 ? 159 ASP A CG  1 
ATOM   1301 O OD1 . ASP A 1 159 ? -8.792  -4.262  -18.335 1.00 24.65 ? 159 ASP A OD1 1 
ATOM   1302 O OD2 . ASP A 1 159 ? -7.593  -3.087  -19.754 1.00 28.38 ? 159 ASP A OD2 1 
ATOM   1303 N N   . ALA A 1 160 ? -4.677  -4.761  -15.321 1.00 18.16 ? 160 ALA A N   1 
ATOM   1304 C CA  . ALA A 1 160 ? -3.374  -5.228  -14.828 1.00 18.35 ? 160 ALA A CA  1 
ATOM   1305 C C   . ALA A 1 160 ? -3.508  -6.318  -13.768 1.00 19.01 ? 160 ALA A C   1 
ATOM   1306 O O   . ALA A 1 160 ? -2.514  -6.965  -13.419 1.00 19.07 ? 160 ALA A O   1 
ATOM   1307 C CB  . ALA A 1 160 ? -2.551  -4.039  -14.288 1.00 18.45 ? 160 ALA A CB  1 
ATOM   1308 N N   . TYR A 1 161 ? -4.737  -6.533  -13.283 1.00 19.47 ? 161 TYR A N   1 
ATOM   1309 C CA  . TYR A 1 161 ? -4.977  -7.503  -12.208 1.00 21.09 ? 161 TYR A CA  1 
ATOM   1310 C C   . TYR A 1 161 ? -5.829  -8.713  -12.653 1.00 23.98 ? 161 TYR A C   1 
ATOM   1311 O O   . TYR A 1 161 ? -6.169  -9.563  -11.839 1.00 24.08 ? 161 TYR A O   1 
ATOM   1312 C CB  . TYR A 1 161 ? -5.550  -6.798  -10.972 1.00 19.83 ? 161 TYR A CB  1 
ATOM   1313 C CG  . TYR A 1 161 ? -4.534  -5.918  -10.270 1.00 17.94 ? 161 TYR A CG  1 
ATOM   1314 C CD1 . TYR A 1 161 ? -4.365  -4.586  -10.645 1.00 15.23 ? 161 TYR A CD1 1 
ATOM   1315 C CD2 . TYR A 1 161 ? -3.733  -6.419  -9.239  1.00 15.28 ? 161 TYR A CD2 1 
ATOM   1316 C CE1 . TYR A 1 161 ? -3.428  -3.773  -10.031 1.00 15.97 ? 161 TYR A CE1 1 
ATOM   1317 C CE2 . TYR A 1 161 ? -2.778  -5.605  -8.609  1.00 15.36 ? 161 TYR A CE2 1 
ATOM   1318 C CZ  . TYR A 1 161 ? -2.636  -4.275  -9.017  1.00 16.95 ? 161 TYR A CZ  1 
ATOM   1319 O OH  . TYR A 1 161 ? -1.720  -3.445  -8.428  1.00 17.37 ? 161 TYR A OH  1 
ATOM   1320 N N   . LYS A 1 162 ? -6.118  -8.784  -13.958 1.00 26.99 ? 162 LYS A N   1 
ATOM   1321 C CA  . LYS A 1 162 ? -6.759  -9.953  -14.610 1.00 29.66 ? 162 LYS A CA  1 
ATOM   1322 C C   . LYS A 1 162 ? -8.106  -10.373 -13.989 0.50 29.32 ? 162 LYS A C   1 
ATOM   1323 O O   . LYS A 1 162 ? -8.181  -11.178 -13.060 0.50 30.21 ? 162 LYS A O   1 
ATOM   1324 C CB  . LYS A 1 162 ? -5.746  -11.106 -14.728 1.00 29.53 ? 162 LYS A CB  1 
ATOM   1325 C CG  . LYS A 1 162 ? -6.302  -12.513 -14.845 1.00 31.53 ? 162 LYS A CG  1 
ATOM   1326 C CD  . LYS A 1 162 ? -5.174  -13.551 -14.675 1.00 32.30 ? 162 LYS A CD  1 
ATOM   1327 C CE  . LYS A 1 162 ? -4.923  -13.890 -13.204 1.00 35.49 ? 162 LYS A CE  1 
ATOM   1328 N NZ  . LYS A 1 162 ? -4.822  -12.676 -12.336 1.00 35.97 ? 162 LYS A NZ  1 
HETATM 1329 P P   . PO4 B 2 .   ? 12.650  -12.729 3.348   1.00 21.09 ? 165 PO4 A P   1 
HETATM 1330 O O1  . PO4 B 2 .   ? 13.035  -14.022 2.634   1.00 19.96 ? 165 PO4 A O1  1 
HETATM 1331 O O2  . PO4 B 2 .   ? 13.794  -11.757 3.298   1.00 20.79 ? 165 PO4 A O2  1 
HETATM 1332 O O3  . PO4 B 2 .   ? 11.397  -12.234 2.613   1.00 20.20 ? 165 PO4 A O3  1 
HETATM 1333 O O4  . PO4 B 2 .   ? 12.225  -12.978 4.803   1.00 21.46 ? 165 PO4 A O4  1 
HETATM 1334 P P   . PO4 C 2 .   ? 4.433   -18.453 5.492   0.50 31.05 ? 166 PO4 A P   1 
HETATM 1335 O O1  . PO4 C 2 .   ? 4.736   -17.916 4.104   0.50 29.34 ? 166 PO4 A O1  1 
HETATM 1336 O O2  . PO4 C 2 .   ? 5.056   -17.544 6.519   0.50 29.08 ? 166 PO4 A O2  1 
HETATM 1337 O O3  . PO4 C 2 .   ? 2.933   -18.548 5.733   0.50 27.43 ? 166 PO4 A O3  1 
HETATM 1338 O O4  . PO4 C 2 .   ? 5.049   -19.828 5.599   0.50 31.16 ? 166 PO4 A O4  1 
HETATM 1339 C C7  . JZ1 D 3 .   ? -3.762  10.392  -4.840  1.00 20.93 ? 167 JZ1 A C7  1 
HETATM 1340 C C8  . JZ1 D 3 .   ? -3.544  10.118  -3.490  1.00 19.49 ? 167 JZ1 A C8  1 
HETATM 1341 C C9  . JZ1 D 3 .   ? -2.416  9.421   -3.112  1.00 20.72 ? 167 JZ1 A C9  1 
HETATM 1342 C C10 . JZ1 D 3 .   ? -1.496  9.000   -4.079  1.00 20.20 ? 167 JZ1 A C10 1 
HETATM 1343 C C11 . JZ1 D 3 .   ? -2.851  9.970   -5.813  1.00 20.93 ? 167 JZ1 A C11 1 
HETATM 1344 C C12 . JZ1 D 3 .   ? -1.701  9.263   -5.435  1.00 19.41 ? 167 JZ1 A C12 1 
HETATM 1345 C C13 . JZ1 D 3 .   ? -0.733  8.840   -6.549  1.00 20.63 ? 167 JZ1 A C13 1 
HETATM 1346 C C14 . JZ1 D 3 .   ? 0.495   9.794   -6.631  1.00 23.84 ? 167 JZ1 A C14 1 
HETATM 1347 O OAB . JZ1 D 3 .   ? -0.385  8.312   -3.673  1.00 20.64 ? 167 JZ1 A OAB 1 
HETATM 1348 C C1  . BME E 4 .   ? -11.922 1.031   3.837   0.50 38.60 ? 168 BME A C1  1 
HETATM 1349 C C2  . BME E 4 .   ? -12.116 0.456   2.431   0.50 39.51 ? 168 BME A C2  1 
HETATM 1350 O O1  . BME E 4 .   ? -12.635 0.222   4.773   0.50 39.42 ? 168 BME A O1  1 
HETATM 1351 S S2  . BME E 4 .   ? -13.870 0.379   1.905   0.50 39.89 ? 168 BME A S2  1 
HETATM 1352 O O   . HOH F 5 .   ? -11.939 -6.979  -12.950 1.00 30.09 ? 169 HOH A O   1 
HETATM 1353 O O   . HOH F 5 .   ? 7.299   -8.972  -3.318  1.00 31.93 ? 170 HOH A O   1 
HETATM 1354 O O   . HOH F 5 .   ? 13.877  -16.317 6.574   1.00 31.93 ? 171 HOH A O   1 
HETATM 1355 O O   . HOH F 5 .   ? -13.604 -1.490  8.294   1.00 33.13 ? 172 HOH A O   1 
HETATM 1356 O O   . HOH F 5 .   ? -7.361  -14.544 -1.549  1.00 33.93 ? 173 HOH A O   1 
HETATM 1357 O O   . HOH F 5 .   ? -0.467  -20.954 14.258  1.00 32.08 ? 174 HOH A O   1 
HETATM 1358 O O   . HOH F 5 .   ? 6.641   20.654  -13.954 1.00 36.10 ? 175 HOH A O   1 
HETATM 1359 O O   . HOH F 5 .   ? -11.268 -8.323  10.128  1.00 41.94 ? 176 HOH A O   1 
HETATM 1360 O O   . HOH F 5 .   ? 9.744   1.349   13.642  1.00 43.51 ? 177 HOH A O   1 
HETATM 1361 O O   . HOH F 5 .   ? -1.107  -16.643 22.141  1.00 32.72 ? 178 HOH A O   1 
HETATM 1362 O O   . HOH F 5 .   ? -0.092  -15.652 -2.806  1.00 40.08 ? 179 HOH A O   1 
HETATM 1363 O O   . HOH F 5 .   ? 2.684   21.182  -8.812  1.00 48.27 ? 180 HOH A O   1 
HETATM 1364 O O   . HOH F 5 .   ? -9.183  18.114  -14.334 1.00 33.47 ? 181 HOH A O   1 
HETATM 1365 O O   . HOH F 5 .   ? 8.146   -1.503  -0.850  0.50 21.84 ? 182 HOH A O   1 
HETATM 1366 O O   . HOH F 5 .   ? -3.421  5.254   -22.421 1.00 33.66 ? 183 HOH A O   1 
HETATM 1367 O O   . HOH F 5 .   ? 5.383   -5.671  -1.055  1.00 35.84 ? 184 HOH A O   1 
HETATM 1368 O O   . HOH F 5 .   ? -10.288 -16.101 6.724   1.00 40.82 ? 185 HOH A O   1 
HETATM 1369 O O   . HOH F 5 .   ? -4.534  -13.380 -9.519  1.00 43.62 ? 186 HOH A O   1 
HETATM 1370 O O   . HOH F 5 .   ? -10.093 18.754  -9.958  1.00 39.10 ? 187 HOH A O   1 
HETATM 1371 O O   . HOH F 5 .   ? 1.594   7.047   5.898   1.00 39.70 ? 188 HOH A O   1 
HETATM 1372 O O   . HOH F 5 .   ? -7.008  -13.043 2.577   1.00 38.35 ? 189 HOH A O   1 
HETATM 1373 O O   . HOH F 5 .   ? 11.903  -13.113 9.206   1.00 33.77 ? 190 HOH A O   1 
HETATM 1374 O O   . HOH F 5 .   ? 15.770  -1.110  2.167   1.00 38.20 ? 191 HOH A O   1 
HETATM 1375 O O   . HOH F 5 .   ? 13.366  -14.257 11.043  1.00 30.95 ? 192 HOH A O   1 
HETATM 1376 O O   . HOH F 5 .   ? -3.040  -11.809 -11.078 1.00 44.33 ? 193 HOH A O   1 
HETATM 1377 O O   . HOH F 5 .   ? 9.558   -16.075 11.012  1.00 29.97 ? 194 HOH A O   1 
HETATM 1378 O O   . HOH F 5 .   ? -6.973  20.186  0.829   1.00 37.12 ? 195 HOH A O   1 
HETATM 1379 O O   . HOH F 5 .   ? 7.071   -6.140  0.654   1.00 34.60 ? 196 HOH A O   1 
HETATM 1380 O O   . HOH F 5 .   ? 7.567   -5.637  -7.986  1.00 14.51 ? 197 HOH A O   1 
HETATM 1381 O O   . HOH F 5 .   ? 4.769   -8.744  -2.336  1.00 35.71 ? 198 HOH A O   1 
HETATM 1382 O O   . HOH F 5 .   ? -6.734  -9.068  17.688  1.00 37.96 ? 199 HOH A O   1 
HETATM 1383 O O   . HOH F 5 .   ? 3.559   -5.983  -14.026 1.00 17.18 ? 200 HOH A O   1 
HETATM 1384 O O   . HOH F 5 .   ? -5.014  20.119  -5.624  1.00 42.01 ? 201 HOH A O   1 
HETATM 1385 O O   . HOH F 5 .   ? 9.472   0.210   -4.184  1.00 18.78 ? 202 HOH A O   1 
HETATM 1386 O O   . HOH F 5 .   ? -10.474 -15.446 3.117   1.00 40.96 ? 203 HOH A O   1 
HETATM 1387 O O   . HOH F 5 .   ? 0.185   -1.070  5.406   1.00 40.37 ? 204 HOH A O   1 
HETATM 1388 O O   . HOH F 5 .   ? 8.247   10.373  -2.634  1.00 34.05 ? 205 HOH A O   1 
HETATM 1389 O O   . HOH F 5 .   ? -3.887  19.996  -11.061 1.00 43.03 ? 206 HOH A O   1 
HETATM 1390 O O   . HOH F 5 .   ? -3.353  22.305  -12.175 1.00 45.32 ? 207 HOH A O   1 
HETATM 1391 O O   . HOH F 5 .   ? 8.744   6.985   -17.570 1.00 19.84 ? 208 HOH A O   1 
HETATM 1392 O O   . HOH F 5 .   ? -1.078  -18.932 15.966  1.00 34.90 ? 209 HOH A O   1 
HETATM 1393 O O   . HOH F 5 .   ? 2.189   -3.152  16.801  1.00 32.50 ? 210 HOH A O   1 
HETATM 1394 O O   . HOH F 5 .   ? -1.961  -5.730  6.585   1.00 15.92 ? 211 HOH A O   1 
HETATM 1395 O O   . HOH F 5 .   ? -0.865  -14.713 25.152  1.00 38.28 ? 212 HOH A O   1 
HETATM 1396 O O   . HOH F 5 .   ? 5.850   0.082   3.955   1.00 46.60 ? 213 HOH A O   1 
HETATM 1397 O O   . HOH F 5 .   ? -5.875  -7.879  -18.744 1.00 35.52 ? 214 HOH A O   1 
HETATM 1398 O O   . HOH F 5 .   ? 11.750  -16.535 15.044  1.00 38.76 ? 215 HOH A O   1 
HETATM 1399 O O   . HOH F 5 .   ? -1.857  14.928  7.410   1.00 40.53 ? 216 HOH A O   1 
HETATM 1400 O O   . HOH F 5 .   ? 2.618   13.556  1.152   1.00 39.63 ? 217 HOH A O   1 
HETATM 1401 O O   . HOH F 5 .   ? 8.240   -13.483 20.982  1.00 57.14 ? 218 HOH A O   1 
HETATM 1402 O O   . HOH F 5 .   ? -11.953 -9.551  -10.206 1.00 36.74 ? 219 HOH A O   1 
HETATM 1403 O O   . HOH F 5 .   ? 4.772   -8.247  1.065   1.00 19.26 ? 220 HOH A O   1 
HETATM 1404 O O   . HOH F 5 .   ? 14.060  -5.058  -6.308  1.00 18.23 ? 221 HOH A O   1 
HETATM 1405 O O   . HOH F 5 .   ? 5.208   -10.096 -0.341  1.00 37.51 ? 222 HOH A O   1 
HETATM 1406 O O   . HOH F 5 .   ? 8.518   4.882   1.378   1.00 32.72 ? 223 HOH A O   1 
HETATM 1407 O O   . HOH F 5 .   ? 15.755  -3.356  9.100   1.00 36.72 ? 224 HOH A O   1 
HETATM 1408 O O   . HOH F 5 .   ? -17.083 10.643  -6.796  1.00 39.13 ? 225 HOH A O   1 
HETATM 1409 O O   . HOH F 5 .   ? -11.183 -16.119 14.333  1.00 35.78 ? 226 HOH A O   1 
HETATM 1410 O O   . HOH F 5 .   ? -7.466  17.011  4.471   1.00 52.46 ? 227 HOH A O   1 
HETATM 1411 O O   . HOH F 5 .   ? -7.656  -11.470 -9.820  1.00 38.50 ? 228 HOH A O   1 
HETATM 1412 O O   . HOH F 5 .   ? 15.034  -5.995  9.368   1.00 24.82 ? 229 HOH A O   1 
HETATM 1413 O O   . HOH F 5 .   ? -3.207  19.782  -8.545  1.00 35.85 ? 230 HOH A O   1 
HETATM 1414 O O   . HOH F 5 .   ? 6.813   -6.561  -5.287  1.00 18.66 ? 231 HOH A O   1 
HETATM 1415 O O   . HOH F 5 .   ? -1.992  -8.403  7.553   1.00 15.17 ? 232 HOH A O   1 
HETATM 1416 O O   . HOH F 5 .   ? -8.280  13.323  -11.448 1.00 18.90 ? 233 HOH A O   1 
HETATM 1417 O O   . HOH F 5 .   ? 9.928   6.892   -5.314  1.00 15.97 ? 234 HOH A O   1 
HETATM 1418 O O   . HOH F 5 .   ? 1.861   6.508   -20.421 1.00 20.99 ? 235 HOH A O   1 
HETATM 1419 O O   . HOH F 5 .   ? -8.697  0.836   11.136  1.00 41.14 ? 236 HOH A O   1 
HETATM 1420 O O   . HOH F 5 .   ? 4.169   -1.933  14.774  1.00 27.05 ? 237 HOH A O   1 
HETATM 1421 O O   . HOH F 5 .   ? -3.769  -3.676  15.898  1.00 15.88 ? 238 HOH A O   1 
HETATM 1422 O O   . HOH F 5 .   ? 7.251   -7.807  23.985  1.00 28.60 ? 239 HOH A O   1 
HETATM 1423 O O   . HOH F 5 .   ? 1.829   -8.174  -13.447 1.00 19.58 ? 240 HOH A O   1 
HETATM 1424 O O   . HOH F 5 .   ? -11.442 -12.575 8.362   1.00 26.58 ? 241 HOH A O   1 
HETATM 1425 O O   . HOH F 5 .   ? 0.042   22.414  -16.447 1.00 48.47 ? 242 HOH A O   1 
HETATM 1426 O O   . HOH F 5 .   ? -5.769  -7.001  16.464  1.00 20.47 ? 243 HOH A O   1 
HETATM 1427 O O   . HOH F 5 .   ? -13.525 -9.426  -2.544  1.00 19.23 ? 244 HOH A O   1 
HETATM 1428 O O   . HOH F 5 .   ? -5.277  -2.336  -13.840 1.00 16.47 ? 245 HOH A O   1 
HETATM 1429 O O   . HOH F 5 .   ? -9.322  -8.041  5.481   1.00 26.20 ? 246 HOH A O   1 
HETATM 1430 O O   . HOH F 5 .   ? 7.456   -3.096  -1.214  0.50 23.71 ? 247 HOH A O   1 
HETATM 1431 O O   . HOH F 5 .   ? 3.998   -7.347  -5.682  1.00 19.97 ? 248 HOH A O   1 
HETATM 1432 O O   . HOH F 5 .   ? 5.044   -5.765  2.523   1.00 22.13 ? 249 HOH A O   1 
HETATM 1433 O O   . HOH F 5 .   ? 4.752   4.430   -17.192 1.00 17.24 ? 250 HOH A O   1 
HETATM 1434 O O   . HOH F 5 .   ? 9.654   -9.891  0.717   1.00 19.16 ? 251 HOH A O   1 
HETATM 1435 O O   . HOH F 5 .   ? -10.966 17.345  -5.731  1.00 25.13 ? 252 HOH A O   1 
HETATM 1436 O O   . HOH F 5 .   ? -15.374 9.711   -8.417  1.00 18.77 ? 253 HOH A O   1 
HETATM 1437 O O   . HOH F 5 .   ? 7.929   -15.182 24.669  1.00 56.69 ? 254 HOH A O   1 
HETATM 1438 O O   . HOH F 5 .   ? 5.615   -12.366 18.394  1.00 19.45 ? 255 HOH A O   1 
HETATM 1439 O O   . HOH F 5 .   ? -9.521  -9.479  3.419   1.00 20.70 ? 256 HOH A O   1 
HETATM 1440 O O   . HOH F 5 .   ? -13.452 0.837   -14.788 1.00 23.70 ? 257 HOH A O   1 
HETATM 1441 O O   . HOH F 5 .   ? 4.694   1.873   -16.092 1.00 18.76 ? 258 HOH A O   1 
HETATM 1442 O O   . HOH F 5 .   ? 17.846  -9.080  12.062  1.00 22.06 ? 259 HOH A O   1 
HETATM 1443 O O   . HOH F 5 .   ? 17.406  -9.735  15.340  1.00 30.27 ? 260 HOH A O   1 
HETATM 1444 O O   . HOH F 5 .   ? -3.351  -18.977 17.365  1.00 31.80 ? 261 HOH A O   1 
HETATM 1445 O O   . HOH F 5 .   ? 15.940  -4.846  0.106   1.00 17.41 ? 262 HOH A O   1 
HETATM 1446 O O   . HOH F 5 .   ? -10.412 -11.192 10.465  1.00 25.06 ? 263 HOH A O   1 
HETATM 1447 O O   . HOH F 5 .   ? 2.308   0.490   -16.544 1.00 18.05 ? 264 HOH A O   1 
HETATM 1448 O O   . HOH F 5 .   ? -1.516  -9.461  -16.181 1.00 56.67 ? 265 HOH A O   1 
HETATM 1449 O O   . HOH F 5 .   ? 16.117  -0.352  -12.507 1.00 29.91 ? 266 HOH A O   1 
HETATM 1450 O O   . HOH F 5 .   ? -10.091 16.704  -11.755 1.00 19.42 ? 267 HOH A O   1 
HETATM 1451 O O   . HOH F 5 .   ? -12.281 -1.239  -3.711  1.00 18.71 ? 268 HOH A O   1 
HETATM 1452 O O   . HOH F 5 .   ? 12.682  -4.568  10.287  1.00 21.24 ? 269 HOH A O   1 
HETATM 1453 O O   . HOH F 5 .   ? -9.082  -14.899 15.104  1.00 39.42 ? 270 HOH A O   1 
HETATM 1454 O O   . HOH F 5 .   ? -6.523  20.200  -11.701 1.00 41.90 ? 271 HOH A O   1 
HETATM 1455 O O   . HOH F 5 .   ? 1.904   -10.107 24.719  1.00 38.23 ? 272 HOH A O   1 
HETATM 1456 O O   . HOH F 5 .   ? -11.892 -5.887  -15.445 1.00 36.00 ? 273 HOH A O   1 
HETATM 1457 O O   . HOH F 5 .   ? 8.125   -12.040 24.783  1.00 45.52 ? 274 HOH A O   1 
HETATM 1458 O O   . HOH F 5 .   ? 6.093   -10.941 26.301  1.00 38.31 ? 275 HOH A O   1 
HETATM 1459 O O   . HOH F 5 .   ? 6.225   -2.689  21.744  1.00 23.95 ? 276 HOH A O   1 
HETATM 1460 O O   . HOH F 5 .   ? 1.899   0.649   -4.935  1.00 15.81 ? 277 HOH A O   1 
HETATM 1461 O O   . HOH F 5 .   ? -13.542 -0.533  -19.075 1.00 43.71 ? 278 HOH A O   1 
HETATM 1462 O O   . HOH F 5 .   ? 6.207   -4.255  4.807   1.00 17.73 ? 279 HOH A O   1 
HETATM 1463 O O   . HOH F 5 .   ? -2.288  18.267  -4.228  1.00 29.53 ? 280 HOH A O   1 
HETATM 1464 O O   . HOH F 5 .   ? 11.639  4.128   -14.941 1.00 34.58 ? 281 HOH A O   1 
HETATM 1465 O O   . HOH F 5 .   ? 4.869   -11.837 1.032   1.00 32.77 ? 282 HOH A O   1 
HETATM 1466 O O   . HOH F 5 .   ? 5.805   -4.668  -3.290  1.00 26.67 ? 283 HOH A O   1 
HETATM 1467 O O   . HOH F 5 .   ? 3.331   -0.190  4.572   1.00 24.67 ? 284 HOH A O   1 
HETATM 1468 O O   . HOH F 5 .   ? 7.589   -12.205 0.962   1.00 25.17 ? 285 HOH A O   1 
HETATM 1469 O O   . HOH F 5 .   ? 3.899   -2.847  4.248   1.00 23.01 ? 286 HOH A O   1 
HETATM 1470 O O   . HOH F 5 .   ? -6.682  -13.048 18.013  1.00 24.54 ? 287 HOH A O   1 
HETATM 1471 O O   . HOH F 5 .   ? -6.796  -11.230 -4.781  1.00 20.05 ? 288 HOH A O   1 
HETATM 1472 O O   . HOH F 5 .   ? -7.644  -10.255 1.560   1.00 20.88 ? 289 HOH A O   1 
HETATM 1473 O O   . HOH F 5 .   ? -11.882 -3.039  -15.233 1.00 19.10 ? 290 HOH A O   1 
HETATM 1474 O O   . HOH F 5 .   ? -5.829  -11.423 20.344  1.00 26.96 ? 291 HOH A O   1 
HETATM 1475 O O   . HOH F 5 .   ? 6.744   0.658   -17.379 1.00 22.37 ? 292 HOH A O   1 
HETATM 1476 O O   . HOH F 5 .   ? 4.015   -2.972  1.506   1.00 23.15 ? 293 HOH A O   1 
HETATM 1477 O O   . HOH F 5 .   ? -12.683 4.114   -13.765 1.00 19.30 ? 294 HOH A O   1 
HETATM 1478 O O   . HOH F 5 .   ? -10.918 -11.797 3.434   1.00 26.26 ? 295 HOH A O   1 
HETATM 1479 O O   . HOH F 5 .   ? 7.123   4.800   -18.509 1.00 17.93 ? 296 HOH A O   1 
HETATM 1480 O O   . HOH F 5 .   ? 14.940  -3.178  -3.113  1.00 26.19 ? 297 HOH A O   1 
HETATM 1481 O O   . HOH F 5 .   ? -9.460  3.162   -20.114 1.00 27.06 ? 298 HOH A O   1 
HETATM 1482 O O   . HOH F 5 .   ? 6.613   20.247  -7.876  1.00 36.06 ? 299 HOH A O   1 
HETATM 1483 O O   . HOH F 5 .   ? -14.117 -1.685  -14.004 1.00 24.90 ? 300 HOH A O   1 
HETATM 1484 O O   . HOH F 5 .   ? -0.068  -8.514  23.695  1.00 26.31 ? 301 HOH A O   1 
HETATM 1485 O O   . HOH F 5 .   ? 2.631   4.147   -19.035 1.00 20.67 ? 302 HOH A O   1 
HETATM 1486 O O   . HOH F 5 .   ? -3.212  -2.851  12.021  1.00 20.77 ? 303 HOH A O   1 
HETATM 1487 O O   . HOH F 5 .   ? 7.485   13.173  -16.664 1.00 20.31 ? 304 HOH A O   1 
HETATM 1488 O O   . HOH F 5 .   ? 16.664  -3.120  5.398   1.00 34.07 ? 305 HOH A O   1 
HETATM 1489 O O   . HOH F 5 .   ? 0.200   -3.308  -16.998 1.00 24.05 ? 306 HOH A O   1 
HETATM 1490 O O   . HOH F 5 .   ? 4.068   -13.549 -0.762  1.00 34.56 ? 307 HOH A O   1 
HETATM 1491 O O   . HOH F 5 .   ? -8.448  -12.175 -2.634  1.00 20.91 ? 308 HOH A O   1 
HETATM 1492 O O   . HOH F 5 .   ? 6.394   -2.176  1.125   1.00 27.04 ? 309 HOH A O   1 
HETATM 1493 O O   . HOH F 5 .   ? -5.941  18.439  -18.268 1.00 26.87 ? 310 HOH A O   1 
HETATM 1494 O O   . HOH F 5 .   ? -7.650  -18.125 10.736  1.00 26.79 ? 311 HOH A O   1 
HETATM 1495 O O   . HOH F 5 .   ? 7.932   -16.796 13.085  1.00 30.98 ? 312 HOH A O   1 
HETATM 1496 O O   . HOH F 5 .   ? -8.309  -18.863 13.305  1.00 38.12 ? 313 HOH A O   1 
HETATM 1497 O O   . HOH F 5 .   ? -6.265  -14.808 0.867   1.00 35.58 ? 314 HOH A O   1 
HETATM 1498 O O   . HOH F 5 .   ? -0.449  -19.855 11.538  1.00 29.19 ? 315 HOH A O   1 
HETATM 1499 O O   . HOH F 5 .   ? -12.928 7.026   0.022   1.00 39.81 ? 316 HOH A O   1 
HETATM 1500 O O   . HOH F 5 .   ? 8.314   -1.304  3.469   1.00 27.08 ? 317 HOH A O   1 
HETATM 1501 O O   . HOH F 5 .   ? 0.857   18.505  -4.135  1.00 28.14 ? 318 HOH A O   1 
HETATM 1502 O O   . HOH F 5 .   ? 0.757   18.614  -7.004  1.00 24.11 ? 319 HOH A O   1 
HETATM 1503 O O   . HOH F 5 .   ? 5.036   13.024  -18.151 1.00 18.16 ? 320 HOH A O   1 
HETATM 1504 O O   . HOH F 5 .   ? 0.875   -17.918 17.667  1.00 26.98 ? 321 HOH A O   1 
HETATM 1505 O O   . HOH F 5 .   ? -7.987  -0.338  -20.687 1.00 47.46 ? 322 HOH A O   1 
HETATM 1506 O O   . HOH F 5 .   ? -12.724 17.625  -3.602  1.00 27.17 ? 323 HOH A O   1 
HETATM 1507 O O   . HOH F 5 .   ? -7.948  -11.077 16.468  1.00 24.97 ? 324 HOH A O   1 
HETATM 1508 O O   . HOH F 5 .   ? 17.276  -6.724  1.930   1.00 18.29 ? 325 HOH A O   1 
HETATM 1509 O O   . HOH F 5 .   ? 15.947  -8.792  3.365   1.00 21.49 ? 326 HOH A O   1 
HETATM 1510 O O   . HOH F 5 .   ? 11.185  -15.379 5.689   1.00 31.01 ? 327 HOH A O   1 
HETATM 1511 O O   . HOH F 5 .   ? -8.600  -11.334 -7.012  1.00 31.19 ? 328 HOH A O   1 
HETATM 1512 O O   . HOH F 5 .   ? -1.898  -4.556  -17.859 1.00 30.29 ? 329 HOH A O   1 
HETATM 1513 O O   . HOH F 5 .   ? 4.239   15.563  -18.853 1.00 38.83 ? 330 HOH A O   1 
HETATM 1514 O O   . HOH F 5 .   ? 5.118   12.307  -21.000 1.00 21.90 ? 331 HOH A O   1 
HETATM 1515 O O   . HOH F 5 .   ? 2.919   10.897  -22.109 1.00 24.62 ? 332 HOH A O   1 
HETATM 1516 O O   . HOH F 5 .   ? 3.375   8.585   -23.338 1.00 36.39 ? 333 HOH A O   1 
HETATM 1517 O O   . HOH F 5 .   ? 15.907  3.164   -7.541  1.00 16.40 ? 334 HOH A O   1 
HETATM 1518 O O   . HOH F 5 .   ? 9.951   -9.809  21.703  1.00 26.73 ? 335 HOH A O   1 
HETATM 1519 O O   . HOH F 5 .   ? -5.496  10.799  -20.822 1.00 19.81 ? 336 HOH A O   1 
HETATM 1520 O O   . HOH F 5 .   ? 9.340   -6.467  -9.723  1.00 19.97 ? 337 HOH A O   1 
HETATM 1521 O O   . HOH F 5 .   ? 4.732   -9.888  -10.541 1.00 39.64 ? 338 HOH A O   1 
HETATM 1522 O O   . HOH F 5 .   ? 1.566   -1.807  7.522   1.00 24.21 ? 339 HOH A O   1 
HETATM 1523 O O   . HOH F 5 .   ? -0.347  -7.511  -14.860 1.00 21.52 ? 340 HOH A O   1 
HETATM 1524 O O   . HOH F 5 .   ? 5.654   -6.770  -15.455 1.00 23.31 ? 341 HOH A O   1 
HETATM 1525 O O   . HOH F 5 .   ? 7.330   -10.287 22.480  1.00 28.53 ? 342 HOH A O   1 
HETATM 1526 O O   . HOH F 5 .   ? 18.412  -10.833 10.113  1.00 29.95 ? 343 HOH A O   1 
HETATM 1527 O O   . HOH F 5 .   ? 0.531   -12.598 -4.146  1.00 29.18 ? 344 HOH A O   1 
HETATM 1528 O O   . HOH F 5 .   ? 1.448   -5.283  -15.702 1.00 24.59 ? 345 HOH A O   1 
HETATM 1529 O O   . HOH F 5 .   ? -4.900  -19.731 9.649   1.00 25.16 ? 346 HOH A O   1 
HETATM 1530 O O   . HOH F 5 .   ? 15.672  -12.587 11.447  1.00 36.30 ? 347 HOH A O   1 
HETATM 1531 O O   . HOH F 5 .   ? 13.717  5.599   -13.759 1.00 26.85 ? 348 HOH A O   1 
HETATM 1532 O O   . HOH F 5 .   ? 1.772   -15.011 -0.535  1.00 27.72 ? 349 HOH A O   1 
HETATM 1533 O O   . HOH F 5 .   ? 3.537   -1.067  12.314  1.00 35.32 ? 350 HOH A O   1 
HETATM 1534 O O   . HOH F 5 .   ? 13.821  -13.299 7.060   1.00 33.37 ? 351 HOH A O   1 
HETATM 1535 O O   . HOH F 5 .   ? -1.268  1.099   5.736   1.00 31.87 ? 352 HOH A O   1 
HETATM 1536 O O   . HOH F 5 .   ? 0.597   3.374   4.475   1.00 35.66 ? 353 HOH A O   1 
HETATM 1537 O O   . HOH F 5 .   ? 17.337  -7.404  9.974   1.00 28.04 ? 354 HOH A O   1 
HETATM 1538 O O   . HOH F 5 .   ? 12.403  -3.841  -3.631  1.00 26.17 ? 355 HOH A O   1 
HETATM 1539 O O   . HOH F 5 .   ? 17.220  -6.945  6.561   1.00 36.18 ? 356 HOH A O   1 
HETATM 1540 O O   . HOH F 5 .   ? 5.017   -9.409  -15.750 1.00 37.75 ? 357 HOH A O   1 
HETATM 1541 O O   . HOH F 5 .   ? 5.718   -13.488 21.391  1.00 37.88 ? 358 HOH A O   1 
HETATM 1542 O O   . HOH F 5 .   ? 14.448  8.063   -12.252 1.00 22.52 ? 359 HOH A O   1 
HETATM 1543 O O   . HOH F 5 .   ? -0.588  5.477   5.587   1.00 36.06 ? 360 HOH A O   1 
HETATM 1544 O O   . HOH F 5 .   ? 0.679   -0.209  12.203  1.00 24.28 ? 361 HOH A O   1 
HETATM 1545 O O   . HOH F 5 .   ? 4.803   -9.947  24.226  1.00 26.50 ? 362 HOH A O   1 
HETATM 1546 O O   . HOH F 5 .   ? -10.271 -5.671  11.107  1.00 25.69 ? 363 HOH A O   1 
HETATM 1547 O O   . HOH F 5 .   ? -8.937  -10.123 -0.847  1.00 25.69 ? 364 HOH A O   1 
HETATM 1548 O O   . HOH F 5 .   ? -1.922  18.100  -6.943  1.00 26.30 ? 365 HOH A O   1 
HETATM 1549 O O   . HOH F 5 .   ? -2.673  12.320  6.700   1.00 32.78 ? 366 HOH A O   1 
HETATM 1550 O O   . HOH F 5 .   ? 8.649   2.541   -17.743 1.00 31.89 ? 367 HOH A O   1 
HETATM 1551 O O   . HOH F 5 .   ? -2.456  7.160   4.553   1.00 29.40 ? 368 HOH A O   1 
HETATM 1552 O O   . HOH F 5 .   ? 0.648   2.414   -17.897 1.00 25.63 ? 369 HOH A O   1 
HETATM 1553 O O   . HOH F 5 .   ? -8.656  3.929   10.024  1.00 32.97 ? 370 HOH A O   1 
HETATM 1554 O O   . HOH F 5 .   ? -8.987  -12.318 14.042  1.00 28.65 ? 371 HOH A O   1 
HETATM 1555 O O   . HOH F 5 .   ? -11.862 3.650   -17.554 1.00 26.31 ? 372 HOH A O   1 
HETATM 1556 O O   . HOH F 5 .   ? -9.861  10.752  7.546   1.00 30.87 ? 373 HOH A O   1 
HETATM 1557 O O   . HOH F 5 .   ? 2.328   -3.598  14.206  1.00 33.87 ? 374 HOH A O   1 
HETATM 1558 O O   . HOH F 5 .   ? -5.300  -16.894 17.426  1.00 28.51 ? 375 HOH A O   1 
HETATM 1559 O O   . HOH F 5 .   ? -7.365  -16.745 14.861  1.00 29.05 ? 376 HOH A O   1 
HETATM 1560 O O   . HOH F 5 .   ? -3.683  0.236   11.329  1.00 29.48 ? 377 HOH A O   1 
HETATM 1561 O O   . HOH F 5 .   ? 9.646   -5.219  -14.739 1.00 31.94 ? 378 HOH A O   1 
HETATM 1562 O O   . HOH F 5 .   ? 2.703   14.078  -1.585  1.00 28.73 ? 379 HOH A O   1 
HETATM 1563 O O   . HOH F 5 .   ? 9.626   7.979   -19.856 1.00 34.76 ? 380 HOH A O   1 
HETATM 1564 O O   . HOH F 5 .   ? 10.751  -1.670  -2.381  1.00 28.13 ? 381 HOH A O   1 
HETATM 1565 O O   . HOH F 5 .   ? -2.112  17.820  5.502   1.00 34.19 ? 382 HOH A O   1 
HETATM 1566 O O   . HOH F 5 .   ? 2.919   16.720  -2.703  1.00 33.72 ? 383 HOH A O   1 
HETATM 1567 O O   . HOH F 5 .   ? -4.888  -13.525 -4.479  1.00 34.13 ? 384 HOH A O   1 
HETATM 1568 O O   . HOH F 5 .   ? 1.111   19.225  -15.180 1.00 38.63 ? 385 HOH A O   1 
HETATM 1569 O O   . HOH F 5 .   ? 7.286   -8.513  -0.142  1.00 32.09 ? 386 HOH A O   1 
HETATM 1570 O O   . HOH F 5 .   ? 9.116   -16.120 7.224   1.00 29.53 ? 387 HOH A O   1 
HETATM 1571 O O   . HOH F 5 .   ? -1.579  -9.957  -11.544 1.00 34.61 ? 388 HOH A O   1 
HETATM 1572 O O   . HOH F 5 .   ? 16.073  -13.497 7.804   1.00 32.56 ? 389 HOH A O   1 
HETATM 1573 O O   . HOH F 5 .   ? 2.083   -1.894  4.150   1.00 32.62 ? 390 HOH A O   1 
# 
loop_
_pdbx_poly_seq_scheme.asym_id 
_pdbx_poly_seq_scheme.entity_id 
_pdbx_poly_seq_scheme.seq_id 
_pdbx_poly_seq_scheme.mon_id 
_pdbx_poly_seq_scheme.ndb_seq_num 
_pdbx_poly_seq_scheme.pdb_seq_num 
_pdbx_poly_seq_scheme.auth_seq_num 
_pdbx_poly_seq_scheme.pdb_mon_id 
_pdbx_poly_seq_scheme.auth_mon_id 
_pdbx_poly_seq_scheme.pdb_strand_id 
_pdbx_poly_seq_scheme.pdb_ins_code 
_pdbx_poly_seq_scheme.hetero 
A 1 1   MET 1   1   1   MET MET A . n 
A 1 2   ASN 2   2   2   ASN ASN A . n 
A 1 3   ILE 3   3   3   ILE ILE A . n 
A 1 4   PHE 4   4   4   PHE PHE A . n 
A 1 5   GLU 5   5   5   GLU GLU A . n 
A 1 6   MET 6   6   6   MET MET A . n 
A 1 7   LEU 7   7   7   LEU LEU A . n 
A 1 8   ARG 8   8   8   ARG ARG A . n 
A 1 9   ILE 9   9   9   ILE ILE A . n 
A 1 10  ASP 10  10  10  ASP ASP A . n 
A 1 11  GLU 11  11  11  GLU GLU A . n 
A 1 12  GLY 12  12  12  GLY GLY A . n 
A 1 13  LEU 13  13  13  LEU LEU A . n 
A 1 14  ARG 14  14  14  ARG ARG A . n 
A 1 15  LEU 15  15  15  LEU LEU A . n 
A 1 16  LYS 16  16  16  LYS LYS A . n 
A 1 17  ILE 17  17  17  ILE ILE A . n 
A 1 18  TYR 18  18  18  TYR TYR A . n 
A 1 19  LYS 19  19  19  LYS LYS A . n 
A 1 20  ASP 20  20  20  ASP ASP A . n 
A 1 21  THR 21  21  21  THR THR A . n 
A 1 22  GLU 22  22  22  GLU GLU A . n 
A 1 23  GLY 23  23  23  GLY GLY A . n 
A 1 24  TYR 24  24  24  TYR TYR A . n 
A 1 25  TYR 25  25  25  TYR TYR A . n 
A 1 26  THR 26  26  26  THR THR A . n 
A 1 27  ILE 27  27  27  ILE ILE A . n 
A 1 28  GLY 28  28  28  GLY GLY A . n 
A 1 29  ILE 29  29  29  ILE ILE A . n 
A 1 30  GLY 30  30  30  GLY GLY A . n 
A 1 31  HIS 31  31  31  HIS HIS A . n 
A 1 32  LEU 32  32  32  LEU LEU A . n 
A 1 33  LEU 33  33  33  LEU LEU A . n 
A 1 34  THR 34  34  34  THR THR A . n 
A 1 35  LYS 35  35  35  LYS LYS A . n 
A 1 36  SER 36  36  36  SER SER A . n 
A 1 37  PRO 37  37  37  PRO PRO A . n 
A 1 38  ASP 38  38  38  ASP ASP A . n 
A 1 39  LEU 39  39  39  LEU LEU A . n 
A 1 40  ASN 40  40  40  ASN ASN A . n 
A 1 41  ALA 41  41  41  ALA ALA A . n 
A 1 42  ALA 42  42  42  ALA ALA A . n 
A 1 43  LYS 43  43  43  LYS LYS A . n 
A 1 44  SER 44  44  44  SER SER A . n 
A 1 45  GLU 45  45  45  GLU GLU A . n 
A 1 46  LEU 46  46  46  LEU LEU A . n 
A 1 47  ASP 47  47  47  ASP ASP A . n 
A 1 48  LYS 48  48  48  LYS LYS A . n 
A 1 49  ALA 49  49  49  ALA ALA A . n 
A 1 50  ILE 50  50  50  ILE ILE A . n 
A 1 51  GLY 51  51  51  GLY GLY A . n 
A 1 52  ARG 52  52  52  ARG ARG A . n 
A 1 53  ASN 53  53  53  ASN ASN A . n 
A 1 54  CYS 54  54  54  CYS CYS A . n 
A 1 55  ASN 55  55  55  ASN ASN A . n 
A 1 56  GLY 56  56  56  GLY GLY A . n 
A 1 57  VAL 57  57  57  VAL VAL A . n 
A 1 58  ILE 58  58  58  ILE ILE A . n 
A 1 59  THR 59  59  59  THR THR A . n 
A 1 60  LYS 60  60  60  LYS LYS A . n 
A 1 61  ASP 61  61  61  ASP ASP A . n 
A 1 62  GLU 62  62  62  GLU GLU A . n 
A 1 63  ALA 63  63  63  ALA ALA A . n 
A 1 64  GLU 64  64  64  GLU GLU A . n 
A 1 65  LYS 65  65  65  LYS LYS A . n 
A 1 66  LEU 66  66  66  LEU LEU A . n 
A 1 67  PHE 67  67  67  PHE PHE A . n 
A 1 68  ASN 68  68  68  ASN ASN A . n 
A 1 69  GLN 69  69  69  GLN GLN A . n 
A 1 70  ASP 70  70  70  ASP ASP A . n 
A 1 71  VAL 71  71  71  VAL VAL A . n 
A 1 72  ASP 72  72  72  ASP ASP A . n 
A 1 73  ALA 73  73  73  ALA ALA A . n 
A 1 74  ALA 74  74  74  ALA ALA A . n 
A 1 75  VAL 75  75  75  VAL VAL A . n 
A 1 76  ARG 76  76  76  ARG ARG A . n 
A 1 77  GLY 77  77  77  GLY GLY A . n 
A 1 78  ILE 78  78  78  ILE ILE A . n 
A 1 79  LEU 79  79  79  LEU LEU A . n 
A 1 80  ARG 80  80  80  ARG ARG A . n 
A 1 81  ASN 81  81  81  ASN ASN A . n 
A 1 82  ALA 82  82  82  ALA ALA A . n 
A 1 83  LYS 83  83  83  LYS LYS A . n 
A 1 84  LEU 84  84  84  LEU LEU A . n 
A 1 85  LYS 85  85  85  LYS LYS A . n 
A 1 86  PRO 86  86  86  PRO PRO A . n 
A 1 87  VAL 87  87  87  VAL VAL A . n 
A 1 88  TYR 88  88  88  TYR TYR A . n 
A 1 89  ASP 89  89  89  ASP ASP A . n 
A 1 90  SER 90  90  90  SER SER A . n 
A 1 91  LEU 91  91  91  LEU LEU A . n 
A 1 92  ASP 92  92  92  ASP ASP A . n 
A 1 93  ALA 93  93  93  ALA ALA A . n 
A 1 94  VAL 94  94  94  VAL VAL A . n 
A 1 95  ARG 95  95  95  ARG ARG A . n 
A 1 96  ARG 96  96  96  ARG ARG A . n 
A 1 97  CYS 97  97  97  CYS CYS A . n 
A 1 98  ALA 98  98  98  ALA ALA A . n 
A 1 99  ALA 99  99  99  ALA ALA A . n 
A 1 100 ILE 100 100 100 ILE ILE A . n 
A 1 101 ASN 101 101 101 ASN ASN A . n 
A 1 102 GLN 102 102 102 GLN GLN A . n 
A 1 103 VAL 103 103 103 VAL VAL A . n 
A 1 104 PHE 104 104 104 PHE PHE A . n 
A 1 105 GLN 105 105 105 GLN GLN A . n 
A 1 106 MET 106 106 106 MET MET A . n 
A 1 107 GLY 107 107 107 GLY GLY A . n 
A 1 108 GLU 108 108 108 GLU GLU A . n 
A 1 109 THR 109 109 109 THR THR A . n 
A 1 110 GLY 110 110 110 GLY GLY A . n 
A 1 111 VAL 111 111 111 VAL VAL A . n 
A 1 112 ALA 112 112 112 ALA ALA A . n 
A 1 113 GLY 113 113 113 GLY GLY A . n 
A 1 114 PHE 114 114 114 PHE PHE A . n 
A 1 115 THR 115 115 115 THR THR A . n 
A 1 116 ASN 116 116 116 ASN ASN A . n 
A 1 117 SER 117 117 117 SER SER A . n 
A 1 118 LEU 118 118 118 LEU LEU A . n 
A 1 119 ARG 119 119 119 ARG ARG A . n 
A 1 120 MET 120 120 120 MET MET A . n 
A 1 121 LEU 121 121 121 LEU LEU A . n 
A 1 122 GLN 122 122 122 GLN GLN A . n 
A 1 123 GLN 123 123 123 GLN GLN A . n 
A 1 124 LYS 124 124 124 LYS LYS A . n 
A 1 125 ARG 125 125 125 ARG ARG A . n 
A 1 126 TRP 126 126 126 TRP TRP A . n 
A 1 127 ASP 127 127 127 ASP ASP A . n 
A 1 128 GLU 128 128 128 GLU GLU A . n 
A 1 129 ALA 129 129 129 ALA ALA A . n 
A 1 130 ALA 130 130 130 ALA ALA A . n 
A 1 131 VAL 131 131 131 VAL VAL A . n 
A 1 132 ASN 132 132 132 ASN ASN A . n 
A 1 133 LEU 133 133 133 LEU LEU A . n 
A 1 134 ALA 134 134 134 ALA ALA A . n 
A 1 135 LYS 135 135 135 LYS LYS A . n 
A 1 136 SER 136 136 136 SER SER A . n 
A 1 137 ARG 137 137 137 ARG ARG A . n 
A 1 138 TRP 138 138 138 TRP TRP A . n 
A 1 139 TYR 139 139 139 TYR TYR A . n 
A 1 140 ASN 140 140 140 ASN ASN A . n 
A 1 141 GLN 141 141 141 GLN GLN A . n 
A 1 142 THR 142 142 142 THR THR A . n 
A 1 143 PRO 143 143 143 PRO PRO A . n 
A 1 144 ASP 144 144 144 ASP ASP A . n 
A 1 145 ARG 145 145 145 ARG ARG A . n 
A 1 146 ALA 146 146 146 ALA ALA A . n 
A 1 147 LYS 147 147 147 LYS LYS A . n 
A 1 148 ARG 148 148 148 ARG ARG A . n 
A 1 149 VAL 149 149 149 VAL VAL A . n 
A 1 150 ILE 150 150 150 ILE ILE A . n 
A 1 151 THR 151 151 151 THR THR A . n 
A 1 152 THR 152 152 152 THR THR A . n 
A 1 153 PHE 153 153 153 PHE PHE A . n 
A 1 154 ARG 154 154 154 ARG ARG A . n 
A 1 155 THR 155 155 155 THR THR A . n 
A 1 156 GLY 156 156 156 GLY GLY A . n 
A 1 157 THR 157 157 157 THR THR A . n 
A 1 158 TRP 158 158 158 TRP TRP A . n 
A 1 159 ASP 159 159 159 ASP ASP A . n 
A 1 160 ALA 160 160 160 ALA ALA A . n 
A 1 161 TYR 161 161 161 TYR TYR A . n 
A 1 162 LYS 162 162 162 LYS LYS A . n 
A 1 163 ASN 163 163 ?   ?   ?   A . n 
A 1 164 LEU 164 164 ?   ?   ?   A . n 
# 
loop_
_pdbx_nonpoly_scheme.asym_id 
_pdbx_nonpoly_scheme.entity_id 
_pdbx_nonpoly_scheme.mon_id 
_pdbx_nonpoly_scheme.ndb_seq_num 
_pdbx_nonpoly_scheme.pdb_seq_num 
_pdbx_nonpoly_scheme.auth_seq_num 
_pdbx_nonpoly_scheme.pdb_mon_id 
_pdbx_nonpoly_scheme.auth_mon_id 
_pdbx_nonpoly_scheme.pdb_strand_id 
_pdbx_nonpoly_scheme.pdb_ins_code 
B 2 PO4 1   165 1   PO4 PO4 A . 
C 2 PO4 1   166 2   PO4 PO4 A . 
D 3 JZ1 1   167 1   JZ1 JZ1 A . 
E 4 BME 1   168 1   BME BME A . 
F 5 HOH 1   169 169 HOH HOH A . 
F 5 HOH 2   170 170 HOH HOH A . 
F 5 HOH 3   171 171 HOH HOH A . 
F 5 HOH 4   172 172 HOH HOH A . 
F 5 HOH 5   173 173 HOH HOH A . 
F 5 HOH 6   174 174 HOH HOH A . 
F 5 HOH 7   175 175 HOH HOH A . 
F 5 HOH 8   176 176 HOH HOH A . 
F 5 HOH 9   177 177 HOH HOH A . 
F 5 HOH 10  178 178 HOH HOH A . 
F 5 HOH 11  179 179 HOH HOH A . 
F 5 HOH 12  180 180 HOH HOH A . 
F 5 HOH 13  181 181 HOH HOH A . 
F 5 HOH 14  182 182 HOH HOH A . 
F 5 HOH 15  183 183 HOH HOH A . 
F 5 HOH 16  184 184 HOH HOH A . 
F 5 HOH 17  185 185 HOH HOH A . 
F 5 HOH 18  186 186 HOH HOH A . 
F 5 HOH 19  187 187 HOH HOH A . 
F 5 HOH 20  188 188 HOH HOH A . 
F 5 HOH 21  189 189 HOH HOH A . 
F 5 HOH 22  190 190 HOH HOH A . 
F 5 HOH 23  191 191 HOH HOH A . 
F 5 HOH 24  192 192 HOH HOH A . 
F 5 HOH 25  193 193 HOH HOH A . 
F 5 HOH 26  194 194 HOH HOH A . 
F 5 HOH 27  195 195 HOH HOH A . 
F 5 HOH 28  196 196 HOH HOH A . 
F 5 HOH 29  197 1   HOH HOH A . 
F 5 HOH 30  198 198 HOH HOH A . 
F 5 HOH 31  199 199 HOH HOH A . 
F 5 HOH 32  200 2   HOH HOH A . 
F 5 HOH 33  201 201 HOH HOH A . 
F 5 HOH 34  202 3   HOH HOH A . 
F 5 HOH 35  203 203 HOH HOH A . 
F 5 HOH 36  204 204 HOH HOH A . 
F 5 HOH 37  205 205 HOH HOH A . 
F 5 HOH 38  206 206 HOH HOH A . 
F 5 HOH 39  207 207 HOH HOH A . 
F 5 HOH 40  208 4   HOH HOH A . 
F 5 HOH 41  209 209 HOH HOH A . 
F 5 HOH 42  210 210 HOH HOH A . 
F 5 HOH 43  211 5   HOH HOH A . 
F 5 HOH 44  212 212 HOH HOH A . 
F 5 HOH 45  213 213 HOH HOH A . 
F 5 HOH 46  214 214 HOH HOH A . 
F 5 HOH 47  215 215 HOH HOH A . 
F 5 HOH 48  216 216 HOH HOH A . 
F 5 HOH 49  217 217 HOH HOH A . 
F 5 HOH 50  218 218 HOH HOH A . 
F 5 HOH 51  219 219 HOH HOH A . 
F 5 HOH 52  220 6   HOH HOH A . 
F 5 HOH 53  221 7   HOH HOH A . 
F 5 HOH 54  222 222 HOH HOH A . 
F 5 HOH 55  223 223 HOH HOH A . 
F 5 HOH 56  224 224 HOH HOH A . 
F 5 HOH 57  225 225 HOH HOH A . 
F 5 HOH 58  226 226 HOH HOH A . 
F 5 HOH 59  227 227 HOH HOH A . 
F 5 HOH 60  228 228 HOH HOH A . 
F 5 HOH 61  229 8   HOH HOH A . 
F 5 HOH 62  230 230 HOH HOH A . 
F 5 HOH 63  231 9   HOH HOH A . 
F 5 HOH 64  232 10  HOH HOH A . 
F 5 HOH 65  233 11  HOH HOH A . 
F 5 HOH 66  234 12  HOH HOH A . 
F 5 HOH 67  235 13  HOH HOH A . 
F 5 HOH 68  236 14  HOH HOH A . 
F 5 HOH 69  237 15  HOH HOH A . 
F 5 HOH 70  238 16  HOH HOH A . 
F 5 HOH 71  239 17  HOH HOH A . 
F 5 HOH 72  240 18  HOH HOH A . 
F 5 HOH 73  241 19  HOH HOH A . 
F 5 HOH 74  242 242 HOH HOH A . 
F 5 HOH 75  243 20  HOH HOH A . 
F 5 HOH 76  244 21  HOH HOH A . 
F 5 HOH 77  245 22  HOH HOH A . 
F 5 HOH 78  246 23  HOH HOH A . 
F 5 HOH 79  247 247 HOH HOH A . 
F 5 HOH 80  248 24  HOH HOH A . 
F 5 HOH 81  249 25  HOH HOH A . 
F 5 HOH 82  250 26  HOH HOH A . 
F 5 HOH 83  251 27  HOH HOH A . 
F 5 HOH 84  252 28  HOH HOH A . 
F 5 HOH 85  253 29  HOH HOH A . 
F 5 HOH 86  254 254 HOH HOH A . 
F 5 HOH 87  255 30  HOH HOH A . 
F 5 HOH 88  256 31  HOH HOH A . 
F 5 HOH 89  257 32  HOH HOH A . 
F 5 HOH 90  258 33  HOH HOH A . 
F 5 HOH 91  259 34  HOH HOH A . 
F 5 HOH 92  260 35  HOH HOH A . 
F 5 HOH 93  261 36  HOH HOH A . 
F 5 HOH 94  262 37  HOH HOH A . 
F 5 HOH 95  263 38  HOH HOH A . 
F 5 HOH 96  264 39  HOH HOH A . 
F 5 HOH 97  265 265 HOH HOH A . 
F 5 HOH 98  266 40  HOH HOH A . 
F 5 HOH 99  267 41  HOH HOH A . 
F 5 HOH 100 268 42  HOH HOH A . 
F 5 HOH 101 269 43  HOH HOH A . 
F 5 HOH 102 270 270 HOH HOH A . 
F 5 HOH 103 271 271 HOH HOH A . 
F 5 HOH 104 272 272 HOH HOH A . 
F 5 HOH 105 273 273 HOH HOH A . 
F 5 HOH 106 274 274 HOH HOH A . 
F 5 HOH 107 275 275 HOH HOH A . 
F 5 HOH 108 276 44  HOH HOH A . 
F 5 HOH 109 277 45  HOH HOH A . 
F 5 HOH 110 278 278 HOH HOH A . 
F 5 HOH 111 279 46  HOH HOH A . 
F 5 HOH 112 280 47  HOH HOH A . 
F 5 HOH 113 281 48  HOH HOH A . 
F 5 HOH 114 282 49  HOH HOH A . 
F 5 HOH 115 283 50  HOH HOH A . 
F 5 HOH 116 284 51  HOH HOH A . 
F 5 HOH 117 285 52  HOH HOH A . 
F 5 HOH 118 286 53  HOH HOH A . 
F 5 HOH 119 287 54  HOH HOH A . 
F 5 HOH 120 288 55  HOH HOH A . 
F 5 HOH 121 289 56  HOH HOH A . 
F 5 HOH 122 290 57  HOH HOH A . 
F 5 HOH 123 291 58  HOH HOH A . 
F 5 HOH 124 292 59  HOH HOH A . 
F 5 HOH 125 293 62  HOH HOH A . 
F 5 HOH 126 294 63  HOH HOH A . 
F 5 HOH 127 295 64  HOH HOH A . 
F 5 HOH 128 296 65  HOH HOH A . 
F 5 HOH 129 297 66  HOH HOH A . 
F 5 HOH 130 298 67  HOH HOH A . 
F 5 HOH 131 299 69  HOH HOH A . 
F 5 HOH 132 300 71  HOH HOH A . 
F 5 HOH 133 301 72  HOH HOH A . 
F 5 HOH 134 302 73  HOH HOH A . 
F 5 HOH 135 303 74  HOH HOH A . 
F 5 HOH 136 304 75  HOH HOH A . 
F 5 HOH 137 305 76  HOH HOH A . 
F 5 HOH 138 306 77  HOH HOH A . 
F 5 HOH 139 307 78  HOH HOH A . 
F 5 HOH 140 308 79  HOH HOH A . 
F 5 HOH 141 309 80  HOH HOH A . 
F 5 HOH 142 310 81  HOH HOH A . 
F 5 HOH 143 311 82  HOH HOH A . 
F 5 HOH 144 312 83  HOH HOH A . 
F 5 HOH 145 313 84  HOH HOH A . 
F 5 HOH 146 314 85  HOH HOH A . 
F 5 HOH 147 315 86  HOH HOH A . 
F 5 HOH 148 316 87  HOH HOH A . 
F 5 HOH 149 317 88  HOH HOH A . 
F 5 HOH 150 318 91  HOH HOH A . 
F 5 HOH 151 319 93  HOH HOH A . 
F 5 HOH 152 320 94  HOH HOH A . 
F 5 HOH 153 321 96  HOH HOH A . 
F 5 HOH 154 322 97  HOH HOH A . 
F 5 HOH 155 323 99  HOH HOH A . 
F 5 HOH 156 324 100 HOH HOH A . 
F 5 HOH 157 325 101 HOH HOH A . 
F 5 HOH 158 326 102 HOH HOH A . 
F 5 HOH 159 327 103 HOH HOH A . 
F 5 HOH 160 328 104 HOH HOH A . 
F 5 HOH 161 329 105 HOH HOH A . 
F 5 HOH 162 330 106 HOH HOH A . 
F 5 HOH 163 331 107 HOH HOH A . 
F 5 HOH 164 332 108 HOH HOH A . 
F 5 HOH 165 333 109 HOH HOH A . 
F 5 HOH 166 334 110 HOH HOH A . 
F 5 HOH 167 335 111 HOH HOH A . 
F 5 HOH 168 336 112 HOH HOH A . 
F 5 HOH 169 337 113 HOH HOH A . 
F 5 HOH 170 338 114 HOH HOH A . 
F 5 HOH 171 339 115 HOH HOH A . 
F 5 HOH 172 340 116 HOH HOH A . 
F 5 HOH 173 341 117 HOH HOH A . 
F 5 HOH 174 342 118 HOH HOH A . 
F 5 HOH 175 343 119 HOH HOH A . 
F 5 HOH 176 344 120 HOH HOH A . 
F 5 HOH 177 345 121 HOH HOH A . 
F 5 HOH 178 346 122 HOH HOH A . 
F 5 HOH 179 347 124 HOH HOH A . 
F 5 HOH 180 348 125 HOH HOH A . 
F 5 HOH 181 349 126 HOH HOH A . 
F 5 HOH 182 350 127 HOH HOH A . 
F 5 HOH 183 351 128 HOH HOH A . 
F 5 HOH 184 352 129 HOH HOH A . 
F 5 HOH 185 353 130 HOH HOH A . 
F 5 HOH 186 354 131 HOH HOH A . 
F 5 HOH 187 355 132 HOH HOH A . 
F 5 HOH 188 356 133 HOH HOH A . 
F 5 HOH 189 357 134 HOH HOH A . 
F 5 HOH 190 358 135 HOH HOH A . 
F 5 HOH 191 359 136 HOH HOH A . 
F 5 HOH 192 360 137 HOH HOH A . 
F 5 HOH 193 361 139 HOH HOH A . 
F 5 HOH 194 362 140 HOH HOH A . 
F 5 HOH 195 363 141 HOH HOH A . 
F 5 HOH 196 364 142 HOH HOH A . 
F 5 HOH 197 365 143 HOH HOH A . 
F 5 HOH 198 366 144 HOH HOH A . 
F 5 HOH 199 367 145 HOH HOH A . 
F 5 HOH 200 368 146 HOH HOH A . 
F 5 HOH 201 369 147 HOH HOH A . 
F 5 HOH 202 370 148 HOH HOH A . 
F 5 HOH 203 371 149 HOH HOH A . 
F 5 HOH 204 372 150 HOH HOH A . 
F 5 HOH 205 373 151 HOH HOH A . 
F 5 HOH 206 374 152 HOH HOH A . 
F 5 HOH 207 375 153 HOH HOH A . 
F 5 HOH 208 376 154 HOH HOH A . 
F 5 HOH 209 377 155 HOH HOH A . 
F 5 HOH 210 378 156 HOH HOH A . 
F 5 HOH 211 379 157 HOH HOH A . 
F 5 HOH 212 380 158 HOH HOH A . 
F 5 HOH 213 381 159 HOH HOH A . 
F 5 HOH 214 382 160 HOH HOH A . 
F 5 HOH 215 383 161 HOH HOH A . 
F 5 HOH 216 384 162 HOH HOH A . 
F 5 HOH 217 385 163 HOH HOH A . 
F 5 HOH 218 386 164 HOH HOH A . 
F 5 HOH 219 387 165 HOH HOH A . 
F 5 HOH 220 388 166 HOH HOH A . 
F 5 HOH 221 389 167 HOH HOH A . 
F 5 HOH 222 390 168 HOH HOH A . 
# 
_pdbx_struct_assembly.id                   1 
_pdbx_struct_assembly.details              author_and_software_defined_assembly 
_pdbx_struct_assembly.method_details       PISA 
_pdbx_struct_assembly.oligomeric_details   monomeric 
_pdbx_struct_assembly.oligomeric_count     1 
# 
_pdbx_struct_assembly_gen.assembly_id       1 
_pdbx_struct_assembly_gen.oper_expression   1 
_pdbx_struct_assembly_gen.asym_id_list      A,B,C,D,E,F 
# 
_pdbx_struct_oper_list.id                   1 
_pdbx_struct_oper_list.type                 'identity operation' 
_pdbx_struct_oper_list.name                 1_555 
_pdbx_struct_oper_list.symmetry_operation   x,y,z 
_pdbx_struct_oper_list.matrix[1][1]         1.0000000000 
_pdbx_struct_oper_list.matrix[1][2]         0.0000000000 
_pdbx_struct_oper_list.matrix[1][3]         0.0000000000 
_pdbx_struct_oper_list.vector[1]            0.0000000000 
_pdbx_struct_oper_list.matrix[2][1]         0.0000000000 
_pdbx_struct_oper_list.matrix[2][2]         1.0000000000 
_pdbx_struct_oper_list.matrix[2][3]         0.0000000000 
_pdbx_struct_oper_list.vector[2]            0.0000000000 
_pdbx_struct_oper_list.matrix[3][1]         0.0000000000 
_pdbx_struct_oper_list.matrix[3][2]         0.0000000000 
_pdbx_struct_oper_list.matrix[3][3]         1.0000000000 
_pdbx_struct_oper_list.vector[3]            0.0000000000 
# 
loop_
_pdbx_audit_revision_history.ordinal 
_pdbx_audit_revision_history.data_content_type 
_pdbx_audit_revision_history.major_revision 
_pdbx_audit_revision_history.minor_revision 
_pdbx_audit_revision_history.revision_date 
1 'Structure model' 1 0 2009-11-03 
2 'Structure model' 1 1 2011-07-13 
3 'Structure model' 1 2 2017-11-01 
4 'Structure model' 1 3 2021-10-13 
5 'Structure model' 1 4 2023-09-06 
# 
_pdbx_audit_revision_details.ordinal             1 
_pdbx_audit_revision_details.revision_ordinal    1 
_pdbx_audit_revision_details.data_content_type   'Structure model' 
_pdbx_audit_revision_details.provider            repository 
_pdbx_audit_revision_details.type                'Initial release' 
_pdbx_audit_revision_details.description         ? 
_pdbx_audit_revision_details.details             ? 
# 
loop_
_pdbx_audit_revision_group.ordinal 
_pdbx_audit_revision_group.revision_ordinal 
_pdbx_audit_revision_group.data_content_type 
_pdbx_audit_revision_group.group 
1 2 'Structure model' 'Version format compliance' 
2 3 'Structure model' 'Refinement description'    
3 4 'Structure model' 'Database references'       
4 4 'Structure model' 'Derived calculations'      
5 5 'Structure model' 'Data collection'           
6 5 'Structure model' 'Refinement description'    
# 
loop_
_pdbx_audit_revision_category.ordinal 
_pdbx_audit_revision_category.revision_ordinal 
_pdbx_audit_revision_category.data_content_type 
_pdbx_audit_revision_category.category 
1 3 'Structure model' software                      
2 4 'Structure model' database_2                    
3 4 'Structure model' struct_ref_seq_dif            
4 4 'Structure model' struct_site                   
5 5 'Structure model' chem_comp_atom                
6 5 'Structure model' chem_comp_bond                
7 5 'Structure model' pdbx_initial_refinement_model 
# 
loop_
_pdbx_audit_revision_item.ordinal 
_pdbx_audit_revision_item.revision_ordinal 
_pdbx_audit_revision_item.data_content_type 
_pdbx_audit_revision_item.item 
1 4 'Structure model' '_database_2.pdbx_DOI'                
2 4 'Structure model' '_database_2.pdbx_database_accession' 
3 4 'Structure model' '_struct_ref_seq_dif.details'         
4 4 'Structure model' '_struct_site.pdbx_auth_asym_id'      
5 4 'Structure model' '_struct_site.pdbx_auth_comp_id'      
6 4 'Structure model' '_struct_site.pdbx_auth_seq_id'       
# 
loop_
_software.pdbx_ordinal 
_software.name 
_software.version 
_software.date 
_software.type 
_software.contact_author 
_software.contact_author_email 
_software.classification 
_software.location 
_software.language 
_software.citation_id 
1 DENZO       .        ?               package 'Zbyszek Otwinowski' hkl@hkl-xray.com      'data reduction'  
http://www.hkl-xray.com/                     ?          ? 
2 SCALEPACK   .        ?               package 'Zbyszek Otwinowski' hkl@hkl-xray.com      'data scaling'    
http://www.hkl-xray.com/                     ?          ? 
3 REFMAC      5.2.0019 ?               program 'Garib N. Murshudov' garib@ysbl.york.ac.uk refinement        
http://www.ccp4.ac.uk/dist/html/refmac5.html Fortran_77 ? 
4 PDB_EXTRACT 3.005    'June 11, 2008' package PDB                  help@deposit.rcsb.org 'data extraction' 
http://sw-tools.pdb.org/apps/PDB_EXTRACT/    C++        ? 
5 ADSC        Quantum  ?               ?       ?                    ?                     'data collection' ? ?          ? 
6 HKL-2000    .        ?               ?       ?                    ?                     'data reduction'  ? ?          ? 
7 HKL-2000    .        ?               ?       ?                    ?                     'data scaling'    ? ?          ? 
8 REFMAC      .        ?               ?       ?                    ?                     phasing           ? ?          ? 
# 
loop_
_pdbx_validate_close_contact.id 
_pdbx_validate_close_contact.PDB_model_num 
_pdbx_validate_close_contact.auth_atom_id_1 
_pdbx_validate_close_contact.auth_asym_id_1 
_pdbx_validate_close_contact.auth_comp_id_1 
_pdbx_validate_close_contact.auth_seq_id_1 
_pdbx_validate_close_contact.PDB_ins_code_1 
_pdbx_validate_close_contact.label_alt_id_1 
_pdbx_validate_close_contact.auth_atom_id_2 
_pdbx_validate_close_contact.auth_asym_id_2 
_pdbx_validate_close_contact.auth_comp_id_2 
_pdbx_validate_close_contact.auth_seq_id_2 
_pdbx_validate_close_contact.PDB_ins_code_2 
_pdbx_validate_close_contact.label_alt_id_2 
_pdbx_validate_close_contact.dist 
1 1 O A HOH 286 ? ? O A HOH 390 ? ? 2.05 
2 1 O A HOH 284 ? ? O A HOH 390 ? ? 2.15 
# 
_pdbx_validate_torsion.id              1 
_pdbx_validate_torsion.PDB_model_num   1 
_pdbx_validate_torsion.auth_comp_id    ILE 
_pdbx_validate_torsion.auth_asym_id    A 
_pdbx_validate_torsion.auth_seq_id     29 
_pdbx_validate_torsion.PDB_ins_code    ? 
_pdbx_validate_torsion.label_alt_id    ? 
_pdbx_validate_torsion.phi             -104.71 
_pdbx_validate_torsion.psi             73.01 
# 
loop_
_pdbx_unobs_or_zero_occ_residues.id 
_pdbx_unobs_or_zero_occ_residues.PDB_model_num 
_pdbx_unobs_or_zero_occ_residues.polymer_flag 
_pdbx_unobs_or_zero_occ_residues.occupancy_flag 
_pdbx_unobs_or_zero_occ_residues.auth_asym_id 
_pdbx_unobs_or_zero_occ_residues.auth_comp_id 
_pdbx_unobs_or_zero_occ_residues.auth_seq_id 
_pdbx_unobs_or_zero_occ_residues.PDB_ins_code 
_pdbx_unobs_or_zero_occ_residues.label_asym_id 
_pdbx_unobs_or_zero_occ_residues.label_comp_id 
_pdbx_unobs_or_zero_occ_residues.label_seq_id 
1 1 Y 1 A ASN 163 ? A ASN 163 
2 1 Y 1 A LEU 164 ? A LEU 164 
# 
loop_
_chem_comp_atom.comp_id 
_chem_comp_atom.atom_id 
_chem_comp_atom.type_symbol 
_chem_comp_atom.pdbx_aromatic_flag 
_chem_comp_atom.pdbx_stereo_config 
_chem_comp_atom.pdbx_ordinal 
ALA N    N N N 1   
ALA CA   C N S 2   
ALA C    C N N 3   
ALA O    O N N 4   
ALA CB   C N N 5   
ALA OXT  O N N 6   
ALA H    H N N 7   
ALA H2   H N N 8   
ALA HA   H N N 9   
ALA HB1  H N N 10  
ALA HB2  H N N 11  
ALA HB3  H N N 12  
ALA HXT  H N N 13  
ARG N    N N N 14  
ARG CA   C N S 15  
ARG C    C N N 16  
ARG O    O N N 17  
ARG CB   C N N 18  
ARG CG   C N N 19  
ARG CD   C N N 20  
ARG NE   N N N 21  
ARG CZ   C N N 22  
ARG NH1  N N N 23  
ARG NH2  N N N 24  
ARG OXT  O N N 25  
ARG H    H N N 26  
ARG H2   H N N 27  
ARG HA   H N N 28  
ARG HB2  H N N 29  
ARG HB3  H N N 30  
ARG HG2  H N N 31  
ARG HG3  H N N 32  
ARG HD2  H N N 33  
ARG HD3  H N N 34  
ARG HE   H N N 35  
ARG HH11 H N N 36  
ARG HH12 H N N 37  
ARG HH21 H N N 38  
ARG HH22 H N N 39  
ARG HXT  H N N 40  
ASN N    N N N 41  
ASN CA   C N S 42  
ASN C    C N N 43  
ASN O    O N N 44  
ASN CB   C N N 45  
ASN CG   C N N 46  
ASN OD1  O N N 47  
ASN ND2  N N N 48  
ASN OXT  O N N 49  
ASN H    H N N 50  
ASN H2   H N N 51  
ASN HA   H N N 52  
ASN HB2  H N N 53  
ASN HB3  H N N 54  
ASN HD21 H N N 55  
ASN HD22 H N N 56  
ASN HXT  H N N 57  
ASP N    N N N 58  
ASP CA   C N S 59  
ASP C    C N N 60  
ASP O    O N N 61  
ASP CB   C N N 62  
ASP CG   C N N 63  
ASP OD1  O N N 64  
ASP OD2  O N N 65  
ASP OXT  O N N 66  
ASP H    H N N 67  
ASP H2   H N N 68  
ASP HA   H N N 69  
ASP HB2  H N N 70  
ASP HB3  H N N 71  
ASP HD2  H N N 72  
ASP HXT  H N N 73  
BME C1   C N N 74  
BME C2   C N N 75  
BME O1   O N N 76  
BME S2   S N N 77  
BME H11  H N N 78  
BME H12  H N N 79  
BME H21  H N N 80  
BME H22  H N N 81  
BME HO1  H N N 82  
BME HS2  H N N 83  
CYS N    N N N 84  
CYS CA   C N R 85  
CYS C    C N N 86  
CYS O    O N N 87  
CYS CB   C N N 88  
CYS SG   S N N 89  
CYS OXT  O N N 90  
CYS H    H N N 91  
CYS H2   H N N 92  
CYS HA   H N N 93  
CYS HB2  H N N 94  
CYS HB3  H N N 95  
CYS HG   H N N 96  
CYS HXT  H N N 97  
GLN N    N N N 98  
GLN CA   C N S 99  
GLN C    C N N 100 
GLN O    O N N 101 
GLN CB   C N N 102 
GLN CG   C N N 103 
GLN CD   C N N 104 
GLN OE1  O N N 105 
GLN NE2  N N N 106 
GLN OXT  O N N 107 
GLN H    H N N 108 
GLN H2   H N N 109 
GLN HA   H N N 110 
GLN HB2  H N N 111 
GLN HB3  H N N 112 
GLN HG2  H N N 113 
GLN HG3  H N N 114 
GLN HE21 H N N 115 
GLN HE22 H N N 116 
GLN HXT  H N N 117 
GLU N    N N N 118 
GLU CA   C N S 119 
GLU C    C N N 120 
GLU O    O N N 121 
GLU CB   C N N 122 
GLU CG   C N N 123 
GLU CD   C N N 124 
GLU OE1  O N N 125 
GLU OE2  O N N 126 
GLU OXT  O N N 127 
GLU H    H N N 128 
GLU H2   H N N 129 
GLU HA   H N N 130 
GLU HB2  H N N 131 
GLU HB3  H N N 132 
GLU HG2  H N N 133 
GLU HG3  H N N 134 
GLU HE2  H N N 135 
GLU HXT  H N N 136 
GLY N    N N N 137 
GLY CA   C N N 138 
GLY C    C N N 139 
GLY O    O N N 140 
GLY OXT  O N N 141 
GLY H    H N N 142 
GLY H2   H N N 143 
GLY HA2  H N N 144 
GLY HA3  H N N 145 
GLY HXT  H N N 146 
HIS N    N N N 147 
HIS CA   C N S 148 
HIS C    C N N 149 
HIS O    O N N 150 
HIS CB   C N N 151 
HIS CG   C Y N 152 
HIS ND1  N Y N 153 
HIS CD2  C Y N 154 
HIS CE1  C Y N 155 
HIS NE2  N Y N 156 
HIS OXT  O N N 157 
HIS H    H N N 158 
HIS H2   H N N 159 
HIS HA   H N N 160 
HIS HB2  H N N 161 
HIS HB3  H N N 162 
HIS HD1  H N N 163 
HIS HD2  H N N 164 
HIS HE1  H N N 165 
HIS HE2  H N N 166 
HIS HXT  H N N 167 
HOH O    O N N 168 
HOH H1   H N N 169 
HOH H2   H N N 170 
ILE N    N N N 171 
ILE CA   C N S 172 
ILE C    C N N 173 
ILE O    O N N 174 
ILE CB   C N S 175 
ILE CG1  C N N 176 
ILE CG2  C N N 177 
ILE CD1  C N N 178 
ILE OXT  O N N 179 
ILE H    H N N 180 
ILE H2   H N N 181 
ILE HA   H N N 182 
ILE HB   H N N 183 
ILE HG12 H N N 184 
ILE HG13 H N N 185 
ILE HG21 H N N 186 
ILE HG22 H N N 187 
ILE HG23 H N N 188 
ILE HD11 H N N 189 
ILE HD12 H N N 190 
ILE HD13 H N N 191 
ILE HXT  H N N 192 
JZ1 C7   C Y N 193 
JZ1 C8   C Y N 194 
JZ1 C9   C Y N 195 
JZ1 C10  C Y N 196 
JZ1 C11  C Y N 197 
JZ1 C12  C Y N 198 
JZ1 C13  C N N 199 
JZ1 C14  C N N 200 
JZ1 OAB  O N N 201 
JZ1 H7   H N N 202 
JZ1 H8   H N N 203 
JZ1 H9   H N N 204 
JZ1 H11  H N N 205 
JZ1 H13  H N N 206 
JZ1 H13A H N N 207 
JZ1 H14  H N N 208 
JZ1 H14A H N N 209 
JZ1 H14B H N N 210 
JZ1 HOAB H N N 211 
LEU N    N N N 212 
LEU CA   C N S 213 
LEU C    C N N 214 
LEU O    O N N 215 
LEU CB   C N N 216 
LEU CG   C N N 217 
LEU CD1  C N N 218 
LEU CD2  C N N 219 
LEU OXT  O N N 220 
LEU H    H N N 221 
LEU H2   H N N 222 
LEU HA   H N N 223 
LEU HB2  H N N 224 
LEU HB3  H N N 225 
LEU HG   H N N 226 
LEU HD11 H N N 227 
LEU HD12 H N N 228 
LEU HD13 H N N 229 
LEU HD21 H N N 230 
LEU HD22 H N N 231 
LEU HD23 H N N 232 
LEU HXT  H N N 233 
LYS N    N N N 234 
LYS CA   C N S 235 
LYS C    C N N 236 
LYS O    O N N 237 
LYS CB   C N N 238 
LYS CG   C N N 239 
LYS CD   C N N 240 
LYS CE   C N N 241 
LYS NZ   N N N 242 
LYS OXT  O N N 243 
LYS H    H N N 244 
LYS H2   H N N 245 
LYS HA   H N N 246 
LYS HB2  H N N 247 
LYS HB3  H N N 248 
LYS HG2  H N N 249 
LYS HG3  H N N 250 
LYS HD2  H N N 251 
LYS HD3  H N N 252 
LYS HE2  H N N 253 
LYS HE3  H N N 254 
LYS HZ1  H N N 255 
LYS HZ2  H N N 256 
LYS HZ3  H N N 257 
LYS HXT  H N N 258 
MET N    N N N 259 
MET CA   C N S 260 
MET C    C N N 261 
MET O    O N N 262 
MET CB   C N N 263 
MET CG   C N N 264 
MET SD   S N N 265 
MET CE   C N N 266 
MET OXT  O N N 267 
MET H    H N N 268 
MET H2   H N N 269 
MET HA   H N N 270 
MET HB2  H N N 271 
MET HB3  H N N 272 
MET HG2  H N N 273 
MET HG3  H N N 274 
MET HE1  H N N 275 
MET HE2  H N N 276 
MET HE3  H N N 277 
MET HXT  H N N 278 
PHE N    N N N 279 
PHE CA   C N S 280 
PHE C    C N N 281 
PHE O    O N N 282 
PHE CB   C N N 283 
PHE CG   C Y N 284 
PHE CD1  C Y N 285 
PHE CD2  C Y N 286 
PHE CE1  C Y N 287 
PHE CE2  C Y N 288 
PHE CZ   C Y N 289 
PHE OXT  O N N 290 
PHE H    H N N 291 
PHE H2   H N N 292 
PHE HA   H N N 293 
PHE HB2  H N N 294 
PHE HB3  H N N 295 
PHE HD1  H N N 296 
PHE HD2  H N N 297 
PHE HE1  H N N 298 
PHE HE2  H N N 299 
PHE HZ   H N N 300 
PHE HXT  H N N 301 
PO4 P    P N N 302 
PO4 O1   O N N 303 
PO4 O2   O N N 304 
PO4 O3   O N N 305 
PO4 O4   O N N 306 
PRO N    N N N 307 
PRO CA   C N S 308 
PRO C    C N N 309 
PRO O    O N N 310 
PRO CB   C N N 311 
PRO CG   C N N 312 
PRO CD   C N N 313 
PRO OXT  O N N 314 
PRO H    H N N 315 
PRO HA   H N N 316 
PRO HB2  H N N 317 
PRO HB3  H N N 318 
PRO HG2  H N N 319 
PRO HG3  H N N 320 
PRO HD2  H N N 321 
PRO HD3  H N N 322 
PRO HXT  H N N 323 
SER N    N N N 324 
SER CA   C N S 325 
SER C    C N N 326 
SER O    O N N 327 
SER CB   C N N 328 
SER OG   O N N 329 
SER OXT  O N N 330 
SER H    H N N 331 
SER H2   H N N 332 
SER HA   H N N 333 
SER HB2  H N N 334 
SER HB3  H N N 335 
SER HG   H N N 336 
SER HXT  H N N 337 
THR N    N N N 338 
THR CA   C N S 339 
THR C    C N N 340 
THR O    O N N 341 
THR CB   C N R 342 
THR OG1  O N N 343 
THR CG2  C N N 344 
THR OXT  O N N 345 
THR H    H N N 346 
THR H2   H N N 347 
THR HA   H N N 348 
THR HB   H N N 349 
THR HG1  H N N 350 
THR HG21 H N N 351 
THR HG22 H N N 352 
THR HG23 H N N 353 
THR HXT  H N N 354 
TRP N    N N N 355 
TRP CA   C N S 356 
TRP C    C N N 357 
TRP O    O N N 358 
TRP CB   C N N 359 
TRP CG   C Y N 360 
TRP CD1  C Y N 361 
TRP CD2  C Y N 362 
TRP NE1  N Y N 363 
TRP CE2  C Y N 364 
TRP CE3  C Y N 365 
TRP CZ2  C Y N 366 
TRP CZ3  C Y N 367 
TRP CH2  C Y N 368 
TRP OXT  O N N 369 
TRP H    H N N 370 
TRP H2   H N N 371 
TRP HA   H N N 372 
TRP HB2  H N N 373 
TRP HB3  H N N 374 
TRP HD1  H N N 375 
TRP HE1  H N N 376 
TRP HE3  H N N 377 
TRP HZ2  H N N 378 
TRP HZ3  H N N 379 
TRP HH2  H N N 380 
TRP HXT  H N N 381 
TYR N    N N N 382 
TYR CA   C N S 383 
TYR C    C N N 384 
TYR O    O N N 385 
TYR CB   C N N 386 
TYR CG   C Y N 387 
TYR CD1  C Y N 388 
TYR CD2  C Y N 389 
TYR CE1  C Y N 390 
TYR CE2  C Y N 391 
TYR CZ   C Y N 392 
TYR OH   O N N 393 
TYR OXT  O N N 394 
TYR H    H N N 395 
TYR H2   H N N 396 
TYR HA   H N N 397 
TYR HB2  H N N 398 
TYR HB3  H N N 399 
TYR HD1  H N N 400 
TYR HD2  H N N 401 
TYR HE1  H N N 402 
TYR HE2  H N N 403 
TYR HH   H N N 404 
TYR HXT  H N N 405 
VAL N    N N N 406 
VAL CA   C N S 407 
VAL C    C N N 408 
VAL O    O N N 409 
VAL CB   C N N 410 
VAL CG1  C N N 411 
VAL CG2  C N N 412 
VAL OXT  O N N 413 
VAL H    H N N 414 
VAL H2   H N N 415 
VAL HA   H N N 416 
VAL HB   H N N 417 
VAL HG11 H N N 418 
VAL HG12 H N N 419 
VAL HG13 H N N 420 
VAL HG21 H N N 421 
VAL HG22 H N N 422 
VAL HG23 H N N 423 
VAL HXT  H N N 424 
# 
loop_
_chem_comp_bond.comp_id 
_chem_comp_bond.atom_id_1 
_chem_comp_bond.atom_id_2 
_chem_comp_bond.value_order 
_chem_comp_bond.pdbx_aromatic_flag 
_chem_comp_bond.pdbx_stereo_config 
_chem_comp_bond.pdbx_ordinal 
ALA N   CA   sing N N 1   
ALA N   H    sing N N 2   
ALA N   H2   sing N N 3   
ALA CA  C    sing N N 4   
ALA CA  CB   sing N N 5   
ALA CA  HA   sing N N 6   
ALA C   O    doub N N 7   
ALA C   OXT  sing N N 8   
ALA CB  HB1  sing N N 9   
ALA CB  HB2  sing N N 10  
ALA CB  HB3  sing N N 11  
ALA OXT HXT  sing N N 12  
ARG N   CA   sing N N 13  
ARG N   H    sing N N 14  
ARG N   H2   sing N N 15  
ARG CA  C    sing N N 16  
ARG CA  CB   sing N N 17  
ARG CA  HA   sing N N 18  
ARG C   O    doub N N 19  
ARG C   OXT  sing N N 20  
ARG CB  CG   sing N N 21  
ARG CB  HB2  sing N N 22  
ARG CB  HB3  sing N N 23  
ARG CG  CD   sing N N 24  
ARG CG  HG2  sing N N 25  
ARG CG  HG3  sing N N 26  
ARG CD  NE   sing N N 27  
ARG CD  HD2  sing N N 28  
ARG CD  HD3  sing N N 29  
ARG NE  CZ   sing N N 30  
ARG NE  HE   sing N N 31  
ARG CZ  NH1  sing N N 32  
ARG CZ  NH2  doub N N 33  
ARG NH1 HH11 sing N N 34  
ARG NH1 HH12 sing N N 35  
ARG NH2 HH21 sing N N 36  
ARG NH2 HH22 sing N N 37  
ARG OXT HXT  sing N N 38  
ASN N   CA   sing N N 39  
ASN N   H    sing N N 40  
ASN N   H2   sing N N 41  
ASN CA  C    sing N N 42  
ASN CA  CB   sing N N 43  
ASN CA  HA   sing N N 44  
ASN C   O    doub N N 45  
ASN C   OXT  sing N N 46  
ASN CB  CG   sing N N 47  
ASN CB  HB2  sing N N 48  
ASN CB  HB3  sing N N 49  
ASN CG  OD1  doub N N 50  
ASN CG  ND2  sing N N 51  
ASN ND2 HD21 sing N N 52  
ASN ND2 HD22 sing N N 53  
ASN OXT HXT  sing N N 54  
ASP N   CA   sing N N 55  
ASP N   H    sing N N 56  
ASP N   H2   sing N N 57  
ASP CA  C    sing N N 58  
ASP CA  CB   sing N N 59  
ASP CA  HA   sing N N 60  
ASP C   O    doub N N 61  
ASP C   OXT  sing N N 62  
ASP CB  CG   sing N N 63  
ASP CB  HB2  sing N N 64  
ASP CB  HB3  sing N N 65  
ASP CG  OD1  doub N N 66  
ASP CG  OD2  sing N N 67  
ASP OD2 HD2  sing N N 68  
ASP OXT HXT  sing N N 69  
BME C1  C2   sing N N 70  
BME C1  O1   sing N N 71  
BME C1  H11  sing N N 72  
BME C1  H12  sing N N 73  
BME C2  S2   sing N N 74  
BME C2  H21  sing N N 75  
BME C2  H22  sing N N 76  
BME O1  HO1  sing N N 77  
BME S2  HS2  sing N N 78  
CYS N   CA   sing N N 79  
CYS N   H    sing N N 80  
CYS N   H2   sing N N 81  
CYS CA  C    sing N N 82  
CYS CA  CB   sing N N 83  
CYS CA  HA   sing N N 84  
CYS C   O    doub N N 85  
CYS C   OXT  sing N N 86  
CYS CB  SG   sing N N 87  
CYS CB  HB2  sing N N 88  
CYS CB  HB3  sing N N 89  
CYS SG  HG   sing N N 90  
CYS OXT HXT  sing N N 91  
GLN N   CA   sing N N 92  
GLN N   H    sing N N 93  
GLN N   H2   sing N N 94  
GLN CA  C    sing N N 95  
GLN CA  CB   sing N N 96  
GLN CA  HA   sing N N 97  
GLN C   O    doub N N 98  
GLN C   OXT  sing N N 99  
GLN CB  CG   sing N N 100 
GLN CB  HB2  sing N N 101 
GLN CB  HB3  sing N N 102 
GLN CG  CD   sing N N 103 
GLN CG  HG2  sing N N 104 
GLN CG  HG3  sing N N 105 
GLN CD  OE1  doub N N 106 
GLN CD  NE2  sing N N 107 
GLN NE2 HE21 sing N N 108 
GLN NE2 HE22 sing N N 109 
GLN OXT HXT  sing N N 110 
GLU N   CA   sing N N 111 
GLU N   H    sing N N 112 
GLU N   H2   sing N N 113 
GLU CA  C    sing N N 114 
GLU CA  CB   sing N N 115 
GLU CA  HA   sing N N 116 
GLU C   O    doub N N 117 
GLU C   OXT  sing N N 118 
GLU CB  CG   sing N N 119 
GLU CB  HB2  sing N N 120 
GLU CB  HB3  sing N N 121 
GLU CG  CD   sing N N 122 
GLU CG  HG2  sing N N 123 
GLU CG  HG3  sing N N 124 
GLU CD  OE1  doub N N 125 
GLU CD  OE2  sing N N 126 
GLU OE2 HE2  sing N N 127 
GLU OXT HXT  sing N N 128 
GLY N   CA   sing N N 129 
GLY N   H    sing N N 130 
GLY N   H2   sing N N 131 
GLY CA  C    sing N N 132 
GLY CA  HA2  sing N N 133 
GLY CA  HA3  sing N N 134 
GLY C   O    doub N N 135 
GLY C   OXT  sing N N 136 
GLY OXT HXT  sing N N 137 
HIS N   CA   sing N N 138 
HIS N   H    sing N N 139 
HIS N   H2   sing N N 140 
HIS CA  C    sing N N 141 
HIS CA  CB   sing N N 142 
HIS CA  HA   sing N N 143 
HIS C   O    doub N N 144 
HIS C   OXT  sing N N 145 
HIS CB  CG   sing N N 146 
HIS CB  HB2  sing N N 147 
HIS CB  HB3  sing N N 148 
HIS CG  ND1  sing Y N 149 
HIS CG  CD2  doub Y N 150 
HIS ND1 CE1  doub Y N 151 
HIS ND1 HD1  sing N N 152 
HIS CD2 NE2  sing Y N 153 
HIS CD2 HD2  sing N N 154 
HIS CE1 NE2  sing Y N 155 
HIS CE1 HE1  sing N N 156 
HIS NE2 HE2  sing N N 157 
HIS OXT HXT  sing N N 158 
HOH O   H1   sing N N 159 
HOH O   H2   sing N N 160 
ILE N   CA   sing N N 161 
ILE N   H    sing N N 162 
ILE N   H2   sing N N 163 
ILE CA  C    sing N N 164 
ILE CA  CB   sing N N 165 
ILE CA  HA   sing N N 166 
ILE C   O    doub N N 167 
ILE C   OXT  sing N N 168 
ILE CB  CG1  sing N N 169 
ILE CB  CG2  sing N N 170 
ILE CB  HB   sing N N 171 
ILE CG1 CD1  sing N N 172 
ILE CG1 HG12 sing N N 173 
ILE CG1 HG13 sing N N 174 
ILE CG2 HG21 sing N N 175 
ILE CG2 HG22 sing N N 176 
ILE CG2 HG23 sing N N 177 
ILE CD1 HD11 sing N N 178 
ILE CD1 HD12 sing N N 179 
ILE CD1 HD13 sing N N 180 
ILE OXT HXT  sing N N 181 
JZ1 C7  C8   doub Y N 182 
JZ1 C7  C11  sing Y N 183 
JZ1 C8  C9   sing Y N 184 
JZ1 C9  C10  doub Y N 185 
JZ1 C10 C12  sing Y N 186 
JZ1 C10 OAB  sing N N 187 
JZ1 C11 C12  doub Y N 188 
JZ1 C12 C13  sing N N 189 
JZ1 C13 C14  sing N N 190 
JZ1 C7  H7   sing N N 191 
JZ1 C8  H8   sing N N 192 
JZ1 C9  H9   sing N N 193 
JZ1 C11 H11  sing N N 194 
JZ1 C13 H13  sing N N 195 
JZ1 C13 H13A sing N N 196 
JZ1 C14 H14  sing N N 197 
JZ1 C14 H14A sing N N 198 
JZ1 C14 H14B sing N N 199 
JZ1 OAB HOAB sing N N 200 
LEU N   CA   sing N N 201 
LEU N   H    sing N N 202 
LEU N   H2   sing N N 203 
LEU CA  C    sing N N 204 
LEU CA  CB   sing N N 205 
LEU CA  HA   sing N N 206 
LEU C   O    doub N N 207 
LEU C   OXT  sing N N 208 
LEU CB  CG   sing N N 209 
LEU CB  HB2  sing N N 210 
LEU CB  HB3  sing N N 211 
LEU CG  CD1  sing N N 212 
LEU CG  CD2  sing N N 213 
LEU CG  HG   sing N N 214 
LEU CD1 HD11 sing N N 215 
LEU CD1 HD12 sing N N 216 
LEU CD1 HD13 sing N N 217 
LEU CD2 HD21 sing N N 218 
LEU CD2 HD22 sing N N 219 
LEU CD2 HD23 sing N N 220 
LEU OXT HXT  sing N N 221 
LYS N   CA   sing N N 222 
LYS N   H    sing N N 223 
LYS N   H2   sing N N 224 
LYS CA  C    sing N N 225 
LYS CA  CB   sing N N 226 
LYS CA  HA   sing N N 227 
LYS C   O    doub N N 228 
LYS C   OXT  sing N N 229 
LYS CB  CG   sing N N 230 
LYS CB  HB2  sing N N 231 
LYS CB  HB3  sing N N 232 
LYS CG  CD   sing N N 233 
LYS CG  HG2  sing N N 234 
LYS CG  HG3  sing N N 235 
LYS CD  CE   sing N N 236 
LYS CD  HD2  sing N N 237 
LYS CD  HD3  sing N N 238 
LYS CE  NZ   sing N N 239 
LYS CE  HE2  sing N N 240 
LYS CE  HE3  sing N N 241 
LYS NZ  HZ1  sing N N 242 
LYS NZ  HZ2  sing N N 243 
LYS NZ  HZ3  sing N N 244 
LYS OXT HXT  sing N N 245 
MET N   CA   sing N N 246 
MET N   H    sing N N 247 
MET N   H2   sing N N 248 
MET CA  C    sing N N 249 
MET CA  CB   sing N N 250 
MET CA  HA   sing N N 251 
MET C   O    doub N N 252 
MET C   OXT  sing N N 253 
MET CB  CG   sing N N 254 
MET CB  HB2  sing N N 255 
MET CB  HB3  sing N N 256 
MET CG  SD   sing N N 257 
MET CG  HG2  sing N N 258 
MET CG  HG3  sing N N 259 
MET SD  CE   sing N N 260 
MET CE  HE1  sing N N 261 
MET CE  HE2  sing N N 262 
MET CE  HE3  sing N N 263 
MET OXT HXT  sing N N 264 
PHE N   CA   sing N N 265 
PHE N   H    sing N N 266 
PHE N   H2   sing N N 267 
PHE CA  C    sing N N 268 
PHE CA  CB   sing N N 269 
PHE CA  HA   sing N N 270 
PHE C   O    doub N N 271 
PHE C   OXT  sing N N 272 
PHE CB  CG   sing N N 273 
PHE CB  HB2  sing N N 274 
PHE CB  HB3  sing N N 275 
PHE CG  CD1  doub Y N 276 
PHE CG  CD2  sing Y N 277 
PHE CD1 CE1  sing Y N 278 
PHE CD1 HD1  sing N N 279 
PHE CD2 CE2  doub Y N 280 
PHE CD2 HD2  sing N N 281 
PHE CE1 CZ   doub Y N 282 
PHE CE1 HE1  sing N N 283 
PHE CE2 CZ   sing Y N 284 
PHE CE2 HE2  sing N N 285 
PHE CZ  HZ   sing N N 286 
PHE OXT HXT  sing N N 287 
PO4 P   O1   doub N N 288 
PO4 P   O2   sing N N 289 
PO4 P   O3   sing N N 290 
PO4 P   O4   sing N N 291 
PRO N   CA   sing N N 292 
PRO N   CD   sing N N 293 
PRO N   H    sing N N 294 
PRO CA  C    sing N N 295 
PRO CA  CB   sing N N 296 
PRO CA  HA   sing N N 297 
PRO C   O    doub N N 298 
PRO C   OXT  sing N N 299 
PRO CB  CG   sing N N 300 
PRO CB  HB2  sing N N 301 
PRO CB  HB3  sing N N 302 
PRO CG  CD   sing N N 303 
PRO CG  HG2  sing N N 304 
PRO CG  HG3  sing N N 305 
PRO CD  HD2  sing N N 306 
PRO CD  HD3  sing N N 307 
PRO OXT HXT  sing N N 308 
SER N   CA   sing N N 309 
SER N   H    sing N N 310 
SER N   H2   sing N N 311 
SER CA  C    sing N N 312 
SER CA  CB   sing N N 313 
SER CA  HA   sing N N 314 
SER C   O    doub N N 315 
SER C   OXT  sing N N 316 
SER CB  OG   sing N N 317 
SER CB  HB2  sing N N 318 
SER CB  HB3  sing N N 319 
SER OG  HG   sing N N 320 
SER OXT HXT  sing N N 321 
THR N   CA   sing N N 322 
THR N   H    sing N N 323 
THR N   H2   sing N N 324 
THR CA  C    sing N N 325 
THR CA  CB   sing N N 326 
THR CA  HA   sing N N 327 
THR C   O    doub N N 328 
THR C   OXT  sing N N 329 
THR CB  OG1  sing N N 330 
THR CB  CG2  sing N N 331 
THR CB  HB   sing N N 332 
THR OG1 HG1  sing N N 333 
THR CG2 HG21 sing N N 334 
THR CG2 HG22 sing N N 335 
THR CG2 HG23 sing N N 336 
THR OXT HXT  sing N N 337 
TRP N   CA   sing N N 338 
TRP N   H    sing N N 339 
TRP N   H2   sing N N 340 
TRP CA  C    sing N N 341 
TRP CA  CB   sing N N 342 
TRP CA  HA   sing N N 343 
TRP C   O    doub N N 344 
TRP C   OXT  sing N N 345 
TRP CB  CG   sing N N 346 
TRP CB  HB2  sing N N 347 
TRP CB  HB3  sing N N 348 
TRP CG  CD1  doub Y N 349 
TRP CG  CD2  sing Y N 350 
TRP CD1 NE1  sing Y N 351 
TRP CD1 HD1  sing N N 352 
TRP CD2 CE2  doub Y N 353 
TRP CD2 CE3  sing Y N 354 
TRP NE1 CE2  sing Y N 355 
TRP NE1 HE1  sing N N 356 
TRP CE2 CZ2  sing Y N 357 
TRP CE3 CZ3  doub Y N 358 
TRP CE3 HE3  sing N N 359 
TRP CZ2 CH2  doub Y N 360 
TRP CZ2 HZ2  sing N N 361 
TRP CZ3 CH2  sing Y N 362 
TRP CZ3 HZ3  sing N N 363 
TRP CH2 HH2  sing N N 364 
TRP OXT HXT  sing N N 365 
TYR N   CA   sing N N 366 
TYR N   H    sing N N 367 
TYR N   H2   sing N N 368 
TYR CA  C    sing N N 369 
TYR CA  CB   sing N N 370 
TYR CA  HA   sing N N 371 
TYR C   O    doub N N 372 
TYR C   OXT  sing N N 373 
TYR CB  CG   sing N N 374 
TYR CB  HB2  sing N N 375 
TYR CB  HB3  sing N N 376 
TYR CG  CD1  doub Y N 377 
TYR CG  CD2  sing Y N 378 
TYR CD1 CE1  sing Y N 379 
TYR CD1 HD1  sing N N 380 
TYR CD2 CE2  doub Y N 381 
TYR CD2 HD2  sing N N 382 
TYR CE1 CZ   doub Y N 383 
TYR CE1 HE1  sing N N 384 
TYR CE2 CZ   sing Y N 385 
TYR CE2 HE2  sing N N 386 
TYR CZ  OH   sing N N 387 
TYR OH  HH   sing N N 388 
TYR OXT HXT  sing N N 389 
VAL N   CA   sing N N 390 
VAL N   H    sing N N 391 
VAL N   H2   sing N N 392 
VAL CA  C    sing N N 393 
VAL CA  CB   sing N N 394 
VAL CA  HA   sing N N 395 
VAL C   O    doub N N 396 
VAL C   OXT  sing N N 397 
VAL CB  CG1  sing N N 398 
VAL CB  CG2  sing N N 399 
VAL CB  HB   sing N N 400 
VAL CG1 HG11 sing N N 401 
VAL CG1 HG12 sing N N 402 
VAL CG1 HG13 sing N N 403 
VAL CG2 HG21 sing N N 404 
VAL CG2 HG22 sing N N 405 
VAL CG2 HG23 sing N N 406 
VAL OXT HXT  sing N N 407 
# 
loop_
_pdbx_entity_nonpoly.entity_id 
_pdbx_entity_nonpoly.name 
_pdbx_entity_nonpoly.comp_id 
2 'PHOSPHATE ION'      PO4 
3 2-ethylphenol        JZ1 
4 BETA-MERCAPTOETHANOL BME 
5 water                HOH 
# 
_pdbx_initial_refinement_model.id               1 
_pdbx_initial_refinement_model.entity_id_list   ? 
_pdbx_initial_refinement_model.type             'experimental model' 
_pdbx_initial_refinement_model.source_name      PDB 
_pdbx_initial_refinement_model.accession_code   1LGU 
_pdbx_initial_refinement_model.details          'PDB Entry 1LGU' 
# 
